data_4LGL
#
_entry.id   4LGL
#
_cell.length_a   96.299
_cell.length_b   135.814
_cell.length_c   179.080
_cell.angle_alpha   90.00
_cell.angle_beta   90.00
_cell.angle_gamma   90.00
#
_symmetry.space_group_name_H-M   'P 21 21 21'
#
loop_
_entity.id
_entity.type
_entity.pdbx_description
1 polymer 'Glycine dehydrogenase [decarboxylating]'
2 non-polymer 2-AMINO-2-HYDROXYMETHYL-PROPANE-1,3-DIOL
3 non-polymer 'CHLORIDE ION'
4 water water
#
_entity_poly.entity_id   1
_entity_poly.type   'polypeptide(L)'
_entity_poly.pdbx_seq_one_letter_code
;MPNLEPAVVVPTSEAIAVDLTKLEEKLAPADSFLDRHLGPGETEQRQMLQTLGFDTLGDLIDQAVPPAIRFPRSLQLPAS
QSEYGAIAQLKSIASKNQVFRSYIGMGYYDTITPPVIQRNILENPGWYTAYTPYQAEIAQGRLEALLNFQTMVMDLTGLE
IANASLLDEGTAAAEAMALSYGVSKSKANAFFVAQDCHPQTIEVIKTRANPLGIEVIVGDHHTFSFSTSIFGALLQYPAT
DGAVYDYRSFIDKAHQHQALVTLAADPLSLTLLTPPGELGADIAVGSTQRFGIPLGYGGPHAAYFATKAEYQRKMPGRIV
GVSKDAHGNPALRLALQTREQHIRRDKATSNICTAQVLLAVMASMYGVYHGSTGLKNIALRIHQLTVLLAIGLKRLNYSL
NNDYFFDTLRVGVGEQSAPAILKAAEGRGINLRPLVPGEVGISLDETVTVQDLLDLWQVFAGKDNLPFTPEELWSEVKTS
FPADLTRQSLYLQDAVFNQYHSETELLRYLHQLESKDLALNTSMIPLGSCTMKLNATAEMMPVTWPEFGKIHPFAPAGQT
EGYQILFAQLEAWLGEITGFDAISLQPNAGSQGEYAGLQVIRQYHLSRGEEQRNICLIPESAHGTNPASAVMCGMQVVPV
K(CME)DGEGNIDVEDLTSKAEKYGDRLAALMVTYPSTHGVFEATIGTICDIVHRFGGEVYMDGANMNAQVGLCRPADFG
ADVCHLNLHKTFCIPHGGGGPGMGPIGVKSHLQAFLPRTSLNSTAELQAEDQSIGMISAAPYGSASILVISWMYIAMMGP
QGLTKATEVAILSANYMAKRLENYYPILFRGNNELVAHECILDLRPLKKQAAIEVEDVAKRLMDFGFHAPTVSWPVLGTM
MVEPTESESLGELDRFCDAMIAIYQEAQAITHGEIDPADNPLKNAPHTAQSLICGEWNHPYSQEEAAYPAPWTKQFKFWP
AVGRINNTYGDRHLVCS(CME)EGMEAYKEG
;
_entity_poly.pdbx_strand_id   A,B
#
loop_
_chem_comp.id
_chem_comp.type
_chem_comp.name
_chem_comp.formula
CL non-polymer 'CHLORIDE ION' 'Cl -1'
TRS non-polymer 2-AMINO-2-HYDROXYMETHYL-PROPANE-1,3-DIOL 'C4 H12 N O3 1'
#
# COMPACT_ATOMS: atom_id res chain seq x y z
N LEU A 20 -10.40 -25.25 26.75
CA LEU A 20 -9.97 -24.55 25.54
C LEU A 20 -8.61 -23.90 25.70
N THR A 21 -8.52 -22.97 26.65
CA THR A 21 -7.28 -22.25 26.91
C THR A 21 -6.16 -23.22 27.21
N LYS A 22 -6.43 -24.15 28.13
CA LYS A 22 -5.45 -25.17 28.48
C LYS A 22 -5.28 -26.20 27.36
N LEU A 23 -6.31 -26.40 26.55
CA LEU A 23 -6.17 -27.24 25.37
C LEU A 23 -5.24 -26.58 24.34
N GLU A 24 -5.50 -25.30 24.07
CA GLU A 24 -4.76 -24.57 23.04
C GLU A 24 -3.29 -24.39 23.42
N GLU A 25 -3.01 -24.37 24.73
CA GLU A 25 -1.63 -24.23 25.21
C GLU A 25 -0.79 -25.45 24.88
N LYS A 26 -1.45 -26.57 24.60
CA LYS A 26 -0.80 -27.84 24.31
C LYS A 26 -0.42 -28.00 22.84
N LEU A 27 -1.02 -27.18 21.99
CA LEU A 27 -0.82 -27.25 20.55
C LEU A 27 0.51 -26.63 20.15
N ALA A 28 1.05 -27.09 19.01
CA ALA A 28 2.24 -26.49 18.42
C ALA A 28 2.06 -24.98 18.38
N PRO A 29 3.14 -24.23 18.70
CA PRO A 29 3.08 -22.76 18.81
C PRO A 29 2.56 -22.11 17.53
N ALA A 30 1.71 -21.09 17.67
CA ALA A 30 1.25 -20.30 16.52
C ALA A 30 2.14 -19.07 16.34
N ASP A 31 2.07 -18.47 15.15
CA ASP A 31 2.73 -17.20 14.83
C ASP A 31 2.44 -16.18 15.94
N SER A 32 3.48 -15.68 16.59
CA SER A 32 3.36 -14.78 17.73
C SER A 32 3.75 -13.36 17.35
N PHE A 33 2.86 -12.39 17.57
CA PHE A 33 3.17 -11.02 17.18
C PHE A 33 4.39 -10.45 17.89
N LEU A 34 4.58 -10.87 19.14
CA LEU A 34 5.74 -10.44 19.93
C LEU A 34 7.02 -10.72 19.17
N ASP A 35 7.13 -11.94 18.60
CA ASP A 35 8.31 -12.33 17.82
C ASP A 35 8.50 -11.44 16.58
N ARG A 36 7.39 -11.02 15.95
CA ARG A 36 7.47 -10.18 14.76
C ARG A 36 7.85 -8.76 15.13
N HIS A 37 7.42 -8.33 16.30
CA HIS A 37 7.67 -6.97 16.78
C HIS A 37 9.11 -6.81 17.29
N LEU A 38 9.61 -7.81 18.03
CA LEU A 38 10.98 -7.78 18.53
C LEU A 38 11.99 -8.05 17.40
N GLY A 39 12.95 -7.14 17.22
CA GLY A 39 14.07 -7.38 16.34
C GLY A 39 14.91 -8.58 16.76
N PRO A 40 15.46 -8.55 17.99
CA PRO A 40 16.32 -9.67 18.41
C PRO A 40 15.51 -10.90 18.84
N GLY A 41 15.80 -12.06 18.24
CA GLY A 41 15.19 -13.30 18.67
C GLY A 41 15.88 -13.81 19.93
N GLU A 42 15.49 -15.00 20.39
CA GLU A 42 16.06 -15.56 21.61
C GLU A 42 17.57 -15.76 21.48
N THR A 43 17.98 -16.28 20.33
CA THR A 43 19.38 -16.52 20.04
C THR A 43 20.20 -15.24 20.10
N GLU A 44 19.71 -14.22 19.41
CA GLU A 44 20.34 -12.90 19.42
C GLU A 44 20.37 -12.26 20.80
N GLN A 45 19.29 -12.38 21.55
CA GLN A 45 19.28 -11.88 22.92
C GLN A 45 20.34 -12.55 23.76
N ARG A 46 20.53 -13.85 23.57
CA ARG A 46 21.52 -14.55 24.38
C ARG A 46 22.92 -14.06 24.04
N GLN A 47 23.15 -13.77 22.76
CA GLN A 47 24.43 -13.23 22.31
C GLN A 47 24.69 -11.89 22.98
N MET A 48 23.71 -11.01 22.93
CA MET A 48 23.82 -9.67 23.50
C MET A 48 24.05 -9.70 25.01
N LEU A 49 23.36 -10.59 25.72
CA LEU A 49 23.53 -10.71 27.17
C LEU A 49 24.95 -11.14 27.50
N GLN A 50 25.45 -12.09 26.72
CA GLN A 50 26.80 -12.60 26.90
C GLN A 50 27.85 -11.49 26.76
N THR A 51 27.66 -10.59 25.79
CA THR A 51 28.59 -9.47 25.67
C THR A 51 28.48 -8.54 26.88
N LEU A 52 27.29 -8.48 27.47
CA LEU A 52 27.03 -7.63 28.64
C LEU A 52 27.46 -8.30 29.95
N GLY A 53 27.53 -9.63 29.94
CA GLY A 53 27.96 -10.38 31.11
C GLY A 53 26.82 -10.81 32.01
N PHE A 54 25.64 -11.01 31.44
CA PHE A 54 24.48 -11.50 32.19
C PHE A 54 23.99 -12.85 31.67
N ASP A 55 23.52 -13.69 32.59
CA ASP A 55 23.00 -15.01 32.23
C ASP A 55 21.61 -14.91 31.58
N THR A 56 20.72 -14.15 32.22
CA THR A 56 19.36 -13.96 31.71
C THR A 56 19.01 -12.48 31.56
N LEU A 57 18.04 -12.18 30.71
CA LEU A 57 17.55 -10.80 30.59
C LEU A 57 16.98 -10.35 31.93
N GLY A 58 16.35 -11.27 32.64
CA GLY A 58 15.81 -10.99 33.96
C GLY A 58 16.85 -10.43 34.93
N ASP A 59 18.06 -10.97 34.88
CA ASP A 59 19.16 -10.50 35.72
C ASP A 59 19.53 -9.04 35.40
N LEU A 60 19.67 -8.73 34.11
CA LEU A 60 20.00 -7.36 33.69
C LEU A 60 18.93 -6.37 34.16
N ILE A 61 17.67 -6.68 33.89
CA ILE A 61 16.56 -5.82 34.30
C ILE A 61 16.52 -5.59 35.83
N ASP A 62 16.88 -6.60 36.61
CA ASP A 62 16.91 -6.46 38.07
C ASP A 62 17.97 -5.45 38.54
N GLN A 63 19.04 -5.31 37.76
CA GLN A 63 20.08 -4.35 38.07
C GLN A 63 19.76 -2.97 37.48
N ALA A 64 19.09 -2.95 36.33
CA ALA A 64 18.75 -1.70 35.66
C ALA A 64 17.64 -0.92 36.35
N VAL A 65 16.67 -1.64 36.90
CA VAL A 65 15.52 -0.99 37.54
C VAL A 65 15.60 -1.08 39.06
N PRO A 66 15.60 0.08 39.73
CA PRO A 66 15.64 0.19 41.20
C PRO A 66 14.43 -0.51 41.84
N PRO A 67 14.68 -1.43 42.79
CA PRO A 67 13.63 -2.24 43.44
C PRO A 67 12.52 -1.39 44.04
N ALA A 68 12.89 -0.20 44.51
CA ALA A 68 11.93 0.72 45.12
C ALA A 68 10.76 1.09 44.19
N ILE A 69 11.00 1.07 42.89
CA ILE A 69 9.95 1.44 41.93
C ILE A 69 9.54 0.28 41.02
N ARG A 70 10.22 -0.86 41.14
CA ARG A 70 9.90 -2.00 40.28
C ARG A 70 8.47 -2.46 40.53
N PHE A 71 7.67 -2.44 39.47
CA PHE A 71 6.30 -2.92 39.50
C PHE A 71 6.32 -4.41 39.85
N PRO A 72 5.69 -4.77 40.97
CA PRO A 72 5.83 -6.11 41.58
C PRO A 72 4.95 -7.22 41.01
N ARG A 73 4.19 -6.97 39.95
CA ARG A 73 3.30 -8.00 39.43
C ARG A 73 3.15 -7.88 37.92
N SER A 74 2.36 -8.77 37.33
CA SER A 74 2.04 -8.70 35.91
C SER A 74 0.96 -7.65 35.68
N LEU A 75 1.05 -6.93 34.56
CA LEU A 75 -0.01 -6.02 34.16
C LEU A 75 -1.32 -6.78 34.00
N GLN A 76 -2.42 -6.19 34.47
CA GLN A 76 -3.73 -6.80 34.31
C GLN A 76 -4.34 -6.41 32.96
N LEU A 77 -3.95 -7.11 31.90
CA LEU A 77 -4.46 -6.83 30.55
C LEU A 77 -4.90 -8.14 29.90
N PRO A 78 -5.77 -8.06 28.88
CA PRO A 78 -6.21 -9.28 28.19
C PRO A 78 -5.03 -10.03 27.57
N ALA A 79 -5.02 -11.36 27.71
CA ALA A 79 -3.98 -12.19 27.08
C ALA A 79 -3.79 -11.85 25.60
N SER A 80 -2.56 -11.97 25.12
CA SER A 80 -2.20 -11.62 23.75
C SER A 80 -2.99 -12.42 22.71
N GLN A 81 -3.29 -11.79 21.58
CA GLN A 81 -3.89 -12.49 20.45
C GLN A 81 -2.98 -12.48 19.24
N SER A 82 -3.24 -13.39 18.30
CA SER A 82 -2.55 -13.39 17.02
C SER A 82 -2.99 -12.16 16.22
N GLU A 83 -2.22 -11.80 15.19
CA GLU A 83 -2.59 -10.70 14.30
C GLU A 83 -3.98 -10.95 13.70
N TYR A 84 -4.20 -12.19 13.28
CA TYR A 84 -5.45 -12.59 12.64
C TYR A 84 -6.61 -12.51 13.64
N GLY A 85 -6.36 -12.90 14.89
CA GLY A 85 -7.39 -12.90 15.91
C GLY A 85 -7.76 -11.50 16.39
N ALA A 86 -6.75 -10.65 16.57
CA ALA A 86 -6.98 -9.26 16.96
C ALA A 86 -7.77 -8.50 15.90
N ILE A 87 -7.38 -8.67 14.63
CA ILE A 87 -8.11 -8.06 13.52
C ILE A 87 -9.59 -8.48 13.55
N ALA A 88 -9.82 -9.77 13.70
CA ALA A 88 -11.19 -10.29 13.78
C ALA A 88 -11.98 -9.70 14.95
N GLN A 89 -11.33 -9.53 16.10
CA GLN A 89 -12.01 -8.95 17.26
C GLN A 89 -12.33 -7.46 17.02
N LEU A 90 -11.37 -6.73 16.48
CA LEU A 90 -11.57 -5.31 16.21
C LEU A 90 -12.61 -5.13 15.10
N LYS A 91 -12.63 -6.07 14.16
CA LYS A 91 -13.63 -6.03 13.11
C LYS A 91 -15.05 -6.15 13.69
N SER A 92 -15.24 -6.98 14.71
CA SER A 92 -16.58 -7.12 15.29
C SER A 92 -16.94 -5.88 16.09
N ILE A 93 -15.93 -5.25 16.68
CA ILE A 93 -16.16 -3.99 17.38
C ILE A 93 -16.53 -2.87 16.38
N ALA A 94 -15.74 -2.74 15.31
CA ALA A 94 -16.00 -1.76 14.26
C ALA A 94 -17.38 -1.91 13.63
N SER A 95 -17.85 -3.15 13.51
CA SER A 95 -19.12 -3.44 12.88
C SER A 95 -20.29 -2.84 13.68
N LYS A 96 -20.01 -2.41 14.91
CA LYS A 96 -21.04 -1.79 15.73
C LYS A 96 -21.23 -0.30 15.46
N ASN A 97 -20.25 0.32 14.78
CA ASN A 97 -20.43 1.67 14.27
C ASN A 97 -21.33 1.63 13.04
N GLN A 98 -22.03 2.73 12.78
CA GLN A 98 -22.87 2.85 11.59
C GLN A 98 -22.38 4.01 10.73
N VAL A 99 -22.11 3.74 9.45
CA VAL A 99 -21.66 4.78 8.55
C VAL A 99 -22.89 5.47 7.91
N PHE A 100 -23.26 6.64 8.44
CA PHE A 100 -24.37 7.42 7.89
C PHE A 100 -23.85 8.37 6.82
N ARG A 101 -24.78 8.96 6.08
CA ARG A 101 -24.49 10.11 5.25
C ARG A 101 -24.66 11.29 6.18
N SER A 102 -23.55 11.82 6.70
CA SER A 102 -23.62 12.90 7.67
C SER A 102 -23.51 14.26 6.98
N TYR A 103 -24.58 15.04 7.05
CA TYR A 103 -24.57 16.40 6.50
C TYR A 103 -24.57 17.40 7.67
N ILE A 104 -23.83 17.03 8.71
CA ILE A 104 -23.83 17.78 9.97
C ILE A 104 -23.03 19.06 9.84
N GLY A 105 -21.94 19.00 9.07
CA GLY A 105 -21.07 20.15 8.89
C GLY A 105 -20.21 20.39 10.11
N MET A 106 -20.23 21.63 10.59
CA MET A 106 -19.50 22.01 11.80
C MET A 106 -17.99 21.77 11.68
N GLY A 107 -17.44 21.98 10.48
CA GLY A 107 -15.99 21.89 10.30
C GLY A 107 -15.48 20.54 9.84
N TYR A 108 -16.40 19.60 9.57
CA TYR A 108 -16.04 18.28 9.04
C TYR A 108 -17.02 17.90 7.95
N TYR A 109 -16.50 17.48 6.79
CA TYR A 109 -17.33 17.24 5.62
C TYR A 109 -16.80 16.01 4.92
N ASP A 110 -17.68 15.06 4.56
CA ASP A 110 -17.21 13.87 3.88
C ASP A 110 -16.55 14.26 2.57
N THR A 111 -15.54 13.51 2.18
CA THR A 111 -14.73 13.86 1.02
C THR A 111 -14.30 12.55 0.38
N ILE A 112 -13.83 12.61 -0.85
CA ILE A 112 -13.39 11.41 -1.54
C ILE A 112 -11.87 11.42 -1.62
N THR A 113 -11.24 10.51 -0.89
CA THR A 113 -9.79 10.32 -0.98
C THR A 113 -9.53 9.54 -2.27
N PRO A 114 -8.84 10.17 -3.24
CA PRO A 114 -8.52 9.46 -4.48
C PRO A 114 -7.79 8.17 -4.14
N PRO A 115 -8.29 7.03 -4.66
CA PRO A 115 -7.70 5.72 -4.34
C PRO A 115 -6.18 5.68 -4.48
N VAL A 116 -5.63 6.31 -5.52
CA VAL A 116 -4.18 6.29 -5.71
C VAL A 116 -3.43 6.94 -4.52
N ILE A 117 -4.03 7.97 -3.92
CA ILE A 117 -3.45 8.60 -2.72
C ILE A 117 -3.62 7.71 -1.49
N GLN A 118 -4.78 7.08 -1.36
CA GLN A 118 -5.01 6.21 -0.21
C GLN A 118 -4.01 5.06 -0.22
N ARG A 119 -3.84 4.44 -1.38
CA ARG A 119 -2.95 3.29 -1.45
C ARG A 119 -1.47 3.69 -1.35
N ASN A 120 -1.07 4.72 -2.07
CA ASN A 120 0.36 4.97 -2.20
C ASN A 120 0.93 6.01 -1.24
N ILE A 121 0.07 6.61 -0.44
CA ILE A 121 0.54 7.47 0.64
C ILE A 121 0.05 6.96 1.99
N LEU A 122 -1.26 7.03 2.22
CA LEU A 122 -1.80 6.68 3.54
C LEU A 122 -1.53 5.23 3.93
N GLU A 123 -1.45 4.33 2.95
CA GLU A 123 -1.18 2.92 3.25
C GLU A 123 0.22 2.48 2.82
N ASN A 124 1.16 3.41 2.86
CA ASN A 124 2.53 3.17 2.40
C ASN A 124 3.52 3.52 3.52
N PRO A 125 4.15 2.51 4.14
CA PRO A 125 5.08 2.77 5.25
C PRO A 125 6.21 3.70 4.82
N GLY A 126 6.47 3.77 3.51
CA GLY A 126 7.48 4.68 2.99
C GLY A 126 7.15 6.13 3.28
N TRP A 127 5.86 6.43 3.45
CA TRP A 127 5.43 7.80 3.73
C TRP A 127 5.14 8.05 5.20
N TYR A 128 4.71 7.01 5.93
CA TYR A 128 4.31 7.24 7.32
C TYR A 128 5.28 6.84 8.44
N THR A 129 6.42 6.24 8.12
CA THR A 129 7.31 5.74 9.18
C THR A 129 8.44 6.67 9.63
N ALA A 130 8.83 7.64 8.80
CA ALA A 130 9.89 8.57 9.23
C ALA A 130 9.34 9.56 10.25
N TYR A 131 10.22 10.32 10.90
CA TYR A 131 9.76 11.36 11.83
C TYR A 131 10.08 12.73 11.24
N THR A 132 10.24 13.73 12.10
CA THR A 132 10.50 15.11 11.67
C THR A 132 11.72 15.15 10.75
N PRO A 133 11.67 15.98 9.70
CA PRO A 133 12.85 16.09 8.83
C PRO A 133 14.03 16.84 9.47
N TYR A 134 14.50 16.36 10.61
CA TYR A 134 15.71 16.85 11.27
C TYR A 134 16.88 16.86 10.29
N GLN A 135 17.04 15.75 9.57
CA GLN A 135 18.16 15.57 8.66
C GLN A 135 17.65 15.82 7.25
N ALA A 136 17.68 17.08 6.84
CA ALA A 136 16.93 17.50 5.65
C ALA A 136 17.44 16.86 4.36
N GLU A 137 18.73 16.53 4.31
CA GLU A 137 19.32 15.97 3.08
C GLU A 137 18.64 14.64 2.70
N ILE A 138 18.12 13.94 3.70
CA ILE A 138 17.46 12.67 3.43
C ILE A 138 15.95 12.76 3.66
N ALA A 139 15.40 13.96 3.51
CA ALA A 139 13.96 14.17 3.67
C ALA A 139 13.39 15.13 2.61
N GLN A 140 14.08 15.26 1.48
CA GLN A 140 13.68 16.22 0.47
C GLN A 140 12.33 15.93 -0.15
N GLY A 141 11.93 14.66 -0.13
CA GLY A 141 10.66 14.25 -0.73
C GLY A 141 9.48 14.81 0.03
N ARG A 142 9.39 14.50 1.31
CA ARG A 142 8.25 15.05 2.07
C ARG A 142 8.37 16.56 2.29
N LEU A 143 9.57 17.10 2.31
CA LEU A 143 9.71 18.56 2.39
C LEU A 143 9.13 19.24 1.14
N GLU A 144 9.31 18.63 -0.02
CA GLU A 144 8.72 19.17 -1.25
C GLU A 144 7.19 19.12 -1.20
N ALA A 145 6.63 18.04 -0.69
CA ALA A 145 5.17 17.93 -0.59
C ALA A 145 4.63 18.97 0.40
N LEU A 146 5.36 19.22 1.49
CA LEU A 146 4.97 20.28 2.42
C LEU A 146 5.09 21.66 1.80
N LEU A 147 6.13 21.87 0.98
CA LEU A 147 6.24 23.14 0.25
C LEU A 147 5.03 23.31 -0.68
N ASN A 148 4.59 22.22 -1.32
CA ASN A 148 3.36 22.25 -2.11
C ASN A 148 2.15 22.63 -1.28
N PHE A 149 2.04 22.07 -0.08
CA PHE A 149 0.96 22.41 0.85
C PHE A 149 0.94 23.92 1.13
N GLN A 150 2.11 24.47 1.44
CA GLN A 150 2.22 25.89 1.75
C GLN A 150 1.83 26.76 0.55
N THR A 151 2.28 26.36 -0.64
CA THR A 151 1.94 27.11 -1.85
C THR A 151 0.43 27.07 -2.08
N MET A 152 -0.15 25.89 -1.92
CA MET A 152 -1.59 25.72 -2.08
C MET A 152 -2.38 26.63 -1.12
N VAL A 153 -1.94 26.67 0.13
CA VAL A 153 -2.59 27.50 1.17
C VAL A 153 -2.43 29.00 0.86
N MET A 154 -1.23 29.42 0.49
CA MET A 154 -0.98 30.80 0.08
C MET A 154 -1.87 31.24 -1.09
N ASP A 155 -1.89 30.43 -2.14
CA ASP A 155 -2.72 30.71 -3.31
C ASP A 155 -4.20 30.84 -2.93
N LEU A 156 -4.69 29.87 -2.17
CA LEU A 156 -6.11 29.86 -1.83
C LEU A 156 -6.51 30.98 -0.88
N THR A 157 -5.68 31.26 0.12
CA THR A 157 -6.02 32.28 1.11
C THR A 157 -5.71 33.68 0.63
N GLY A 158 -4.85 33.81 -0.38
CA GLY A 158 -4.42 35.12 -0.83
C GLY A 158 -3.48 35.80 0.17
N LEU A 159 -2.92 35.03 1.08
CA LEU A 159 -1.96 35.59 2.04
C LEU A 159 -0.56 35.10 1.71
N GLU A 160 0.46 35.87 2.07
CA GLU A 160 1.81 35.61 1.52
C GLU A 160 2.61 34.48 2.19
N ILE A 161 2.33 34.18 3.45
CA ILE A 161 3.15 33.22 4.20
C ILE A 161 2.26 32.12 4.76
N ALA A 162 2.64 30.85 4.57
CA ALA A 162 1.88 29.73 5.16
C ALA A 162 2.82 28.70 5.76
N ASN A 163 2.47 28.16 6.92
CA ASN A 163 3.35 27.16 7.53
C ASN A 163 3.02 25.74 7.05
N ALA A 164 3.66 24.75 7.64
CA ALA A 164 3.59 23.38 7.12
C ALA A 164 2.40 22.58 7.63
N SER A 165 1.61 23.23 8.51
CA SER A 165 0.28 22.80 9.04
C SER A 165 0.27 22.81 10.56
N LEU A 166 -0.92 22.92 11.14
CA LEU A 166 -1.10 22.87 12.60
C LEU A 166 -2.08 21.75 12.95
N LEU A 167 -2.41 21.62 14.23
CA LEU A 167 -3.08 20.41 14.73
C LEU A 167 -4.50 20.23 14.22
N ASP A 168 -5.30 21.28 14.36
CA ASP A 168 -6.69 21.26 13.92
C ASP A 168 -7.16 22.72 13.87
N GLU A 169 -8.37 22.94 13.39
CA GLU A 169 -8.85 24.31 13.15
C GLU A 169 -8.86 25.16 14.43
N GLY A 170 -9.48 24.65 15.49
CA GLY A 170 -9.58 25.39 16.75
C GLY A 170 -8.25 25.79 17.35
N THR A 171 -7.29 24.87 17.38
CA THR A 171 -5.99 25.21 17.93
C THR A 171 -5.27 26.21 17.02
N ALA A 172 -5.47 26.07 15.70
CA ALA A 172 -4.91 27.04 14.77
C ALA A 172 -5.46 28.44 15.09
N ALA A 173 -6.75 28.54 15.34
CA ALA A 173 -7.35 29.82 15.72
C ALA A 173 -6.76 30.36 17.01
N ALA A 174 -6.51 29.46 17.97
CA ALA A 174 -5.87 29.90 19.22
C ALA A 174 -4.42 30.37 18.98
N GLU A 175 -3.73 29.76 18.03
CA GLU A 175 -2.40 30.24 17.67
C GLU A 175 -2.49 31.65 17.06
N ALA A 176 -3.57 31.91 16.33
CA ALA A 176 -3.76 33.25 15.74
C ALA A 176 -4.01 34.28 16.84
N MET A 177 -4.76 33.86 17.85
CA MET A 177 -5.00 34.72 19.01
C MET A 177 -3.66 35.09 19.67
N ALA A 178 -2.81 34.10 19.88
CA ALA A 178 -1.52 34.35 20.52
C ALA A 178 -0.64 35.28 19.67
N LEU A 179 -0.56 35.01 18.37
CA LEU A 179 0.21 35.87 17.47
C LEU A 179 -0.32 37.31 17.54
N SER A 180 -1.63 37.46 17.46
CA SER A 180 -2.25 38.79 17.52
C SER A 180 -1.91 39.56 18.80
N TYR A 181 -1.92 38.87 19.94
CA TYR A 181 -1.56 39.53 21.18
C TYR A 181 -0.13 40.05 21.13
N GLY A 182 0.77 39.24 20.57
CA GLY A 182 2.18 39.60 20.49
C GLY A 182 2.47 40.80 19.61
N VAL A 183 1.64 40.99 18.58
CA VAL A 183 1.79 42.09 17.63
C VAL A 183 1.27 43.42 18.13
N SER A 184 0.18 43.40 18.89
CA SER A 184 -0.41 44.64 19.38
C SER A 184 0.53 45.39 20.30
N LYS A 185 0.28 46.69 20.42
CA LYS A 185 1.02 47.53 21.35
C LYS A 185 0.02 48.37 22.17
N SER A 186 -1.25 47.97 22.15
CA SER A 186 -2.28 48.70 22.88
C SER A 186 -2.54 48.11 24.26
N LYS A 187 -3.39 48.79 25.02
CA LYS A 187 -3.81 48.33 26.34
C LYS A 187 -4.90 47.26 26.25
N ALA A 188 -5.17 46.78 25.04
CA ALA A 188 -6.25 45.82 24.83
C ALA A 188 -5.90 44.44 25.40
N ASN A 189 -6.88 43.81 26.04
CA ASN A 189 -6.68 42.45 26.52
C ASN A 189 -7.87 41.57 26.12
N ALA A 190 -8.62 42.05 25.14
CA ALA A 190 -9.80 41.32 24.68
C ALA A 190 -9.59 40.80 23.26
N PHE A 191 -10.13 39.61 23.01
CA PHE A 191 -10.11 39.03 21.69
C PHE A 191 -11.56 38.74 21.31
N PHE A 192 -12.00 39.26 20.17
CA PHE A 192 -13.38 39.08 19.74
C PHE A 192 -13.50 37.78 18.97
N VAL A 193 -14.47 36.95 19.35
CA VAL A 193 -14.78 35.75 18.58
C VAL A 193 -16.24 35.82 18.13
N ALA A 194 -16.47 35.71 16.83
CA ALA A 194 -17.85 35.77 16.34
C ALA A 194 -18.63 34.60 16.92
N GLN A 195 -19.87 34.87 17.33
CA GLN A 195 -20.73 33.86 17.90
C GLN A 195 -21.11 32.77 16.91
N ASP A 196 -20.90 33.03 15.61
CA ASP A 196 -21.17 31.99 14.59
C ASP A 196 -19.92 31.28 14.08
N CYS A 197 -18.86 31.31 14.88
CA CYS A 197 -17.76 30.38 14.64
C CYS A 197 -18.24 28.99 15.03
N HIS A 198 -17.56 27.95 14.56
CA HIS A 198 -17.90 26.61 15.00
C HIS A 198 -17.81 26.55 16.52
N PRO A 199 -18.78 25.88 17.15
CA PRO A 199 -18.85 25.92 18.61
C PRO A 199 -17.60 25.34 19.30
N GLN A 200 -17.02 24.29 18.71
CA GLN A 200 -15.83 23.68 19.28
C GLN A 200 -14.63 24.62 19.17
N THR A 201 -14.62 25.47 18.15
CA THR A 201 -13.56 26.46 18.00
C THR A 201 -13.61 27.47 19.15
N ILE A 202 -14.81 27.91 19.50
CA ILE A 202 -14.96 28.86 20.58
C ILE A 202 -14.49 28.23 21.88
N GLU A 203 -14.81 26.95 22.07
CA GLU A 203 -14.41 26.25 23.30
C GLU A 203 -12.90 26.13 23.41
N VAL A 204 -12.23 25.83 22.29
CA VAL A 204 -10.77 25.71 22.30
C VAL A 204 -10.12 27.05 22.62
N ILE A 205 -10.65 28.12 22.04
CA ILE A 205 -10.14 29.46 22.32
C ILE A 205 -10.33 29.86 23.79
N LYS A 206 -11.52 29.57 24.32
CA LYS A 206 -11.77 29.91 25.72
C LYS A 206 -10.80 29.17 26.63
N THR A 207 -10.53 27.92 26.28
CA THR A 207 -9.66 27.10 27.11
C THR A 207 -8.23 27.64 27.06
N ARG A 208 -7.80 28.12 25.90
CA ARG A 208 -6.46 28.71 25.78
C ARG A 208 -6.38 30.09 26.42
N ALA A 209 -7.49 30.81 26.42
CA ALA A 209 -7.50 32.17 26.97
C ALA A 209 -7.50 32.21 28.48
N ASN A 210 -8.13 31.21 29.10
CA ASN A 210 -8.34 31.23 30.54
C ASN A 210 -7.06 31.37 31.36
N PRO A 211 -6.06 30.49 31.15
CA PRO A 211 -4.88 30.69 32.01
C PRO A 211 -4.10 31.96 31.69
N LEU A 212 -4.36 32.60 30.55
CA LEU A 212 -3.62 33.80 30.16
C LEU A 212 -4.31 35.10 30.60
N GLY A 213 -5.51 34.99 31.14
CA GLY A 213 -6.23 36.18 31.57
C GLY A 213 -6.77 37.00 30.42
N ILE A 214 -6.82 36.42 29.23
CA ILE A 214 -7.36 37.11 28.06
C ILE A 214 -8.89 37.09 28.10
N GLU A 215 -9.53 38.24 27.89
CA GLU A 215 -10.99 38.28 27.84
C GLU A 215 -11.46 37.88 26.45
N VAL A 216 -12.22 36.80 26.36
CA VAL A 216 -12.80 36.38 25.08
C VAL A 216 -14.19 36.97 25.01
N ILE A 217 -14.41 37.84 24.01
CA ILE A 217 -15.74 38.41 23.79
C ILE A 217 -16.45 37.66 22.66
N VAL A 218 -17.48 36.89 23.01
CA VAL A 218 -18.23 36.16 21.98
C VAL A 218 -19.44 37.01 21.61
N GLY A 219 -19.48 37.48 20.37
CA GLY A 219 -20.49 38.45 19.99
C GLY A 219 -20.83 38.42 18.52
N ASP A 220 -21.69 39.36 18.11
CA ASP A 220 -22.21 39.41 16.74
C ASP A 220 -21.36 40.38 15.93
N HIS A 221 -20.75 39.90 14.83
CA HIS A 221 -19.90 40.78 14.04
C HIS A 221 -20.68 41.93 13.39
N HIS A 222 -21.96 41.71 13.13
CA HIS A 222 -22.83 42.75 12.55
C HIS A 222 -22.96 43.98 13.42
N THR A 223 -22.99 43.80 14.74
CA THR A 223 -23.31 44.92 15.63
C THR A 223 -22.20 45.30 16.60
N PHE A 224 -21.12 44.53 16.64
CA PHE A 224 -20.02 44.82 17.58
C PHE A 224 -19.58 46.26 17.50
N SER A 225 -19.59 46.94 18.64
CA SER A 225 -19.39 48.38 18.70
C SER A 225 -17.93 48.83 18.63
N PHE A 226 -17.01 47.92 18.94
CA PHE A 226 -15.60 48.25 19.14
C PHE A 226 -15.40 49.27 20.26
N SER A 227 -16.34 49.34 21.21
CA SER A 227 -16.18 50.20 22.37
C SER A 227 -15.29 49.55 23.43
N THR A 228 -15.03 48.26 23.29
CA THR A 228 -14.03 47.58 24.13
C THR A 228 -12.78 47.37 23.30
N SER A 229 -11.61 47.73 23.82
CA SER A 229 -10.38 47.54 23.05
C SER A 229 -10.06 46.07 22.86
N ILE A 230 -9.85 45.67 21.61
CA ILE A 230 -9.46 44.31 21.29
C ILE A 230 -8.12 44.31 20.57
N PHE A 231 -7.35 43.24 20.71
CA PHE A 231 -6.10 43.13 19.97
C PHE A 231 -6.32 42.23 18.76
N GLY A 232 -7.46 41.57 18.72
CA GLY A 232 -7.77 40.66 17.61
C GLY A 232 -9.23 40.24 17.51
N ALA A 233 -9.60 39.76 16.33
CA ALA A 233 -10.94 39.26 16.11
C ALA A 233 -10.92 38.03 15.19
N LEU A 234 -11.79 37.07 15.51
CA LEU A 234 -11.88 35.85 14.72
C LEU A 234 -13.28 35.75 14.09
N LEU A 235 -13.33 35.59 12.78
CA LEU A 235 -14.58 35.50 12.02
C LEU A 235 -14.59 34.19 11.24
N GLN A 236 -15.76 33.61 11.05
CA GLN A 236 -15.89 32.31 10.37
C GLN A 236 -16.45 32.50 8.96
N TYR A 237 -15.78 31.94 7.96
CA TYR A 237 -16.08 32.21 6.55
C TYR A 237 -16.12 30.94 5.71
N PRO A 238 -17.33 30.46 5.32
CA PRO A 238 -18.67 30.90 5.72
C PRO A 238 -18.91 30.58 7.19
N ALA A 239 -19.94 31.16 7.77
CA ALA A 239 -20.20 31.00 9.20
C ALA A 239 -20.67 29.57 9.52
N THR A 240 -20.79 29.24 10.80
CA THR A 240 -21.10 27.86 11.17
C THR A 240 -22.48 27.41 10.70
N ASP A 241 -23.38 28.37 10.50
CA ASP A 241 -24.72 28.03 10.04
C ASP A 241 -24.83 28.18 8.52
N GLY A 242 -23.69 28.39 7.89
CA GLY A 242 -23.59 28.42 6.44
C GLY A 242 -23.65 29.80 5.81
N ALA A 243 -23.98 30.81 6.60
CA ALA A 243 -24.16 32.15 6.04
C ALA A 243 -22.86 32.76 5.50
N VAL A 244 -22.92 33.27 4.27
CA VAL A 244 -21.77 33.95 3.69
C VAL A 244 -21.98 35.45 3.86
N TYR A 245 -21.02 36.10 4.54
CA TYR A 245 -21.08 37.54 4.80
C TYR A 245 -19.89 38.27 4.19
N ASP A 246 -20.08 39.55 3.87
CA ASP A 246 -18.99 40.41 3.41
C ASP A 246 -18.39 41.06 4.65
N TYR A 247 -17.15 40.69 4.96
CA TYR A 247 -16.51 41.10 6.21
C TYR A 247 -15.63 42.34 6.07
N ARG A 248 -15.62 42.97 4.89
CA ARG A 248 -14.71 44.08 4.61
C ARG A 248 -14.86 45.28 5.56
N SER A 249 -16.09 45.65 5.85
CA SER A 249 -16.30 46.81 6.71
C SER A 249 -15.92 46.51 8.16
N PHE A 250 -16.15 45.28 8.61
CA PHE A 250 -15.69 44.87 9.94
C PHE A 250 -14.16 44.94 10.01
N ILE A 251 -13.52 44.37 9.00
CA ILE A 251 -12.08 44.36 8.91
C ILE A 251 -11.50 45.77 8.93
N ASP A 252 -12.12 46.71 8.21
CA ASP A 252 -11.63 48.07 8.16
C ASP A 252 -11.79 48.76 9.51
N LYS A 253 -12.91 48.49 10.18
CA LYS A 253 -13.13 49.07 11.50
C LYS A 253 -12.14 48.46 12.52
N ALA A 254 -11.93 47.14 12.44
CA ALA A 254 -10.97 46.49 13.34
C ALA A 254 -9.56 47.07 13.19
N HIS A 255 -9.17 47.32 11.95
CA HIS A 255 -7.87 47.92 11.67
C HIS A 255 -7.75 49.35 12.21
N GLN A 256 -8.80 50.15 12.08
CA GLN A 256 -8.71 51.49 12.64
C GLN A 256 -8.71 51.44 14.16
N HIS A 257 -9.07 50.29 14.72
CA HIS A 257 -8.92 50.07 16.16
C HIS A 257 -7.70 49.21 16.49
N GLN A 258 -6.79 49.10 15.52
CA GLN A 258 -5.47 48.46 15.70
C GLN A 258 -5.49 46.96 16.03
N ALA A 259 -6.56 46.27 15.65
CA ALA A 259 -6.65 44.83 15.87
C ALA A 259 -6.37 44.06 14.59
N LEU A 260 -5.75 42.88 14.72
CA LEU A 260 -5.61 41.98 13.57
C LEU A 260 -6.86 41.13 13.44
N VAL A 261 -7.25 40.84 12.21
CA VAL A 261 -8.42 40.01 11.98
C VAL A 261 -8.04 38.68 11.36
N THR A 262 -8.53 37.61 11.96
CA THR A 262 -8.30 36.26 11.48
C THR A 262 -9.60 35.73 10.93
N LEU A 263 -9.56 35.18 9.73
CA LEU A 263 -10.70 34.45 9.18
C LEU A 263 -10.45 32.96 9.27
N ALA A 264 -11.35 32.24 9.91
CA ALA A 264 -11.35 30.78 9.81
C ALA A 264 -12.15 30.48 8.54
N ALA A 265 -11.43 30.10 7.48
CA ALA A 265 -12.04 30.01 6.15
C ALA A 265 -11.93 28.63 5.53
N ASP A 266 -13.07 28.08 5.14
CA ASP A 266 -13.11 26.79 4.46
C ASP A 266 -12.35 26.90 3.13
N PRO A 267 -11.27 26.11 2.98
CA PRO A 267 -10.40 26.28 1.82
C PRO A 267 -11.04 25.83 0.51
N LEU A 268 -12.01 24.93 0.57
CA LEU A 268 -12.71 24.54 -0.64
C LEU A 268 -13.60 25.70 -1.09
N SER A 269 -14.22 26.39 -0.13
CA SER A 269 -15.05 27.53 -0.46
C SER A 269 -14.24 28.64 -1.13
N LEU A 270 -12.96 28.73 -0.79
CA LEU A 270 -12.09 29.77 -1.38
C LEU A 270 -11.79 29.58 -2.86
N THR A 271 -12.19 28.46 -3.43
CA THR A 271 -12.08 28.33 -4.89
C THR A 271 -13.14 29.21 -5.57
N LEU A 272 -14.17 29.61 -4.82
CA LEU A 272 -15.28 30.37 -5.37
C LEU A 272 -15.42 31.76 -4.73
N LEU A 273 -15.08 31.86 -3.44
CA LEU A 273 -15.31 33.09 -2.68
C LEU A 273 -14.04 33.94 -2.59
N THR A 274 -14.22 35.25 -2.59
CA THR A 274 -13.10 36.17 -2.40
C THR A 274 -12.37 35.81 -1.12
N PRO A 275 -11.04 35.61 -1.22
CA PRO A 275 -10.24 35.08 -0.11
C PRO A 275 -9.85 36.12 0.94
N PRO A 276 -9.48 35.66 2.15
CA PRO A 276 -9.09 36.52 3.27
C PRO A 276 -8.07 37.58 2.88
N GLY A 277 -7.02 37.20 2.15
CA GLY A 277 -6.05 38.18 1.68
C GLY A 277 -6.67 39.38 0.99
N GLU A 278 -7.63 39.13 0.09
CA GLU A 278 -8.23 40.22 -0.71
C GLU A 278 -9.28 41.00 0.06
N LEU A 279 -9.81 40.40 1.12
CA LEU A 279 -10.76 41.10 1.98
C LEU A 279 -10.03 42.02 2.96
N GLY A 280 -8.71 41.85 3.06
CA GLY A 280 -7.91 42.65 3.98
C GLY A 280 -7.56 41.97 5.30
N ALA A 281 -7.93 40.70 5.46
CA ALA A 281 -7.66 39.98 6.70
C ALA A 281 -6.16 39.83 6.94
N ASP A 282 -5.76 39.69 8.19
CA ASP A 282 -4.33 39.59 8.50
C ASP A 282 -3.84 38.15 8.64
N ILE A 283 -4.74 37.26 9.02
CA ILE A 283 -4.41 35.84 9.23
C ILE A 283 -5.58 35.02 8.70
N ALA A 284 -5.30 33.84 8.14
CA ALA A 284 -6.35 32.88 7.79
C ALA A 284 -5.99 31.54 8.41
N VAL A 285 -6.99 30.87 8.98
CA VAL A 285 -6.79 29.50 9.46
C VAL A 285 -7.95 28.66 8.97
N GLY A 286 -7.78 27.34 9.02
CA GLY A 286 -8.87 26.45 8.72
C GLY A 286 -8.38 25.02 8.67
N SER A 287 -9.30 24.10 8.39
CA SER A 287 -8.96 22.68 8.25
C SER A 287 -8.78 22.37 6.77
N THR A 288 -7.82 21.50 6.44
CA THR A 288 -7.73 20.98 5.07
C THR A 288 -8.31 19.57 4.95
N GLN A 289 -9.06 19.16 5.97
CA GLN A 289 -9.72 17.85 5.98
C GLN A 289 -10.49 17.56 4.69
N ARG A 290 -11.19 18.58 4.19
CA ARG A 290 -12.00 18.42 2.97
C ARG A 290 -11.21 18.16 1.72
N PHE A 291 -9.89 18.28 1.83
CA PHE A 291 -9.05 17.97 0.70
C PHE A 291 -8.68 16.50 0.74
N GLY A 292 -9.71 15.66 0.75
CA GLY A 292 -9.52 14.22 0.60
C GLY A 292 -8.99 13.47 1.82
N ILE A 293 -9.20 14.04 3.00
CA ILE A 293 -8.78 13.38 4.25
C ILE A 293 -10.00 12.77 4.93
N PRO A 294 -9.90 11.50 5.34
CA PRO A 294 -11.02 10.84 6.02
C PRO A 294 -11.53 11.64 7.22
N LEU A 295 -12.84 11.65 7.42
CA LEU A 295 -13.46 12.25 8.61
C LEU A 295 -12.74 11.80 9.89
N GLY A 296 -12.46 10.50 9.98
CA GLY A 296 -11.64 9.96 11.06
C GLY A 296 -12.22 10.10 12.46
N TYR A 297 -13.53 10.37 12.53
CA TYR A 297 -14.18 10.66 13.81
C TYR A 297 -13.42 11.74 14.59
N GLY A 298 -12.86 12.71 13.86
CA GLY A 298 -12.22 13.84 14.50
C GLY A 298 -10.84 14.16 13.93
N GLY A 299 -10.13 13.14 13.46
CA GLY A 299 -8.78 13.34 12.96
C GLY A 299 -8.08 12.05 12.62
N PRO A 300 -6.83 12.14 12.16
CA PRO A 300 -6.07 13.39 12.09
C PRO A 300 -6.31 14.18 10.81
N HIS A 301 -6.24 15.50 10.90
CA HIS A 301 -6.36 16.39 9.73
C HIS A 301 -5.37 17.52 9.91
N ALA A 302 -4.80 18.02 8.81
CA ALA A 302 -3.87 19.14 8.87
C ALA A 302 -4.66 20.45 8.81
N ALA A 303 -4.46 21.32 9.79
CA ALA A 303 -5.04 22.66 9.72
C ALA A 303 -4.04 23.58 9.05
N TYR A 304 -4.51 24.66 8.43
CA TYR A 304 -3.59 25.59 7.80
C TYR A 304 -3.49 26.89 8.59
N PHE A 305 -2.43 27.64 8.35
CA PHE A 305 -2.22 28.92 9.01
C PHE A 305 -1.43 29.80 8.06
N ALA A 306 -2.02 30.93 7.66
CA ALA A 306 -1.37 31.82 6.71
C ALA A 306 -1.45 33.25 7.20
N THR A 307 -0.47 34.06 6.86
CA THR A 307 -0.53 35.44 7.27
C THR A 307 0.28 36.33 6.34
N LYS A 308 0.34 37.61 6.69
CA LYS A 308 1.06 38.60 5.90
C LYS A 308 2.57 38.49 6.11
N ALA A 309 3.33 38.90 5.10
CA ALA A 309 4.78 38.88 5.18
C ALA A 309 5.32 39.68 6.37
N GLU A 310 4.61 40.73 6.79
CA GLU A 310 5.08 41.52 7.93
C GLU A 310 5.11 40.74 9.24
N TYR A 311 4.40 39.61 9.30
CA TYR A 311 4.32 38.84 10.54
C TYR A 311 5.04 37.51 10.45
N GLN A 312 5.90 37.36 9.45
CA GLN A 312 6.50 36.05 9.19
C GLN A 312 7.42 35.54 10.30
N ARG A 313 8.05 36.45 11.03
CA ARG A 313 8.96 36.02 12.09
C ARG A 313 8.22 35.48 13.30
N LYS A 314 6.92 35.80 13.39
CA LYS A 314 6.10 35.39 14.52
C LYS A 314 5.27 34.16 14.22
N MET A 315 5.42 33.63 13.00
CA MET A 315 4.69 32.45 12.56
C MET A 315 4.94 31.28 13.51
N PRO A 316 3.85 30.68 14.02
CA PRO A 316 4.00 29.52 14.90
C PRO A 316 4.29 28.24 14.12
N GLY A 317 4.85 27.24 14.79
CA GLY A 317 5.04 25.95 14.18
C GLY A 317 6.18 25.90 13.17
N ARG A 318 6.04 25.03 12.18
CA ARG A 318 7.14 24.68 11.28
C ARG A 318 6.82 25.19 9.89
N ILE A 319 7.86 25.58 9.14
CA ILE A 319 7.65 26.11 7.81
C ILE A 319 8.81 25.74 6.88
N VAL A 320 8.48 25.24 5.70
CA VAL A 320 9.54 24.81 4.78
C VAL A 320 10.11 26.01 4.06
N GLY A 321 11.44 26.12 4.04
CA GLY A 321 12.09 27.18 3.30
C GLY A 321 13.02 26.62 2.23
N VAL A 322 13.29 27.43 1.22
CA VAL A 322 14.16 27.03 0.12
C VAL A 322 15.57 27.51 0.40
N SER A 323 16.53 26.58 0.41
CA SER A 323 17.91 26.95 0.71
C SER A 323 18.81 26.43 -0.41
N LYS A 324 20.11 26.36 -0.14
CA LYS A 324 21.07 25.86 -1.12
C LYS A 324 21.93 24.78 -0.48
N ASP A 325 22.32 23.78 -1.26
CA ASP A 325 23.25 22.79 -0.73
C ASP A 325 24.69 23.18 -1.03
N ALA A 326 25.63 22.33 -0.64
CA ALA A 326 27.04 22.62 -0.84
C ALA A 326 27.45 22.71 -2.33
N HIS A 327 26.59 22.24 -3.22
CA HIS A 327 26.90 22.31 -4.64
C HIS A 327 26.23 23.51 -5.30
N GLY A 328 25.55 24.32 -4.48
CA GLY A 328 24.86 25.50 -4.99
C GLY A 328 23.48 25.17 -5.55
N ASN A 329 23.07 23.93 -5.44
CA ASN A 329 21.76 23.53 -5.94
C ASN A 329 20.66 23.78 -4.90
N PRO A 330 19.42 23.98 -5.37
CA PRO A 330 18.29 24.21 -4.46
C PRO A 330 18.03 23.01 -3.55
N ALA A 331 17.74 23.29 -2.28
CA ALA A 331 17.42 22.26 -1.31
C ALA A 331 16.44 22.83 -0.29
N LEU A 332 15.60 21.98 0.27
CA LEU A 332 14.59 22.46 1.20
C LEU A 332 15.01 22.14 2.64
N ARG A 333 14.50 22.89 3.60
CA ARG A 333 14.71 22.62 5.01
C ARG A 333 13.48 23.07 5.78
N LEU A 334 13.24 22.46 6.94
CA LEU A 334 12.06 22.78 7.71
C LEU A 334 12.44 23.78 8.77
N ALA A 335 12.15 25.06 8.55
CA ALA A 335 12.57 26.11 9.48
C ALA A 335 11.76 26.16 10.77
N LEU A 336 12.29 26.90 11.74
CA LEU A 336 11.66 27.09 13.04
C LEU A 336 11.26 28.54 13.27
N GLN A 337 10.34 28.76 14.19
CA GLN A 337 10.01 30.10 14.63
C GLN A 337 11.25 30.73 15.30
N THR A 338 11.68 31.88 14.79
CA THR A 338 12.81 32.59 15.38
C THR A 338 12.47 33.04 16.81
N ARG A 339 13.45 32.95 17.71
CA ARG A 339 13.23 33.26 19.12
C ARG A 339 13.12 34.77 19.34
N GLU A 340 11.99 35.22 19.86
CA GLU A 340 11.80 36.65 20.10
C GLU A 340 11.91 36.99 21.59
N GLN A 341 12.61 38.08 21.88
CA GLN A 341 12.67 38.63 23.22
C GLN A 341 11.72 39.82 23.28
N HIS A 342 10.69 39.75 24.11
CA HIS A 342 9.76 40.87 24.24
C HIS A 342 8.83 40.75 25.43
N ILE A 343 8.37 41.90 25.92
CA ILE A 343 7.56 41.99 27.12
C ILE A 343 6.25 41.20 27.02
N ARG A 344 5.81 40.91 25.80
CA ARG A 344 4.53 40.19 25.60
C ARG A 344 4.67 38.68 25.39
N ARG A 345 5.86 38.14 25.62
CA ARG A 345 6.09 36.72 25.39
C ARG A 345 5.20 35.83 26.28
N ASP A 346 4.82 36.32 27.46
CA ASP A 346 4.03 35.51 28.40
C ASP A 346 2.61 35.15 27.91
N LYS A 347 2.13 35.79 26.87
CA LYS A 347 0.83 35.41 26.33
C LYS A 347 0.93 35.04 24.86
N ALA A 348 2.09 35.27 24.26
CA ALA A 348 2.27 34.97 22.84
C ALA A 348 3.04 33.67 22.61
N THR A 349 3.25 32.89 23.66
CA THR A 349 4.10 31.69 23.56
C THR A 349 3.38 30.57 22.81
N SER A 350 4.15 29.79 22.06
CA SER A 350 3.61 28.60 21.45
C SER A 350 4.53 27.42 21.78
N ASN A 351 3.96 26.22 21.90
CA ASN A 351 4.73 25.02 22.27
C ASN A 351 4.77 23.98 21.16
N ILE A 352 4.37 24.35 19.95
CA ILE A 352 4.25 23.35 18.87
C ILE A 352 5.54 23.25 18.06
N CYS A 353 6.06 22.03 17.95
CA CYS A 353 7.30 21.80 17.22
C CYS A 353 7.09 20.90 16.02
N THR A 354 5.86 20.48 15.83
CA THR A 354 5.55 19.52 14.75
C THR A 354 4.60 20.13 13.73
N ALA A 355 4.36 19.36 12.66
CA ALA A 355 3.33 19.67 11.69
C ALA A 355 2.56 18.37 11.48
N GLN A 356 1.32 18.44 11.01
CA GLN A 356 0.57 17.24 10.68
C GLN A 356 1.07 16.75 9.33
N VAL A 357 2.32 16.33 9.27
CA VAL A 357 2.99 16.10 7.98
C VAL A 357 2.26 15.15 7.02
N LEU A 358 1.96 13.94 7.48
CA LEU A 358 1.32 12.97 6.58
C LEU A 358 0.02 13.48 5.97
N LEU A 359 -0.75 14.22 6.77
CA LEU A 359 -2.05 14.70 6.34
C LEU A 359 -1.92 15.95 5.46
N ALA A 360 -0.86 16.73 5.68
CA ALA A 360 -0.60 17.88 4.84
C ALA A 360 -0.13 17.38 3.48
N VAL A 361 0.65 16.30 3.49
CA VAL A 361 1.07 15.67 2.25
C VAL A 361 -0.16 15.20 1.49
N MET A 362 -1.08 14.55 2.20
CA MET A 362 -2.30 14.08 1.55
C MET A 362 -3.13 15.22 0.96
N ALA A 363 -3.27 16.30 1.72
CA ALA A 363 -4.08 17.44 1.24
C ALA A 363 -3.43 18.14 0.05
N SER A 364 -2.12 18.31 0.10
CA SER A 364 -1.42 18.95 -1.02
C SER A 364 -1.51 18.08 -2.27
N MET A 365 -1.42 16.77 -2.09
CA MET A 365 -1.52 15.87 -3.24
C MET A 365 -2.93 15.86 -3.83
N TYR A 366 -3.94 16.07 -2.99
CA TYR A 366 -5.31 16.28 -3.47
C TYR A 366 -5.36 17.48 -4.42
N GLY A 367 -4.69 18.57 -4.04
CA GLY A 367 -4.63 19.75 -4.89
C GLY A 367 -3.82 19.50 -6.16
N VAL A 368 -2.74 18.75 -6.00
CA VAL A 368 -1.92 18.38 -7.16
C VAL A 368 -2.73 17.54 -8.16
N TYR A 369 -3.52 16.60 -7.64
CA TYR A 369 -4.21 15.65 -8.50
C TYR A 369 -5.41 16.28 -9.19
N HIS A 370 -6.08 17.19 -8.49
CA HIS A 370 -7.29 17.82 -9.02
C HIS A 370 -7.00 19.08 -9.83
N GLY A 371 -5.97 19.83 -9.45
CA GLY A 371 -5.64 21.07 -10.15
C GLY A 371 -6.65 22.14 -9.75
N SER A 372 -6.42 23.38 -10.16
CA SER A 372 -7.36 24.45 -9.83
C SER A 372 -8.73 24.19 -10.46
N THR A 373 -8.75 23.64 -11.66
CA THR A 373 -10.02 23.42 -12.33
C THR A 373 -10.81 22.28 -11.68
N GLY A 374 -10.13 21.20 -11.33
CA GLY A 374 -10.78 20.11 -10.64
C GLY A 374 -11.33 20.54 -9.29
N LEU A 375 -10.53 21.30 -8.53
CA LEU A 375 -10.98 21.76 -7.21
C LEU A 375 -12.19 22.66 -7.35
N LYS A 376 -12.11 23.61 -8.27
CA LYS A 376 -13.24 24.53 -8.44
C LYS A 376 -14.51 23.79 -8.85
N ASN A 377 -14.36 22.79 -9.71
CA ASN A 377 -15.49 21.97 -10.15
C ASN A 377 -16.13 21.18 -9.01
N ILE A 378 -15.30 20.68 -8.09
CA ILE A 378 -15.82 20.02 -6.88
C ILE A 378 -16.68 21.00 -6.07
N ALA A 379 -16.13 22.19 -5.79
CA ALA A 379 -16.85 23.23 -5.05
C ALA A 379 -18.10 23.67 -5.77
N LEU A 380 -17.98 23.88 -7.08
CA LEU A 380 -19.11 24.35 -7.87
C LEU A 380 -20.26 23.34 -7.83
N ARG A 381 -19.95 22.05 -7.96
CA ARG A 381 -20.99 21.02 -7.94
C ARG A 381 -21.68 20.97 -6.58
N ILE A 382 -20.89 21.08 -5.51
CA ILE A 382 -21.46 21.16 -4.17
C ILE A 382 -22.41 22.36 -4.07
N HIS A 383 -21.96 23.53 -4.53
CA HIS A 383 -22.81 24.71 -4.47
C HIS A 383 -24.09 24.54 -5.27
N GLN A 384 -23.98 23.97 -6.47
CA GLN A 384 -25.15 23.81 -7.35
C GLN A 384 -26.15 22.85 -6.73
N LEU A 385 -25.66 21.76 -6.14
CA LEU A 385 -26.53 20.83 -5.43
C LEU A 385 -27.19 21.50 -4.23
N THR A 386 -26.44 22.37 -3.54
CA THR A 386 -26.97 23.09 -2.39
C THR A 386 -28.06 24.08 -2.82
N VAL A 387 -27.83 24.78 -3.92
CA VAL A 387 -28.83 25.71 -4.44
C VAL A 387 -30.09 24.93 -4.85
N LEU A 388 -29.91 23.81 -5.55
CA LEU A 388 -31.02 22.94 -5.92
C LEU A 388 -31.80 22.48 -4.71
N LEU A 389 -31.10 22.04 -3.67
CA LEU A 389 -31.75 21.64 -2.41
C LEU A 389 -32.62 22.78 -1.88
N ALA A 390 -32.05 23.98 -1.83
CA ALA A 390 -32.76 25.16 -1.30
C ALA A 390 -34.04 25.46 -2.08
N ILE A 391 -33.95 25.36 -3.40
CA ILE A 391 -35.10 25.67 -4.25
C ILE A 391 -36.23 24.68 -3.98
N GLY A 392 -35.88 23.40 -3.91
CA GLY A 392 -36.85 22.35 -3.62
C GLY A 392 -37.46 22.49 -2.24
N LEU A 393 -36.66 22.83 -1.24
CA LEU A 393 -37.18 23.01 0.12
C LEU A 393 -38.19 24.16 0.19
N LYS A 394 -37.91 25.24 -0.53
CA LYS A 394 -38.85 26.37 -0.59
C LYS A 394 -40.15 25.95 -1.26
N ARG A 395 -40.06 25.11 -2.29
CA ARG A 395 -41.26 24.66 -2.98
C ARG A 395 -42.07 23.74 -2.09
N LEU A 396 -41.44 23.23 -1.03
CA LEU A 396 -42.13 22.43 -0.03
C LEU A 396 -42.51 23.28 1.20
N ASN A 397 -42.42 24.60 1.04
CA ASN A 397 -42.81 25.56 2.08
C ASN A 397 -42.00 25.56 3.38
N TYR A 398 -40.71 25.25 3.27
CA TYR A 398 -39.78 25.51 4.37
C TYR A 398 -39.18 26.91 4.18
N SER A 399 -38.72 27.53 5.27
CA SER A 399 -38.04 28.81 5.16
C SER A 399 -36.52 28.64 5.24
N LEU A 400 -35.81 29.41 4.43
CA LEU A 400 -34.35 29.37 4.42
C LEU A 400 -33.84 30.67 4.99
N ASN A 401 -32.82 30.59 5.85
CA ASN A 401 -32.44 31.78 6.60
C ASN A 401 -31.12 32.43 6.20
N ASN A 402 -30.38 31.77 5.31
CA ASN A 402 -29.15 32.35 4.78
C ASN A 402 -29.43 33.16 3.50
N ASP A 403 -29.13 34.46 3.51
CA ASP A 403 -29.22 35.26 2.30
C ASP A 403 -28.26 34.71 1.25
N TYR A 404 -27.06 34.36 1.69
CA TYR A 404 -26.03 33.80 0.82
C TYR A 404 -25.38 32.62 1.52
N PHE A 405 -24.89 31.67 0.71
CA PHE A 405 -24.30 30.45 1.25
C PHE A 405 -23.40 29.78 0.22
N PHE A 406 -22.56 28.87 0.71
CA PHE A 406 -21.77 28.00 -0.17
C PHE A 406 -22.37 26.60 -0.19
N ASP A 407 -22.22 25.86 0.90
CA ASP A 407 -22.61 24.44 0.95
C ASP A 407 -23.59 24.11 2.07
N THR A 408 -23.97 25.11 2.84
CA THR A 408 -24.72 24.88 4.08
C THR A 408 -25.99 25.72 4.20
N LEU A 409 -27.13 25.06 4.42
CA LEU A 409 -28.41 25.74 4.57
C LEU A 409 -28.88 25.76 6.02
N ARG A 410 -29.57 26.83 6.39
CA ARG A 410 -30.20 26.95 7.70
C ARG A 410 -31.71 26.91 7.44
N VAL A 411 -32.34 25.79 7.79
CA VAL A 411 -33.73 25.57 7.40
C VAL A 411 -34.68 25.72 8.59
N GLY A 412 -35.63 26.66 8.48
CA GLY A 412 -36.66 26.82 9.49
C GLY A 412 -37.77 25.82 9.23
N VAL A 413 -38.13 25.03 10.22
CA VAL A 413 -39.05 23.92 9.98
C VAL A 413 -40.33 23.95 10.82
N GLY A 414 -40.32 24.68 11.92
CA GLY A 414 -41.42 24.65 12.87
C GLY A 414 -41.03 23.79 14.07
N GLU A 415 -41.03 24.40 15.26
CA GLU A 415 -40.46 23.78 16.46
C GLU A 415 -41.10 22.47 16.90
N GLN A 416 -42.27 22.15 16.35
CA GLN A 416 -42.90 20.87 16.61
C GLN A 416 -42.35 19.80 15.66
N SER A 417 -41.85 20.25 14.51
CA SER A 417 -41.46 19.34 13.44
C SER A 417 -39.97 18.99 13.40
N ALA A 418 -39.13 19.83 14.01
CA ALA A 418 -37.67 19.63 13.93
C ALA A 418 -37.17 18.25 14.36
N PRO A 419 -37.55 17.79 15.57
CA PRO A 419 -37.11 16.44 15.95
C PRO A 419 -37.70 15.36 15.05
N ALA A 420 -38.90 15.59 14.51
CA ALA A 420 -39.50 14.66 13.55
C ALA A 420 -38.71 14.57 12.24
N ILE A 421 -38.20 15.71 11.79
CA ILE A 421 -37.41 15.76 10.55
C ILE A 421 -36.08 15.06 10.75
N LEU A 422 -35.47 15.27 11.91
CA LEU A 422 -34.19 14.64 12.23
C LEU A 422 -34.33 13.14 12.34
N LYS A 423 -35.44 12.67 12.90
CA LYS A 423 -35.67 11.24 13.06
C LYS A 423 -35.95 10.55 11.72
N ALA A 424 -36.68 11.23 10.83
CA ALA A 424 -36.97 10.69 9.50
C ALA A 424 -35.70 10.63 8.67
N ALA A 425 -34.83 11.61 8.83
CA ALA A 425 -33.56 11.61 8.13
C ALA A 425 -32.75 10.39 8.58
N GLU A 426 -32.72 10.17 9.88
CA GLU A 426 -32.01 9.02 10.45
C GLU A 426 -32.56 7.71 9.91
N GLY A 427 -33.87 7.68 9.66
CA GLY A 427 -34.50 6.53 9.05
C GLY A 427 -33.94 6.19 7.67
N ARG A 428 -33.34 7.18 7.01
CA ARG A 428 -32.71 6.93 5.71
C ARG A 428 -31.18 6.83 5.82
N GLY A 429 -30.68 6.79 7.04
CA GLY A 429 -29.24 6.74 7.24
C GLY A 429 -28.60 8.09 6.98
N ILE A 430 -29.32 9.14 7.33
CA ILE A 430 -28.86 10.51 7.12
C ILE A 430 -28.86 11.32 8.42
N ASN A 431 -27.74 11.98 8.72
CA ASN A 431 -27.68 12.91 9.85
C ASN A 431 -27.73 14.36 9.38
N LEU A 432 -28.64 15.13 9.96
CA LEU A 432 -28.67 16.58 9.77
C LEU A 432 -28.21 17.23 11.05
N ARG A 433 -27.99 18.55 11.01
CA ARG A 433 -27.54 19.27 12.19
C ARG A 433 -28.69 19.91 12.95
N PRO A 434 -28.88 19.50 14.21
CA PRO A 434 -29.89 20.16 15.04
C PRO A 434 -29.38 21.53 15.44
N LEU A 435 -30.05 22.59 15.00
CA LEU A 435 -29.57 23.93 15.30
C LEU A 435 -30.16 24.46 16.61
N VAL A 436 -31.16 25.32 16.49
CA VAL A 436 -32.00 25.66 17.61
C VAL A 436 -33.33 25.02 17.28
N PRO A 437 -34.23 24.87 18.26
CA PRO A 437 -35.55 24.32 17.98
C PRO A 437 -36.24 25.09 16.85
N GLY A 438 -36.86 24.36 15.93
CA GLY A 438 -37.48 24.96 14.77
C GLY A 438 -36.50 25.19 13.62
N GLU A 439 -35.24 24.82 13.82
CA GLU A 439 -34.22 24.99 12.79
C GLU A 439 -33.28 23.77 12.65
N VAL A 440 -32.98 23.42 11.41
CA VAL A 440 -32.00 22.37 11.14
C VAL A 440 -30.99 22.86 10.13
N GLY A 441 -29.76 22.38 10.24
CA GLY A 441 -28.72 22.74 9.30
C GLY A 441 -28.42 21.57 8.40
N ILE A 442 -28.06 21.87 7.16
CA ILE A 442 -27.63 20.83 6.23
C ILE A 442 -26.37 21.29 5.51
N SER A 443 -25.31 20.50 5.59
CA SER A 443 -24.10 20.80 4.84
C SER A 443 -23.85 19.72 3.80
N LEU A 444 -23.78 20.12 2.54
CA LEU A 444 -23.48 19.16 1.48
C LEU A 444 -21.98 19.07 1.27
N ASP A 445 -21.54 18.05 0.54
CA ASP A 445 -20.11 17.78 0.40
C ASP A 445 -19.81 17.05 -0.91
N GLU A 446 -18.55 16.71 -1.12
CA GLU A 446 -18.11 16.11 -2.38
C GLU A 446 -18.79 14.76 -2.68
N THR A 447 -19.25 14.07 -1.65
CA THR A 447 -19.87 12.74 -1.87
C THR A 447 -21.30 12.82 -2.33
N VAL A 448 -21.88 14.01 -2.29
CA VAL A 448 -23.32 14.15 -2.53
C VAL A 448 -23.70 14.01 -4.01
N THR A 449 -24.71 13.17 -4.28
CA THR A 449 -25.23 12.96 -5.63
C THR A 449 -26.67 13.45 -5.74
N VAL A 450 -27.21 13.44 -6.96
CA VAL A 450 -28.62 13.84 -7.17
C VAL A 450 -29.58 12.90 -6.44
N GLN A 451 -29.18 11.63 -6.32
CA GLN A 451 -29.94 10.66 -5.55
C GLN A 451 -30.03 11.05 -4.07
N ASP A 452 -28.92 11.54 -3.51
CA ASP A 452 -28.91 12.00 -2.12
C ASP A 452 -29.86 13.19 -1.97
N LEU A 453 -29.82 14.07 -2.97
CA LEU A 453 -30.65 15.26 -2.98
C LEU A 453 -32.13 14.87 -2.96
N LEU A 454 -32.46 13.82 -3.70
CA LEU A 454 -33.85 13.33 -3.73
C LEU A 454 -34.27 12.79 -2.35
N ASP A 455 -33.35 12.09 -1.67
CA ASP A 455 -33.65 11.57 -0.34
C ASP A 455 -33.96 12.69 0.64
N LEU A 456 -33.16 13.76 0.58
CA LEU A 456 -33.38 14.94 1.42
C LEU A 456 -34.76 15.58 1.17
N TRP A 457 -35.09 15.79 -0.11
CA TRP A 457 -36.40 16.35 -0.46
C TRP A 457 -37.55 15.50 0.06
N GLN A 458 -37.45 14.19 -0.14
CA GLN A 458 -38.53 13.30 0.29
C GLN A 458 -38.67 13.28 1.81
N VAL A 459 -37.54 13.37 2.51
CA VAL A 459 -37.58 13.45 3.98
C VAL A 459 -38.33 14.70 4.43
N PHE A 460 -38.02 15.84 3.82
CA PHE A 460 -38.68 17.09 4.19
C PHE A 460 -40.13 17.17 3.73
N ALA A 461 -40.43 16.51 2.61
CA ALA A 461 -41.81 16.51 2.08
C ALA A 461 -42.71 15.55 2.85
N GLY A 462 -42.10 14.53 3.46
CA GLY A 462 -42.86 13.54 4.19
C GLY A 462 -43.49 12.50 3.28
N LYS A 463 -43.08 12.50 2.02
CA LYS A 463 -43.57 11.56 1.02
C LYS A 463 -42.62 11.51 -0.16
N ASP A 464 -42.72 10.46 -0.98
CA ASP A 464 -41.76 10.24 -2.06
C ASP A 464 -42.15 10.93 -3.37
N ASN A 465 -43.43 11.26 -3.53
CA ASN A 465 -43.85 12.03 -4.70
C ASN A 465 -43.77 13.54 -4.43
N LEU A 466 -43.03 14.23 -5.29
CA LEU A 466 -42.78 15.66 -5.13
C LEU A 466 -43.62 16.49 -6.10
N PRO A 467 -43.96 17.73 -5.72
CA PRO A 467 -44.75 18.65 -6.56
C PRO A 467 -43.88 19.31 -7.62
N PHE A 468 -42.65 18.84 -7.74
CA PHE A 468 -41.74 19.29 -8.78
C PHE A 468 -40.92 18.12 -9.29
N THR A 469 -40.39 18.24 -10.51
CA THR A 469 -39.36 17.33 -10.96
C THR A 469 -38.01 18.02 -10.73
N PRO A 470 -37.05 17.26 -10.17
CA PRO A 470 -35.69 17.75 -9.93
C PRO A 470 -35.13 18.56 -11.10
N GLU A 471 -35.26 18.06 -12.31
CA GLU A 471 -34.65 18.71 -13.47
C GLU A 471 -35.31 20.05 -13.80
N GLU A 472 -36.60 20.18 -13.54
CA GLU A 472 -37.30 21.43 -13.80
C GLU A 472 -36.74 22.59 -12.96
N LEU A 473 -36.17 22.27 -11.80
CA LEU A 473 -35.64 23.27 -10.89
C LEU A 473 -34.35 23.91 -11.41
N TRP A 474 -33.70 23.29 -12.37
CA TRP A 474 -32.39 23.74 -12.81
C TRP A 474 -32.38 25.18 -13.35
N SER A 475 -33.48 25.58 -13.99
CA SER A 475 -33.60 26.92 -14.55
C SER A 475 -33.51 28.01 -13.48
N GLU A 476 -33.89 27.67 -12.26
CA GLU A 476 -33.84 28.61 -11.15
C GLU A 476 -32.45 28.68 -10.51
N VAL A 477 -31.59 27.73 -10.84
CA VAL A 477 -30.27 27.69 -10.23
C VAL A 477 -29.39 28.85 -10.68
N LYS A 478 -28.80 29.54 -9.71
CA LYS A 478 -27.79 30.55 -9.98
C LYS A 478 -26.87 30.68 -8.76
N THR A 479 -25.71 31.28 -8.97
CA THR A 479 -24.74 31.55 -7.90
C THR A 479 -25.45 32.21 -6.72
N SER A 480 -25.32 31.63 -5.53
CA SER A 480 -26.08 32.13 -4.38
C SER A 480 -25.20 32.77 -3.30
N PHE A 481 -24.12 33.40 -3.76
CA PHE A 481 -23.32 34.28 -2.93
C PHE A 481 -23.12 35.55 -3.77
N PRO A 482 -22.86 36.69 -3.12
CA PRO A 482 -22.94 37.95 -3.86
C PRO A 482 -21.79 38.16 -4.85
N ALA A 483 -22.02 39.06 -5.81
CA ALA A 483 -21.02 39.36 -6.83
C ALA A 483 -19.72 39.87 -6.23
N ASP A 484 -19.84 40.71 -5.19
CA ASP A 484 -18.66 41.31 -4.58
C ASP A 484 -17.87 40.33 -3.72
N LEU A 485 -18.35 39.10 -3.62
CA LEU A 485 -17.60 38.05 -2.97
C LEU A 485 -17.30 36.92 -3.96
N THR A 486 -17.58 37.17 -5.23
CA THR A 486 -17.27 36.18 -6.27
C THR A 486 -15.81 36.28 -6.70
N ARG A 487 -15.02 35.26 -6.37
CA ARG A 487 -13.58 35.35 -6.60
C ARG A 487 -13.22 35.40 -8.10
N GLN A 488 -12.25 36.26 -8.44
CA GLN A 488 -11.76 36.37 -9.81
C GLN A 488 -10.29 35.96 -9.92
N SER A 489 -9.55 36.13 -8.83
CA SER A 489 -8.13 35.78 -8.81
C SER A 489 -7.89 34.28 -8.97
N LEU A 490 -6.75 33.94 -9.57
CA LEU A 490 -6.41 32.55 -9.88
C LEU A 490 -5.60 31.91 -8.75
N TYR A 491 -5.49 30.57 -8.79
CA TYR A 491 -4.78 29.83 -7.74
C TYR A 491 -4.26 28.53 -8.33
N LEU A 492 -3.22 27.99 -7.70
CA LEU A 492 -2.62 26.72 -8.13
C LEU A 492 -2.15 26.79 -9.61
N GLN A 493 -1.55 27.91 -9.99
CA GLN A 493 -1.09 28.07 -11.36
C GLN A 493 0.30 27.46 -11.59
N ASP A 494 1.04 27.19 -10.51
CA ASP A 494 2.38 26.59 -10.66
C ASP A 494 2.33 25.23 -11.34
N ALA A 495 3.40 24.89 -12.05
CA ALA A 495 3.44 23.67 -12.86
C ALA A 495 3.06 22.41 -12.07
N VAL A 496 3.49 22.32 -10.82
CA VAL A 496 3.26 21.12 -10.01
C VAL A 496 1.77 20.78 -9.87
N PHE A 497 0.91 21.79 -9.93
CA PHE A 497 -0.54 21.56 -9.80
C PHE A 497 -1.21 21.32 -11.13
N ASN A 498 -0.44 21.33 -12.21
CA ASN A 498 -1.04 21.11 -13.52
C ASN A 498 -0.61 19.84 -14.27
N GLN A 499 0.49 19.23 -13.84
CA GLN A 499 1.11 18.19 -14.67
C GLN A 499 0.97 16.74 -14.22
N TYR A 500 0.35 16.51 -13.07
CA TYR A 500 0.22 15.14 -12.57
C TYR A 500 -1.25 14.72 -12.40
N HIS A 501 -2.06 14.88 -13.44
CA HIS A 501 -3.49 14.58 -13.36
C HIS A 501 -3.89 13.18 -13.82
N SER A 502 -2.99 12.47 -14.51
CA SER A 502 -3.29 11.08 -14.84
C SER A 502 -2.87 10.24 -13.66
N GLU A 503 -3.47 9.06 -13.45
CA GLU A 503 -3.08 8.28 -12.28
C GLU A 503 -1.62 7.85 -12.38
N THR A 504 -1.20 7.49 -13.59
CA THR A 504 0.20 7.07 -13.80
C THR A 504 1.22 8.17 -13.43
N GLU A 505 0.95 9.40 -13.83
N GLU A 505 0.93 9.40 -13.85
CA GLU A 505 1.88 10.48 -13.53
CA GLU A 505 1.80 10.53 -13.56
C GLU A 505 1.92 10.83 -12.03
C GLU A 505 1.92 10.78 -12.05
N LEU A 506 0.78 10.74 -11.35
CA LEU A 506 0.79 11.01 -9.92
C LEU A 506 1.52 9.88 -9.21
N LEU A 507 1.27 8.65 -9.64
CA LEU A 507 1.93 7.49 -9.05
C LEU A 507 3.45 7.66 -9.11
N ARG A 508 3.95 8.10 -10.26
CA ARG A 508 5.39 8.26 -10.42
C ARG A 508 5.93 9.46 -9.64
N TYR A 509 5.16 10.55 -9.59
CA TYR A 509 5.55 11.69 -8.77
C TYR A 509 5.69 11.28 -7.29
N LEU A 510 4.68 10.58 -6.77
CA LEU A 510 4.73 10.09 -5.38
C LEU A 510 5.94 9.19 -5.16
N HIS A 511 6.19 8.29 -6.10
CA HIS A 511 7.31 7.35 -5.97
C HIS A 511 8.65 8.08 -5.95
N GLN A 512 8.80 9.07 -6.83
CA GLN A 512 10.04 9.86 -6.86
C GLN A 512 10.31 10.60 -5.56
N LEU A 513 9.27 11.25 -5.01
CA LEU A 513 9.41 11.95 -3.73
C LEU A 513 9.73 10.99 -2.60
N GLU A 514 9.00 9.88 -2.53
CA GLU A 514 9.21 8.86 -1.52
C GLU A 514 10.64 8.29 -1.55
N SER A 515 11.17 8.13 -2.76
N SER A 515 11.19 8.13 -2.75
CA SER A 515 12.50 7.52 -2.92
CA SER A 515 12.51 7.52 -2.92
C SER A 515 13.64 8.40 -2.40
C SER A 515 13.64 8.40 -2.39
N LYS A 516 13.39 9.70 -2.31
CA LYS A 516 14.39 10.64 -1.75
C LYS A 516 14.55 10.53 -0.24
N ASP A 517 13.57 9.93 0.44
CA ASP A 517 13.49 10.02 1.91
C ASP A 517 13.86 8.70 2.59
N LEU A 518 14.66 8.79 3.65
CA LEU A 518 15.00 7.58 4.39
C LEU A 518 13.94 7.36 5.47
N ALA A 519 13.22 6.25 5.39
CA ALA A 519 12.18 5.91 6.36
C ALA A 519 12.48 4.53 6.96
N LEU A 520 11.59 4.01 7.78
CA LEU A 520 11.90 2.77 8.51
C LEU A 520 11.97 1.54 7.61
N ASN A 521 11.54 1.68 6.36
CA ASN A 521 11.64 0.57 5.42
C ASN A 521 13.04 0.50 4.80
N THR A 522 13.91 1.44 5.17
CA THR A 522 15.31 1.40 4.73
C THR A 522 16.29 0.96 5.84
N SER A 523 16.27 1.67 6.97
CA SER A 523 17.19 1.32 8.05
C SER A 523 16.71 1.89 9.37
N MET A 524 17.36 1.47 10.46
CA MET A 524 17.01 1.95 11.79
C MET A 524 17.23 3.45 11.87
N ILE A 525 16.28 4.13 12.51
CA ILE A 525 16.40 5.56 12.77
C ILE A 525 16.44 5.70 14.29
N PRO A 526 17.65 5.63 14.89
CA PRO A 526 17.74 5.46 16.34
C PRO A 526 17.59 6.77 17.13
N LEU A 527 16.51 7.51 16.88
CA LEU A 527 16.30 8.81 17.49
C LEU A 527 16.04 8.74 18.99
N GLY A 528 17.00 9.20 19.79
CA GLY A 528 16.80 9.28 21.23
C GLY A 528 15.56 10.08 21.56
N SER A 529 14.79 9.60 22.53
CA SER A 529 13.57 10.24 22.99
C SER A 529 12.40 10.19 21.99
N CYS A 530 12.57 9.50 20.86
CA CYS A 530 11.49 9.43 19.87
C CYS A 530 10.87 8.04 19.68
N THR A 531 11.56 7.00 20.16
CA THR A 531 11.09 5.61 20.07
C THR A 531 10.59 5.19 18.68
N MET A 532 11.52 5.09 17.72
CA MET A 532 11.19 4.74 16.36
C MET A 532 11.04 3.23 16.21
N LYS A 533 10.01 2.65 16.84
CA LYS A 533 9.80 1.20 16.83
C LYS A 533 8.87 0.79 15.70
N LEU A 534 8.50 -0.49 15.66
CA LEU A 534 7.69 -1.00 14.56
C LEU A 534 6.28 -0.45 14.53
N ASN A 535 5.89 0.07 13.38
CA ASN A 535 4.49 0.38 13.10
C ASN A 535 3.94 -0.76 12.24
N ALA A 536 3.41 -1.78 12.90
CA ALA A 536 3.06 -3.04 12.26
C ALA A 536 1.86 -2.88 11.34
N THR A 537 1.87 -3.64 10.24
CA THR A 537 0.80 -3.59 9.25
C THR A 537 -0.56 -3.86 9.89
N ALA A 538 -0.65 -4.88 10.74
CA ALA A 538 -1.93 -5.22 11.37
C ALA A 538 -2.47 -4.10 12.26
N GLU A 539 -1.57 -3.32 12.85
CA GLU A 539 -1.98 -2.15 13.64
C GLU A 539 -2.54 -1.08 12.73
N MET A 540 -1.93 -0.92 11.56
CA MET A 540 -2.29 0.15 10.62
C MET A 540 -3.57 -0.12 9.83
N MET A 541 -3.80 -1.38 9.53
CA MET A 541 -4.93 -1.76 8.66
C MET A 541 -6.29 -1.15 9.03
N PRO A 542 -6.70 -1.23 10.32
CA PRO A 542 -8.04 -0.73 10.64
C PRO A 542 -8.22 0.78 10.49
N VAL A 543 -7.14 1.55 10.45
CA VAL A 543 -7.27 3.01 10.29
C VAL A 543 -8.11 3.37 9.06
N THR A 544 -7.95 2.61 7.98
CA THR A 544 -8.68 2.91 6.76
C THR A 544 -9.95 2.07 6.56
N TRP A 545 -10.42 1.38 7.60
CA TRP A 545 -11.77 0.81 7.53
C TRP A 545 -12.77 1.97 7.63
N PRO A 546 -13.78 1.99 6.74
CA PRO A 546 -14.76 3.07 6.79
C PRO A 546 -15.53 3.16 8.12
N GLU A 547 -15.67 2.01 8.80
CA GLU A 547 -16.33 2.01 10.09
C GLU A 547 -15.56 2.84 11.12
N PHE A 548 -14.27 3.07 10.87
CA PHE A 548 -13.52 3.98 11.72
C PHE A 548 -13.24 5.31 11.00
N GLY A 549 -12.93 5.22 9.70
CA GLY A 549 -12.45 6.36 8.95
C GLY A 549 -13.51 7.33 8.43
N LYS A 550 -14.74 6.83 8.28
CA LYS A 550 -15.80 7.58 7.62
C LYS A 550 -16.89 8.06 8.59
N ILE A 551 -16.56 8.15 9.88
CA ILE A 551 -17.56 8.61 10.87
C ILE A 551 -17.34 10.07 11.21
N HIS A 552 -18.42 10.86 11.21
CA HIS A 552 -18.34 12.26 11.57
C HIS A 552 -18.17 12.34 13.09
N PRO A 553 -17.29 13.24 13.57
CA PRO A 553 -17.06 13.34 15.02
C PRO A 553 -18.30 13.73 15.82
N PHE A 554 -19.26 14.37 15.17
CA PHE A 554 -20.46 14.81 15.88
C PHE A 554 -21.68 13.96 15.52
N ALA A 555 -21.43 12.77 14.97
CA ALA A 555 -22.50 11.80 14.75
C ALA A 555 -23.14 11.44 16.09
N PRO A 556 -24.44 11.12 16.08
CA PRO A 556 -25.13 10.68 17.30
C PRO A 556 -24.50 9.43 17.93
N ALA A 557 -24.57 9.33 19.27
CA ALA A 557 -23.96 8.25 20.04
C ALA A 557 -24.45 6.88 19.62
N GLY A 558 -25.70 6.81 19.15
CA GLY A 558 -26.29 5.57 18.68
C GLY A 558 -25.53 4.93 17.51
N GLN A 559 -24.70 5.70 16.82
CA GLN A 559 -24.02 5.21 15.62
C GLN A 559 -22.54 4.98 15.86
N THR A 560 -22.07 5.22 17.08
CA THR A 560 -20.65 5.16 17.37
C THR A 560 -20.32 4.19 18.51
N GLU A 561 -21.13 3.14 18.66
CA GLU A 561 -20.94 2.20 19.76
C GLU A 561 -19.59 1.48 19.69
N GLY A 562 -19.09 1.27 18.48
CA GLY A 562 -17.80 0.63 18.29
C GLY A 562 -16.67 1.49 18.84
N TYR A 563 -16.67 2.77 18.45
CA TYR A 563 -15.72 3.72 19.02
C TYR A 563 -15.82 3.80 20.53
N GLN A 564 -17.04 3.79 21.07
CA GLN A 564 -17.24 3.86 22.52
C GLN A 564 -16.58 2.67 23.21
N ILE A 565 -16.68 1.50 22.58
CA ILE A 565 -16.04 0.31 23.11
C ILE A 565 -14.52 0.47 23.05
N LEU A 566 -14.03 0.88 21.88
CA LEU A 566 -12.61 1.16 21.66
C LEU A 566 -12.05 2.11 22.73
N PHE A 567 -12.76 3.20 22.95
CA PHE A 567 -12.36 4.17 23.97
C PHE A 567 -12.32 3.57 25.36
N ALA A 568 -13.41 2.91 25.76
CA ALA A 568 -13.51 2.28 27.08
C ALA A 568 -12.35 1.33 27.34
N GLN A 569 -12.04 0.50 26.34
CA GLN A 569 -10.96 -0.48 26.50
C GLN A 569 -9.58 0.17 26.55
N LEU A 570 -9.31 1.08 25.61
CA LEU A 570 -8.03 1.78 25.58
C LEU A 570 -7.78 2.55 26.89
N GLU A 571 -8.80 3.26 27.36
CA GLU A 571 -8.71 3.96 28.64
C GLU A 571 -8.40 3.03 29.81
N ALA A 572 -9.05 1.87 29.84
CA ALA A 572 -8.80 0.93 30.93
C ALA A 572 -7.38 0.39 30.84
N TRP A 573 -6.96 0.03 29.62
CA TRP A 573 -5.62 -0.51 29.41
C TRP A 573 -4.50 0.50 29.71
N LEU A 574 -4.62 1.72 29.18
CA LEU A 574 -3.62 2.75 29.45
C LEU A 574 -3.63 3.11 30.94
N GLY A 575 -4.80 3.03 31.55
CA GLY A 575 -4.93 3.30 32.97
C GLY A 575 -4.18 2.26 33.78
N GLU A 576 -4.21 1.02 33.32
CA GLU A 576 -3.54 -0.07 34.03
C GLU A 576 -2.03 0.01 33.83
N ILE A 577 -1.61 0.32 32.60
CA ILE A 577 -0.20 0.49 32.32
C ILE A 577 0.43 1.64 33.13
N THR A 578 -0.31 2.73 33.30
CA THR A 578 0.20 3.92 33.98
C THR A 578 -0.07 3.89 35.48
N GLY A 579 -1.14 3.20 35.86
CA GLY A 579 -1.54 3.14 37.25
C GLY A 579 -2.48 4.26 37.61
N PHE A 580 -2.89 5.05 36.61
CA PHE A 580 -3.83 6.15 36.84
C PHE A 580 -5.29 5.71 36.83
N ASP A 581 -6.13 6.49 37.50
CA ASP A 581 -7.54 6.13 37.69
C ASP A 581 -8.42 6.55 36.52
N ALA A 582 -7.94 7.49 35.72
CA ALA A 582 -8.73 8.00 34.61
C ALA A 582 -7.82 8.45 33.48
N ILE A 583 -8.35 8.37 32.26
CA ILE A 583 -7.61 8.71 31.06
C ILE A 583 -8.46 9.62 30.19
N SER A 584 -7.85 10.70 29.65
CA SER A 584 -8.49 11.46 28.58
C SER A 584 -7.77 11.18 27.27
N LEU A 585 -8.51 10.72 26.27
CA LEU A 585 -7.93 10.41 24.97
C LEU A 585 -7.94 11.63 24.03
N GLN A 586 -8.29 12.79 24.55
CA GLN A 586 -8.48 13.95 23.68
C GLN A 586 -7.22 14.67 23.12
N PRO A 587 -6.20 14.95 23.97
CA PRO A 587 -5.10 15.79 23.48
C PRO A 587 -4.43 15.21 22.22
N ASN A 588 -4.33 15.99 21.15
CA ASN A 588 -3.91 15.44 19.86
C ASN A 588 -2.45 15.71 19.45
N ALA A 589 -1.56 15.79 20.44
CA ALA A 589 -0.12 15.94 20.22
C ALA A 589 0.58 15.67 21.54
N GLY A 590 1.87 15.37 21.49
CA GLY A 590 2.65 15.28 22.72
C GLY A 590 2.59 16.58 23.49
N SER A 591 2.78 17.69 22.77
CA SER A 591 2.77 19.02 23.37
C SER A 591 1.41 19.33 23.97
N GLN A 592 0.34 18.82 23.34
CA GLN A 592 -1.00 19.02 23.89
C GLN A 592 -1.22 18.25 25.18
N GLY A 593 -0.62 17.07 25.26
CA GLY A 593 -0.67 16.29 26.49
C GLY A 593 -0.08 17.07 27.66
N GLU A 594 1.10 17.67 27.43
CA GLU A 594 1.78 18.45 28.48
C GLU A 594 0.89 19.58 28.91
N TYR A 595 0.35 20.26 27.92
CA TYR A 595 -0.48 21.44 28.12
C TYR A 595 -1.76 21.07 28.88
N ALA A 596 -2.44 20.01 28.46
CA ALA A 596 -3.63 19.52 29.15
C ALA A 596 -3.32 19.13 30.59
N GLY A 597 -2.21 18.44 30.79
CA GLY A 597 -1.80 18.01 32.11
C GLY A 597 -1.56 19.17 33.06
N LEU A 598 -0.95 20.24 32.54
CA LEU A 598 -0.74 21.43 33.38
C LEU A 598 -2.05 22.17 33.62
N GLN A 599 -2.93 22.19 32.61
CA GLN A 599 -4.25 22.82 32.76
C GLN A 599 -5.09 22.17 33.86
N VAL A 600 -5.03 20.84 33.91
CA VAL A 600 -5.74 20.08 34.92
C VAL A 600 -5.21 20.39 36.32
N ILE A 601 -3.89 20.49 36.44
CA ILE A 601 -3.27 20.85 37.71
C ILE A 601 -3.68 22.26 38.13
N ARG A 602 -3.70 23.19 37.18
CA ARG A 602 -4.10 24.55 37.45
C ARG A 602 -5.55 24.61 37.96
N GLN A 603 -6.42 23.90 37.27
CA GLN A 603 -7.84 23.84 37.62
C GLN A 603 -8.03 23.27 39.02
N TYR A 604 -7.18 22.29 39.35
CA TYR A 604 -7.19 21.70 40.69
C TYR A 604 -6.94 22.74 41.77
N HIS A 605 -5.90 23.55 41.60
CA HIS A 605 -5.60 24.57 42.62
C HIS A 605 -6.71 25.60 42.71
N LEU A 606 -7.28 25.93 41.55
CA LEU A 606 -8.42 26.83 41.51
C LEU A 606 -9.61 26.27 42.27
N SER A 607 -9.84 24.97 42.14
CA SER A 607 -10.97 24.31 42.81
C SER A 607 -10.82 24.31 44.34
N ARG A 608 -9.66 24.73 44.81
CA ARG A 608 -9.41 24.84 46.25
C ARG A 608 -9.19 26.30 46.67
N GLY A 609 -9.55 27.24 45.80
CA GLY A 609 -9.44 28.66 46.08
C GLY A 609 -8.01 29.17 46.18
N GLU A 610 -7.09 28.56 45.43
CA GLU A 610 -5.68 28.89 45.52
C GLU A 610 -5.10 29.39 44.19
N GLU A 611 -5.70 30.45 43.67
CA GLU A 611 -5.31 31.02 42.38
C GLU A 611 -3.85 31.49 42.34
N GLN A 612 -3.19 31.54 43.49
CA GLN A 612 -1.79 31.97 43.53
C GLN A 612 -0.75 30.85 43.37
N ARG A 613 -1.18 29.59 43.32
CA ARG A 613 -0.22 28.53 43.04
C ARG A 613 0.04 28.49 41.55
N ASN A 614 1.11 29.15 41.11
CA ASN A 614 1.42 29.22 39.68
C ASN A 614 2.89 28.95 39.35
N ILE A 615 3.67 28.61 40.36
CA ILE A 615 5.07 28.26 40.16
C ILE A 615 5.20 26.84 39.65
N CYS A 616 5.89 26.68 38.53
CA CYS A 616 6.17 25.36 37.99
C CYS A 616 7.66 25.07 38.00
N LEU A 617 8.07 24.09 38.82
CA LEU A 617 9.47 23.68 38.88
C LEU A 617 9.79 22.80 37.68
N ILE A 618 10.88 23.11 36.98
CA ILE A 618 11.30 22.33 35.81
C ILE A 618 12.82 22.15 35.77
N PRO A 619 13.27 20.88 35.73
CA PRO A 619 14.71 20.58 35.60
C PRO A 619 15.30 21.26 34.37
N GLU A 620 16.47 21.85 34.51
CA GLU A 620 17.11 22.62 33.45
C GLU A 620 17.42 21.79 32.20
N SER A 621 17.39 20.46 32.34
CA SER A 621 17.62 19.57 31.21
C SER A 621 16.36 19.26 30.40
N ALA A 622 15.22 19.81 30.81
CA ALA A 622 13.95 19.51 30.15
C ALA A 622 13.91 19.93 28.68
N HIS A 623 13.17 19.16 27.89
CA HIS A 623 12.87 19.57 26.53
C HIS A 623 12.09 20.88 26.57
N GLY A 624 12.39 21.79 25.64
CA GLY A 624 11.88 23.14 25.67
C GLY A 624 10.38 23.28 25.56
N THR A 625 9.69 22.23 25.12
CA THR A 625 8.24 22.27 25.08
C THR A 625 7.63 22.31 26.48
N ASN A 626 8.35 21.76 27.46
CA ASN A 626 7.85 21.81 28.85
C ASN A 626 7.62 23.23 29.39
N PRO A 627 8.67 24.08 29.42
CA PRO A 627 8.38 25.44 29.91
C PRO A 627 7.46 26.23 28.98
N ALA A 628 7.49 25.99 27.66
CA ALA A 628 6.53 26.63 26.77
C ALA A 628 5.11 26.32 27.24
N SER A 629 4.83 25.03 27.46
CA SER A 629 3.52 24.58 27.89
C SER A 629 3.15 25.23 29.22
N ALA A 630 4.12 25.35 30.11
CA ALA A 630 3.89 25.96 31.42
C ALA A 630 3.50 27.43 31.30
N VAL A 631 4.26 28.17 30.49
CA VAL A 631 3.95 29.57 30.22
C VAL A 631 2.55 29.72 29.60
N MET A 632 2.19 28.85 28.67
CA MET A 632 0.85 28.89 28.08
C MET A 632 -0.21 28.64 29.15
N CYS A 633 0.18 27.98 30.23
CA CYS A 633 -0.74 27.71 31.30
C CYS A 633 -0.70 28.79 32.38
N GLY A 634 -0.11 29.93 32.05
CA GLY A 634 -0.03 31.04 33.00
C GLY A 634 0.90 30.78 34.17
N MET A 635 1.73 29.73 34.05
CA MET A 635 2.68 29.44 35.10
C MET A 635 3.99 30.22 34.92
N GLN A 636 4.69 30.43 36.02
CA GLN A 636 6.00 31.05 36.00
C GLN A 636 7.01 29.95 36.26
N VAL A 637 7.92 29.73 35.30
CA VAL A 637 8.87 28.63 35.39
C VAL A 637 10.02 28.93 36.36
N VAL A 638 10.29 27.99 37.26
CA VAL A 638 11.47 28.05 38.13
C VAL A 638 12.37 26.85 37.84
N PRO A 639 13.57 27.12 37.32
CA PRO A 639 14.51 26.06 36.91
C PRO A 639 15.04 25.29 38.10
N VAL A 640 15.13 23.97 37.99
CA VAL A 640 15.75 23.17 39.04
C VAL A 640 17.05 22.60 38.47
N LYS A 641 18.12 22.65 39.25
CA LYS A 641 19.44 22.32 38.72
C LYS A 641 19.73 20.81 38.63
N CME A 642 20.60 20.43 37.70
CA CME A 642 21.07 19.08 37.61
CB CME A 642 21.48 18.82 36.19
SG CME A 642 20.19 18.77 34.97
SD CME A 642 18.55 17.98 35.83
CE CME A 642 18.78 16.23 35.97
CZ CME A 642 17.82 15.33 35.27
OH CME A 642 17.94 15.22 33.90
C CME A 642 22.29 18.86 38.46
O CME A 642 22.97 19.82 38.82
N ASP A 643 22.58 17.60 38.76
CA ASP A 643 23.78 17.19 39.49
C ASP A 643 25.07 17.49 38.74
N GLY A 644 26.19 17.09 39.36
CA GLY A 644 27.46 17.01 38.67
C GLY A 644 27.63 15.60 38.14
N GLU A 645 26.71 14.73 38.54
CA GLU A 645 26.65 13.36 38.03
C GLU A 645 25.45 13.24 37.09
N GLY A 646 24.92 14.38 36.67
CA GLY A 646 23.86 14.42 35.67
C GLY A 646 22.50 13.94 36.15
N ASN A 647 22.32 13.85 37.47
CA ASN A 647 21.01 13.55 38.04
C ASN A 647 20.33 14.82 38.55
N ILE A 648 19.07 14.72 38.96
CA ILE A 648 18.37 15.88 39.51
C ILE A 648 18.88 16.24 40.91
N ASP A 649 19.14 17.52 41.13
CA ASP A 649 19.69 18.03 42.39
C ASP A 649 18.58 18.33 43.41
N VAL A 650 18.40 17.43 44.38
CA VAL A 650 17.36 17.56 45.40
C VAL A 650 17.42 18.83 46.26
N GLU A 651 18.62 19.31 46.56
CA GLU A 651 18.73 20.48 47.43
C GLU A 651 18.33 21.79 46.75
N ASP A 652 18.64 21.94 45.46
CA ASP A 652 18.16 23.11 44.72
C ASP A 652 16.65 23.00 44.57
N LEU A 653 16.18 21.77 44.41
CA LEU A 653 14.76 21.46 44.31
C LEU A 653 14.05 21.90 45.58
N THR A 654 14.56 21.41 46.70
CA THR A 654 14.07 21.77 48.03
C THR A 654 14.13 23.26 48.31
N SER A 655 15.30 23.86 48.08
CA SER A 655 15.50 25.29 48.27
C SER A 655 14.46 26.08 47.49
N LYS A 656 14.17 25.65 46.28
CA LYS A 656 13.17 26.32 45.48
C LYS A 656 11.75 25.87 45.83
N ALA A 657 11.62 24.63 46.30
CA ALA A 657 10.32 24.15 46.78
C ALA A 657 9.93 24.80 48.09
N GLU A 658 10.89 25.40 48.79
CA GLU A 658 10.64 26.14 50.02
C GLU A 658 10.41 27.61 49.70
N LYS A 659 11.39 28.21 49.03
CA LYS A 659 11.37 29.60 48.61
C LYS A 659 10.00 29.94 48.02
N TYR A 660 9.52 29.04 47.17
CA TYR A 660 8.25 29.21 46.48
C TYR A 660 7.14 28.31 47.04
N GLY A 661 7.41 27.69 48.20
CA GLY A 661 6.54 26.70 48.82
C GLY A 661 5.03 26.93 48.90
N ASP A 662 4.61 28.19 49.08
CA ASP A 662 3.19 28.48 49.18
C ASP A 662 2.64 29.03 47.86
N ARG A 663 3.49 29.02 46.84
CA ARG A 663 3.11 29.45 45.51
C ARG A 663 3.26 28.29 44.54
N LEU A 664 3.52 27.12 45.09
CA LEU A 664 3.93 25.98 44.28
C LEU A 664 2.77 25.27 43.61
N ALA A 665 2.77 25.25 42.28
CA ALA A 665 1.71 24.58 41.55
C ALA A 665 2.11 23.18 41.10
N ALA A 666 3.31 23.06 40.52
CA ALA A 666 3.69 21.83 39.83
C ALA A 666 5.19 21.57 39.78
N LEU A 667 5.54 20.31 39.62
CA LEU A 667 6.86 19.94 39.13
C LEU A 667 6.68 19.10 37.87
N MET A 668 7.35 19.48 36.79
CA MET A 668 7.34 18.66 35.58
C MET A 668 8.60 17.82 35.53
N VAL A 669 8.42 16.52 35.43
CA VAL A 669 9.57 15.62 35.45
C VAL A 669 9.41 14.58 34.33
N THR A 670 10.53 14.07 33.83
CA THR A 670 10.49 12.99 32.87
C THR A 670 11.10 11.77 33.54
N TYR A 671 10.47 10.61 33.37
CA TYR A 671 11.02 9.41 33.98
C TYR A 671 11.06 8.22 33.01
N PRO A 672 12.25 7.58 32.85
CA PRO A 672 13.54 8.01 33.42
C PRO A 672 13.95 9.37 32.86
N SER A 673 14.95 10.00 33.47
CA SER A 673 15.34 11.38 33.15
C SER A 673 15.62 11.61 31.66
N THR A 674 15.70 12.87 31.26
CA THR A 674 16.04 13.20 29.87
C THR A 674 17.45 12.71 29.55
N HIS A 675 18.26 12.53 30.60
CA HIS A 675 19.60 11.98 30.46
C HIS A 675 19.57 10.45 30.35
N GLY A 676 18.37 9.89 30.33
CA GLY A 676 18.21 8.44 30.24
C GLY A 676 18.45 7.68 31.53
N VAL A 677 18.35 8.36 32.67
CA VAL A 677 18.64 7.73 33.96
C VAL A 677 17.41 7.32 34.76
N PHE A 678 17.38 6.05 35.17
CA PHE A 678 16.43 5.56 36.16
C PHE A 678 16.80 6.08 37.55
N GLU A 679 16.54 7.36 37.80
CA GLU A 679 16.83 7.97 39.10
C GLU A 679 16.01 7.29 40.19
N ALA A 680 16.69 6.55 41.08
CA ALA A 680 16.03 5.82 42.17
C ALA A 680 15.56 6.76 43.28
N THR A 681 15.82 8.04 43.09
CA THR A 681 15.37 9.07 44.02
C THR A 681 14.00 9.63 43.63
N ILE A 682 13.36 9.01 42.64
CA ILE A 682 12.12 9.54 42.05
C ILE A 682 10.95 9.70 43.03
N GLY A 683 10.74 8.72 43.90
CA GLY A 683 9.65 8.75 44.85
C GLY A 683 9.81 9.86 45.87
N THR A 684 11.05 10.14 46.24
CA THR A 684 11.35 11.16 47.24
C THR A 684 11.14 12.56 46.68
N ILE A 685 11.50 12.74 45.42
CA ILE A 685 11.27 14.00 44.74
C ILE A 685 9.78 14.31 44.72
N CYS A 686 8.98 13.30 44.40
CA CYS A 686 7.52 13.41 44.44
C CYS A 686 7.04 13.72 45.87
N ASP A 687 7.50 12.92 46.84
CA ASP A 687 7.13 13.13 48.25
C ASP A 687 7.44 14.56 48.70
N ILE A 688 8.49 15.15 48.12
CA ILE A 688 8.86 16.52 48.44
C ILE A 688 7.86 17.55 47.90
N VAL A 689 7.58 17.48 46.60
CA VAL A 689 6.69 18.44 45.95
C VAL A 689 5.33 18.47 46.63
N HIS A 690 4.83 17.29 46.98
CA HIS A 690 3.55 17.19 47.65
C HIS A 690 3.60 17.89 49.00
N ARG A 691 4.73 17.74 49.70
CA ARG A 691 4.92 18.35 51.01
C ARG A 691 4.70 19.86 50.97
N PHE A 692 5.02 20.46 49.82
CA PHE A 692 4.88 21.90 49.67
C PHE A 692 3.66 22.32 48.85
N GLY A 693 2.73 21.39 48.65
CA GLY A 693 1.45 21.71 48.05
C GLY A 693 1.34 21.51 46.55
N GLY A 694 2.46 21.25 45.89
CA GLY A 694 2.45 21.12 44.45
C GLY A 694 1.99 19.76 43.96
N GLU A 695 1.69 19.68 42.66
CA GLU A 695 1.34 18.42 42.02
C GLU A 695 2.51 17.97 41.14
N VAL A 696 2.55 16.68 40.83
CA VAL A 696 3.63 16.16 40.00
C VAL A 696 3.11 15.75 38.64
N TYR A 697 3.72 16.28 37.59
CA TYR A 697 3.38 15.90 36.23
C TYR A 697 4.56 15.16 35.61
N MET A 698 4.31 13.99 35.01
CA MET A 698 5.38 13.29 34.31
C MET A 698 5.22 13.34 32.79
N ASP A 699 6.27 13.83 32.13
CA ASP A 699 6.34 13.77 30.67
C ASP A 699 6.61 12.33 30.25
N GLY A 700 5.83 11.82 29.31
CA GLY A 700 5.90 10.40 28.97
C GLY A 700 6.86 10.05 27.85
N ALA A 701 7.80 10.95 27.57
CA ALA A 701 8.73 10.75 26.45
C ALA A 701 9.50 9.43 26.56
N ASN A 702 9.87 9.08 27.79
CA ASN A 702 10.71 7.90 28.01
C ASN A 702 9.94 6.68 28.54
N MET A 703 8.65 6.64 28.23
CA MET A 703 7.76 5.59 28.74
C MET A 703 8.07 4.21 28.16
N ASN A 704 8.84 4.16 27.06
CA ASN A 704 9.24 2.85 26.52
C ASN A 704 10.21 2.10 27.43
N ALA A 705 10.77 2.80 28.41
CA ALA A 705 11.63 2.15 29.39
C ALA A 705 10.83 1.71 30.61
N GLN A 706 9.54 2.02 30.63
CA GLN A 706 8.73 1.78 31.83
C GLN A 706 7.70 0.66 31.74
N VAL A 707 7.10 0.45 30.56
CA VAL A 707 5.92 -0.42 30.47
C VAL A 707 6.13 -1.82 31.08
N GLY A 708 5.41 -2.09 32.17
CA GLY A 708 5.45 -3.38 32.81
C GLY A 708 6.53 -3.47 33.89
N LEU A 709 7.40 -2.47 33.90
CA LEU A 709 8.53 -2.46 34.84
C LEU A 709 8.30 -1.45 35.97
N CYS A 710 7.57 -0.38 35.66
CA CYS A 710 7.15 0.58 36.68
C CYS A 710 6.01 1.47 36.18
N ARG A 711 5.29 2.06 37.12
CA ARG A 711 4.12 2.87 36.81
C ARG A 711 4.23 4.24 37.48
N PRO A 712 4.04 5.29 36.68
CA PRO A 712 4.13 6.69 37.10
C PRO A 712 3.27 7.00 38.33
N ALA A 713 2.02 6.55 38.32
CA ALA A 713 1.13 6.81 39.45
C ALA A 713 1.67 6.19 40.74
N ASP A 714 2.36 5.06 40.61
CA ASP A 714 2.87 4.37 41.79
C ASP A 714 4.00 5.12 42.49
N PHE A 715 4.83 5.84 41.71
CA PHE A 715 5.96 6.53 42.34
C PHE A 715 5.67 7.98 42.78
N GLY A 716 4.47 8.48 42.49
CA GLY A 716 4.05 9.77 43.00
C GLY A 716 3.58 10.78 41.98
N ALA A 717 3.60 10.44 40.69
CA ALA A 717 3.05 11.33 39.68
C ALA A 717 1.54 11.42 39.86
N ASP A 718 0.99 12.63 39.70
CA ASP A 718 -0.45 12.85 39.80
C ASP A 718 -1.10 12.88 38.43
N VAL A 719 -0.28 13.10 37.41
CA VAL A 719 -0.75 13.16 36.03
C VAL A 719 0.44 12.94 35.11
N CYS A 720 0.19 12.29 33.98
CA CYS A 720 1.21 12.17 32.96
C CYS A 720 0.53 12.26 31.61
N HIS A 721 1.32 12.44 30.56
CA HIS A 721 0.82 12.15 29.22
C HIS A 721 1.63 11.01 28.60
N LEU A 722 1.02 10.32 27.66
CA LEU A 722 1.70 9.26 26.94
C LEU A 722 1.82 9.72 25.50
N ASN A 723 2.90 9.34 24.82
CA ASN A 723 3.01 9.60 23.39
C ASN A 723 2.70 8.31 22.66
N LEU A 724 1.46 8.16 22.20
CA LEU A 724 1.06 6.93 21.53
C LEU A 724 1.87 6.70 20.26
N HIS A 725 2.34 7.79 19.65
CA HIS A 725 3.16 7.72 18.43
C HIS A 725 4.62 7.42 18.75
N LYS A 726 4.92 7.20 20.02
CA LYS A 726 6.27 6.78 20.37
C LYS A 726 6.22 5.39 20.97
N THR A 727 5.73 5.32 22.21
CA THR A 727 5.68 4.08 22.96
C THR A 727 4.68 3.06 22.37
N PHE A 728 3.60 3.56 21.77
CA PHE A 728 2.48 2.67 21.42
C PHE A 728 2.16 2.57 19.93
N CYS A 729 3.18 2.79 19.10
CA CYS A 729 3.19 2.39 17.69
C CYS A 729 2.45 3.22 16.66
N ILE A 730 1.75 4.28 17.07
CA ILE A 730 1.22 5.20 16.04
C ILE A 730 2.44 5.71 15.26
N PRO A 731 2.37 5.66 13.92
CA PRO A 731 3.58 6.01 13.17
C PRO A 731 3.96 7.49 13.29
N HIS A 732 5.22 7.80 12.98
CA HIS A 732 5.73 9.15 13.22
C HIS A 732 5.32 10.11 12.10
N GLY A 733 4.76 9.54 11.02
CA GLY A 733 4.06 10.32 10.00
C GLY A 733 4.93 11.25 9.17
N GLY A 734 6.24 11.12 9.31
CA GLY A 734 7.14 12.02 8.62
C GLY A 734 7.27 13.33 9.38
N GLY A 735 6.73 13.36 10.61
N GLY A 735 6.74 13.35 10.61
CA GLY A 735 6.88 14.52 11.48
CA GLY A 735 6.74 14.54 11.42
C GLY A 735 5.68 14.95 12.33
C GLY A 735 5.43 14.75 12.17
N GLY A 736 4.66 14.09 12.44
N GLY A 736 4.39 14.04 11.73
CA GLY A 736 3.40 14.46 13.08
CA GLY A 736 3.08 14.09 12.39
C GLY A 736 3.34 14.57 14.59
C GLY A 736 2.11 13.24 11.60
N PRO A 737 2.19 15.08 15.10
N PRO A 737 1.02 12.75 12.23
CA PRO A 737 1.93 15.22 16.53
CA PRO A 737 0.44 13.10 13.52
C PRO A 737 1.55 13.91 17.20
C PRO A 737 0.95 12.25 14.67
N GLY A 738 1.03 12.95 16.43
N GLY A 738 0.43 12.58 15.85
CA GLY A 738 0.51 11.72 16.98
CA GLY A 738 0.61 11.80 17.05
C GLY A 738 -0.65 11.97 17.93
C GLY A 738 -0.60 12.00 17.96
N MET A 739 -0.61 11.36 19.11
CA MET A 739 -1.66 11.56 20.11
C MET A 739 -1.01 11.58 21.48
N GLY A 740 -1.50 12.43 22.38
CA GLY A 740 -0.93 12.55 23.70
C GLY A 740 -1.93 12.47 24.84
N PRO A 741 -2.58 11.30 25.00
CA PRO A 741 -3.58 11.16 26.08
C PRO A 741 -2.95 11.39 27.43
N ILE A 742 -3.74 11.86 28.38
CA ILE A 742 -3.23 12.06 29.72
C ILE A 742 -3.90 11.10 30.70
N GLY A 743 -3.13 10.66 31.69
CA GLY A 743 -3.67 9.86 32.79
C GLY A 743 -3.63 10.72 34.04
N VAL A 744 -4.63 10.58 34.90
CA VAL A 744 -4.67 11.37 36.12
C VAL A 744 -5.16 10.53 37.29
N LYS A 745 -4.83 10.95 38.51
CA LYS A 745 -5.39 10.31 39.68
C LYS A 745 -6.80 10.83 39.95
N SER A 746 -7.51 10.16 40.86
CA SER A 746 -8.94 10.40 41.08
C SER A 746 -9.23 11.85 41.37
N HIS A 747 -8.35 12.48 42.15
CA HIS A 747 -8.57 13.87 42.57
C HIS A 747 -8.49 14.88 41.41
N LEU A 748 -7.94 14.47 40.28
CA LEU A 748 -7.88 15.36 39.12
C LEU A 748 -8.91 15.00 38.06
N GLN A 749 -9.70 13.96 38.31
CA GLN A 749 -10.59 13.40 37.28
C GLN A 749 -11.64 14.39 36.81
N ALA A 750 -12.16 15.18 37.76
CA ALA A 750 -13.21 16.15 37.48
C ALA A 750 -12.82 17.21 36.45
N PHE A 751 -11.52 17.40 36.25
CA PHE A 751 -11.03 18.52 35.44
C PHE A 751 -10.67 18.18 34.00
N LEU A 752 -10.76 16.91 33.64
CA LEU A 752 -10.42 16.45 32.29
C LEU A 752 -11.25 17.18 31.23
N PRO A 753 -10.69 17.34 30.02
CA PRO A 753 -11.40 17.91 28.86
C PRO A 753 -12.73 17.19 28.59
N ARG A 754 -13.74 17.93 28.11
CA ARG A 754 -15.06 17.38 27.86
C ARG A 754 -15.10 16.37 26.71
N THR A 755 -15.87 15.30 26.89
CA THR A 755 -15.91 14.23 25.88
C THR A 755 -17.10 14.43 24.94
N SER A 756 -17.78 15.55 25.10
CA SER A 756 -18.91 15.90 24.24
C SER A 756 -19.03 17.41 24.09
N LEU A 757 -19.88 17.84 23.15
CA LEU A 757 -20.07 19.26 22.88
C LEU A 757 -21.31 19.81 23.60
N ASP A 767 -19.94 21.46 36.17
CA ASP A 767 -18.84 21.18 35.25
C ASP A 767 -17.55 21.87 35.69
N GLN A 768 -16.56 21.09 36.07
CA GLN A 768 -15.26 21.64 36.48
C GLN A 768 -14.20 21.39 35.41
N SER A 769 -14.66 20.99 34.23
CA SER A 769 -13.76 20.71 33.11
C SER A 769 -12.99 21.94 32.64
N ILE A 770 -11.75 21.73 32.23
CA ILE A 770 -10.92 22.80 31.69
C ILE A 770 -11.45 23.27 30.33
N GLY A 771 -12.31 22.44 29.73
CA GLY A 771 -12.94 22.75 28.46
C GLY A 771 -12.49 21.81 27.36
N MET A 772 -11.97 22.38 26.28
N MET A 772 -11.99 22.35 26.27
CA MET A 772 -11.51 21.59 25.14
CA MET A 772 -11.50 21.53 25.16
C MET A 772 -10.04 21.87 24.81
C MET A 772 -10.06 21.85 24.80
N ILE A 773 -9.23 20.82 24.79
CA ILE A 773 -7.82 20.92 24.42
C ILE A 773 -7.71 20.74 22.90
N SER A 774 -8.49 19.81 22.37
CA SER A 774 -8.53 19.55 20.93
C SER A 774 -9.89 19.99 20.36
N ALA A 775 -9.95 20.18 19.04
CA ALA A 775 -11.21 20.57 18.39
C ALA A 775 -12.26 19.48 18.53
N ALA A 776 -11.82 18.22 18.40
CA ALA A 776 -12.71 17.07 18.46
C ALA A 776 -12.62 16.41 19.84
N PRO A 777 -13.76 15.94 20.38
CA PRO A 777 -13.79 15.37 21.73
C PRO A 777 -12.79 14.23 21.96
N TYR A 778 -12.52 13.42 20.95
CA TYR A 778 -11.53 12.36 21.08
C TYR A 778 -10.32 12.57 20.18
N GLY A 779 -10.01 13.84 19.90
CA GLY A 779 -8.85 14.18 19.09
C GLY A 779 -8.87 13.47 17.74
N SER A 780 -7.72 12.91 17.36
CA SER A 780 -7.64 12.17 16.11
C SER A 780 -8.06 10.73 16.36
N ALA A 781 -9.36 10.52 16.54
CA ALA A 781 -9.88 9.25 17.06
C ALA A 781 -9.48 8.03 16.22
N SER A 782 -9.48 8.18 14.90
CA SER A 782 -9.26 7.03 14.02
C SER A 782 -7.89 6.35 14.19
N ILE A 783 -6.87 7.09 14.62
CA ILE A 783 -5.55 6.46 14.76
C ILE A 783 -5.37 5.77 16.11
N LEU A 784 -6.32 5.98 17.02
CA LEU A 784 -6.32 5.27 18.29
C LEU A 784 -6.40 3.74 18.13
N VAL A 785 -6.94 3.25 17.01
CA VAL A 785 -7.07 1.83 16.78
C VAL A 785 -5.69 1.14 16.72
N ILE A 786 -4.68 1.90 16.31
CA ILE A 786 -3.31 1.40 16.19
C ILE A 786 -2.78 0.96 17.55
N SER A 787 -2.92 1.83 18.55
CA SER A 787 -2.46 1.51 19.89
C SER A 787 -3.32 0.42 20.54
N TRP A 788 -4.59 0.38 20.17
CA TRP A 788 -5.47 -0.70 20.62
C TRP A 788 -4.94 -2.04 20.10
N MET A 789 -4.64 -2.09 18.81
CA MET A 789 -4.12 -3.30 18.17
C MET A 789 -2.80 -3.74 18.81
N TYR A 790 -1.90 -2.80 19.04
CA TYR A 790 -0.61 -3.11 19.65
C TYR A 790 -0.81 -3.81 20.98
N ILE A 791 -1.63 -3.23 21.84
CA ILE A 791 -1.86 -3.81 23.17
C ILE A 791 -2.54 -5.19 23.09
N ALA A 792 -3.53 -5.32 22.21
CA ALA A 792 -4.24 -6.58 22.05
C ALA A 792 -3.33 -7.73 21.56
N MET A 793 -2.41 -7.40 20.65
CA MET A 793 -1.53 -8.42 20.07
C MET A 793 -0.36 -8.76 21.00
N MET A 794 0.09 -7.79 21.80
CA MET A 794 1.23 -8.02 22.69
C MET A 794 0.84 -8.68 24.00
N GLY A 795 -0.25 -8.20 24.60
CA GLY A 795 -0.66 -8.68 25.91
C GLY A 795 0.27 -8.16 27.01
N PRO A 796 -0.02 -8.55 28.26
CA PRO A 796 0.81 -8.19 29.41
C PRO A 796 2.26 -8.61 29.22
N GLN A 797 2.46 -9.87 28.80
CA GLN A 797 3.79 -10.45 28.71
C GLN A 797 4.57 -9.81 27.56
N GLY A 798 3.88 -9.54 26.46
CA GLY A 798 4.53 -8.95 25.31
C GLY A 798 4.98 -7.53 25.58
N LEU A 799 4.10 -6.72 26.16
CA LEU A 799 4.39 -5.31 26.38
C LEU A 799 5.59 -5.16 27.31
N THR A 800 5.67 -6.03 28.30
CA THR A 800 6.75 -5.97 29.27
C THR A 800 8.06 -6.43 28.66
N LYS A 801 8.01 -7.50 27.87
CA LYS A 801 9.21 -8.00 27.21
C LYS A 801 9.79 -6.98 26.25
N ALA A 802 8.90 -6.23 25.59
CA ALA A 802 9.34 -5.21 24.64
C ALA A 802 10.18 -4.17 25.36
N THR A 803 9.72 -3.78 26.55
CA THR A 803 10.43 -2.80 27.35
C THR A 803 11.81 -3.31 27.73
N GLU A 804 11.85 -4.57 28.14
CA GLU A 804 13.10 -5.18 28.60
C GLU A 804 14.10 -5.32 27.45
N VAL A 805 13.62 -5.70 26.27
CA VAL A 805 14.51 -5.82 25.12
C VAL A 805 15.01 -4.43 24.66
N ALA A 806 14.17 -3.42 24.76
CA ALA A 806 14.62 -2.07 24.40
C ALA A 806 15.79 -1.64 25.30
N ILE A 807 15.75 -2.08 26.54
CA ILE A 807 16.79 -1.76 27.50
C ILE A 807 18.04 -2.59 27.19
N LEU A 808 17.81 -3.84 26.79
CA LEU A 808 18.89 -4.73 26.38
C LEU A 808 19.66 -4.16 25.21
N SER A 809 18.93 -3.69 24.19
CA SER A 809 19.55 -3.20 22.98
C SER A 809 20.33 -1.91 23.19
N ALA A 810 19.79 -1.01 24.01
CA ALA A 810 20.51 0.20 24.38
C ALA A 810 21.81 -0.14 25.12
N ASN A 811 21.74 -1.06 26.07
CA ASN A 811 22.92 -1.46 26.81
C ASN A 811 23.93 -2.18 25.93
N TYR A 812 23.44 -2.94 24.97
CA TYR A 812 24.30 -3.64 24.03
C TYR A 812 25.10 -2.65 23.21
N MET A 813 24.40 -1.63 22.69
CA MET A 813 25.06 -0.61 21.88
C MET A 813 26.06 0.18 22.71
N ALA A 814 25.65 0.58 23.92
CA ALA A 814 26.55 1.29 24.82
C ALA A 814 27.83 0.51 25.02
N LYS A 815 27.70 -0.80 25.23
CA LYS A 815 28.86 -1.64 25.52
C LYS A 815 29.80 -1.75 24.32
N ARG A 816 29.21 -1.83 23.12
CA ARG A 816 30.01 -1.93 21.90
C ARG A 816 30.81 -0.65 21.60
N LEU A 817 30.25 0.49 21.98
CA LEU A 817 30.86 1.77 21.62
C LEU A 817 31.67 2.45 22.73
N GLU A 818 31.61 1.90 23.95
CA GLU A 818 32.20 2.56 25.12
C GLU A 818 33.70 2.84 25.03
N ASN A 819 34.43 2.02 24.29
CA ASN A 819 35.87 2.23 24.11
C ASN A 819 36.20 3.27 23.03
N TYR A 820 35.18 3.68 22.28
CA TYR A 820 35.35 4.66 21.21
C TYR A 820 34.76 6.01 21.59
N TYR A 821 33.58 5.97 22.22
CA TYR A 821 32.90 7.17 22.66
C TYR A 821 32.53 7.00 24.13
N PRO A 822 32.90 7.99 24.96
CA PRO A 822 32.46 7.91 26.36
C PRO A 822 30.94 7.86 26.46
N ILE A 823 30.42 6.97 27.29
CA ILE A 823 28.98 6.88 27.51
C ILE A 823 28.67 7.75 28.71
N LEU A 824 27.71 8.65 28.58
CA LEU A 824 27.39 9.56 29.68
C LEU A 824 26.24 9.03 30.51
N PHE A 825 26.24 9.35 31.80
CA PHE A 825 25.07 9.17 32.66
C PHE A 825 24.62 7.71 32.82
N ARG A 826 25.49 6.89 33.41
CA ARG A 826 25.17 5.49 33.66
C ARG A 826 24.60 5.22 35.06
N GLY A 827 24.33 3.94 35.34
CA GLY A 827 23.73 3.51 36.59
C GLY A 827 24.63 3.53 37.81
N ASN A 828 24.49 2.61 38.78
CA ASN A 828 23.65 1.38 38.80
C ASN A 828 24.13 0.25 37.89
N ASN A 829 25.18 -0.44 38.35
CA ASN A 829 25.93 -1.42 37.55
C ASN A 829 26.53 -0.75 36.33
N GLU A 830 26.43 0.58 36.30
CA GLU A 830 26.77 1.38 35.13
C GLU A 830 26.06 0.86 33.87
N LEU A 831 24.75 0.67 34.01
CA LEU A 831 23.88 0.35 32.88
C LEU A 831 23.18 1.62 32.44
N VAL A 832 22.61 1.59 31.24
CA VAL A 832 21.71 2.64 30.82
C VAL A 832 20.30 2.07 30.88
N ALA A 833 19.32 2.89 30.52
CA ALA A 833 17.94 2.43 30.38
C ALA A 833 17.71 2.10 28.90
N HIS A 834 16.78 2.81 28.27
CA HIS A 834 16.43 2.54 26.87
C HIS A 834 17.21 3.36 25.87
N GLU A 835 18.08 4.24 26.35
CA GLU A 835 18.87 5.05 25.44
C GLU A 835 20.29 5.28 25.93
N CYS A 836 21.19 5.53 25.00
CA CYS A 836 22.58 5.71 25.35
C CYS A 836 23.12 7.00 24.74
N ILE A 837 23.83 7.77 25.55
CA ILE A 837 24.33 9.07 25.14
C ILE A 837 25.83 9.02 24.82
N LEU A 838 26.16 9.18 23.54
CA LEU A 838 27.53 9.16 23.08
C LEU A 838 28.18 10.55 23.14
N ASP A 839 29.36 10.64 23.75
CA ASP A 839 30.06 11.91 23.87
C ASP A 839 30.96 12.13 22.65
N LEU A 840 30.60 13.07 21.80
CA LEU A 840 31.37 13.35 20.58
C LEU A 840 32.29 14.56 20.75
N ARG A 841 32.22 15.19 21.92
CA ARG A 841 33.04 16.36 22.21
C ARG A 841 34.56 16.10 22.09
N PRO A 842 35.04 14.90 22.48
CA PRO A 842 36.44 14.62 22.18
C PRO A 842 36.81 14.77 20.69
N LEU A 843 35.91 14.40 19.78
CA LEU A 843 36.21 14.50 18.35
C LEU A 843 36.42 15.95 17.91
N LYS A 844 35.70 16.88 18.54
CA LYS A 844 35.91 18.29 18.23
C LYS A 844 37.22 18.79 18.80
N LYS A 845 37.54 18.36 20.02
CA LYS A 845 38.80 18.76 20.63
C LYS A 845 39.99 18.18 19.88
N GLN A 846 39.85 16.96 19.37
CA GLN A 846 40.98 16.27 18.74
C GLN A 846 41.05 16.51 17.24
N ALA A 847 39.90 16.56 16.59
CA ALA A 847 39.88 16.58 15.12
C ALA A 847 39.12 17.75 14.55
N ALA A 848 38.58 18.60 15.42
CA ALA A 848 37.70 19.70 15.03
C ALA A 848 36.50 19.17 14.24
N ILE A 849 36.10 17.94 14.56
CA ILE A 849 34.90 17.34 13.99
C ILE A 849 33.69 17.75 14.83
N GLU A 850 32.64 18.25 14.17
CA GLU A 850 31.42 18.64 14.85
C GLU A 850 30.41 17.52 14.78
N VAL A 851 29.48 17.51 15.73
CA VAL A 851 28.46 16.48 15.77
C VAL A 851 27.69 16.41 14.43
N GLU A 852 27.52 17.57 13.78
CA GLU A 852 26.80 17.61 12.49
C GLU A 852 27.58 16.88 11.39
N ASP A 853 28.91 16.93 11.48
CA ASP A 853 29.76 16.22 10.54
C ASP A 853 29.47 14.72 10.65
N VAL A 854 29.45 14.21 11.87
CA VAL A 854 29.16 12.81 12.11
C VAL A 854 27.76 12.45 11.62
N ALA A 855 26.80 13.33 11.88
CA ALA A 855 25.43 13.14 11.41
C ALA A 855 25.30 12.99 9.89
N LYS A 856 25.98 13.85 9.13
CA LYS A 856 25.91 13.73 7.67
C LYS A 856 26.70 12.54 7.16
N ARG A 857 27.82 12.24 7.81
CA ARG A 857 28.66 11.11 7.38
C ARG A 857 27.90 9.80 7.52
N LEU A 858 27.08 9.70 8.58
CA LEU A 858 26.20 8.54 8.75
C LEU A 858 25.33 8.27 7.52
N MET A 859 24.92 9.33 6.83
CA MET A 859 24.12 9.16 5.62
C MET A 859 24.86 8.35 4.56
N ASP A 860 26.17 8.54 4.47
CA ASP A 860 26.97 7.80 3.51
C ASP A 860 27.05 6.30 3.84
N PHE A 861 26.77 5.96 5.11
CA PHE A 861 26.70 4.57 5.57
C PHE A 861 25.28 4.02 5.47
N GLY A 862 24.34 4.87 5.05
CA GLY A 862 22.95 4.49 4.91
C GLY A 862 22.10 4.64 6.16
N PHE A 863 22.53 5.49 7.09
CA PHE A 863 21.80 5.70 8.34
C PHE A 863 21.36 7.15 8.54
N HIS A 864 20.15 7.30 9.06
CA HIS A 864 19.65 8.55 9.62
C HIS A 864 20.33 8.74 10.98
N ALA A 865 20.75 9.97 11.30
CA ALA A 865 21.46 10.23 12.54
C ALA A 865 20.56 9.99 13.74
N PRO A 866 21.17 9.72 14.92
CA PRO A 866 20.34 9.70 16.13
C PRO A 866 20.05 11.14 16.55
N THR A 867 19.48 11.32 17.74
CA THR A 867 19.16 12.66 18.20
C THR A 867 20.42 13.47 18.45
N VAL A 868 20.46 14.70 17.93
CA VAL A 868 21.68 15.51 17.95
C VAL A 868 21.68 16.66 18.95
N SER A 869 22.69 16.68 19.81
CA SER A 869 22.97 17.80 20.73
C SER A 869 21.90 18.11 21.78
N TRP A 870 21.01 17.14 22.04
CA TRP A 870 20.05 17.24 23.13
C TRP A 870 19.97 15.90 23.86
N PRO A 871 19.94 15.90 25.21
CA PRO A 871 19.98 17.05 26.13
C PRO A 871 21.37 17.66 26.28
N VAL A 872 22.41 17.00 25.78
CA VAL A 872 23.75 17.54 25.95
C VAL A 872 24.34 18.02 24.64
N LEU A 873 24.70 19.30 24.60
CA LEU A 873 25.27 19.91 23.40
C LEU A 873 26.55 19.18 23.00
N GLY A 874 26.65 18.83 21.71
CA GLY A 874 27.87 18.23 21.19
C GLY A 874 27.91 16.72 21.35
N THR A 875 26.75 16.12 21.64
CA THR A 875 26.65 14.67 21.83
C THR A 875 25.53 14.09 20.97
N MET A 876 25.45 12.76 20.97
CA MET A 876 24.35 12.08 20.29
C MET A 876 23.61 11.15 21.25
N MET A 877 22.29 11.14 21.16
CA MET A 877 21.51 10.25 22.01
C MET A 877 20.86 9.18 21.15
N VAL A 878 21.21 7.93 21.41
CA VAL A 878 20.82 6.82 20.54
C VAL A 878 19.79 5.94 21.24
N GLU A 879 18.64 5.76 20.59
CA GLU A 879 17.61 4.85 21.10
C GLU A 879 17.23 3.85 20.03
N PRO A 880 17.74 2.62 20.13
CA PRO A 880 17.47 1.62 19.09
C PRO A 880 16.03 1.08 19.12
N THR A 881 15.38 1.10 20.28
CA THR A 881 14.12 0.38 20.52
C THR A 881 14.30 -1.14 20.39
N GLU A 882 13.23 -1.85 20.73
CA GLU A 882 13.23 -3.30 20.77
C GLU A 882 12.95 -3.93 19.39
N SER A 883 12.62 -3.11 18.39
CA SER A 883 12.18 -3.63 17.10
C SER A 883 13.29 -3.88 16.08
N GLU A 884 14.52 -3.50 16.43
CA GLU A 884 15.62 -3.56 15.50
C GLU A 884 16.50 -4.77 15.76
N SER A 885 16.88 -5.46 14.68
CA SER A 885 17.66 -6.70 14.79
C SER A 885 19.07 -6.46 15.27
N LEU A 886 19.68 -7.52 15.82
CA LEU A 886 21.08 -7.48 16.23
C LEU A 886 21.95 -7.05 15.05
N GLY A 887 21.63 -7.59 13.87
CA GLY A 887 22.36 -7.25 12.66
C GLY A 887 22.35 -5.76 12.39
N GLU A 888 21.19 -5.13 12.53
CA GLU A 888 21.07 -3.70 12.29
C GLU A 888 21.79 -2.89 13.38
N LEU A 889 21.70 -3.33 14.63
CA LEU A 889 22.42 -2.66 15.71
C LEU A 889 23.93 -2.69 15.46
N ASP A 890 24.43 -3.85 15.02
CA ASP A 890 25.86 -4.03 14.80
C ASP A 890 26.36 -3.14 13.67
N ARG A 891 25.56 -3.02 12.62
CA ARG A 891 25.91 -2.15 11.51
C ARG A 891 26.02 -0.69 11.93
N PHE A 892 25.07 -0.22 12.75
CA PHE A 892 25.15 1.15 13.25
C PHE A 892 26.42 1.34 14.08
N CYS A 893 26.70 0.40 14.98
CA CYS A 893 27.91 0.47 15.79
C CYS A 893 29.16 0.46 14.93
N ASP A 894 29.17 -0.39 13.91
CA ASP A 894 30.31 -0.44 12.99
C ASP A 894 30.49 0.88 12.25
N ALA A 895 29.38 1.50 11.84
CA ALA A 895 29.44 2.81 11.21
C ALA A 895 30.09 3.85 12.15
N MET A 896 29.60 3.93 13.38
CA MET A 896 30.21 4.84 14.37
C MET A 896 31.69 4.54 14.62
N ILE A 897 32.06 3.26 14.60
CA ILE A 897 33.46 2.90 14.82
C ILE A 897 34.29 3.32 13.61
N ALA A 898 33.72 3.17 12.41
CA ALA A 898 34.40 3.59 11.20
C ALA A 898 34.62 5.11 11.20
N ILE A 899 33.61 5.84 11.67
CA ILE A 899 33.68 7.30 11.73
C ILE A 899 34.74 7.74 12.75
N TYR A 900 34.81 7.04 13.87
CA TYR A 900 35.88 7.26 14.87
C TYR A 900 37.26 7.18 14.22
N GLN A 901 37.44 6.19 13.35
CA GLN A 901 38.73 6.00 12.71
C GLN A 901 39.01 7.10 11.68
N GLU A 902 37.97 7.53 10.97
CA GLU A 902 38.11 8.67 10.07
C GLU A 902 38.57 9.90 10.86
N ALA A 903 37.97 10.12 12.03
CA ALA A 903 38.40 11.21 12.89
C ALA A 903 39.85 11.03 13.36
N GLN A 904 40.23 9.80 13.69
CA GLN A 904 41.61 9.50 14.08
C GLN A 904 42.60 9.90 12.97
N ALA A 905 42.23 9.63 11.71
CA ALA A 905 43.11 9.95 10.58
C ALA A 905 43.34 11.45 10.50
N ILE A 906 42.28 12.21 10.74
CA ILE A 906 42.37 13.67 10.84
C ILE A 906 43.27 14.10 11.99
N THR A 907 42.98 13.59 13.19
CA THR A 907 43.77 13.89 14.40
C THR A 907 45.27 13.62 14.20
N HIS A 908 45.59 12.48 13.59
CA HIS A 908 46.97 12.06 13.41
C HIS A 908 47.64 12.69 12.20
N GLY A 909 46.91 13.56 11.49
CA GLY A 909 47.46 14.23 10.33
C GLY A 909 47.67 13.34 9.12
N GLU A 910 46.84 12.30 8.99
CA GLU A 910 46.93 11.37 7.87
C GLU A 910 46.03 11.82 6.72
N ILE A 911 45.18 12.80 6.98
CA ILE A 911 44.34 13.37 5.94
C ILE A 911 44.10 14.85 6.21
N ASP A 912 43.93 15.63 5.14
CA ASP A 912 43.54 17.04 5.20
C ASP A 912 42.39 17.21 6.18
N PRO A 913 42.58 18.06 7.21
CA PRO A 913 41.56 18.24 8.24
C PRO A 913 40.33 18.98 7.73
N ALA A 914 40.47 19.70 6.62
CA ALA A 914 39.34 20.45 6.07
C ALA A 914 38.65 19.72 4.91
N ASP A 915 39.44 18.95 4.16
CA ASP A 915 38.92 18.24 2.99
C ASP A 915 38.97 16.73 3.24
N ASN A 916 37.89 16.20 3.82
CA ASN A 916 37.82 14.77 4.12
C ASN A 916 36.36 14.35 4.08
N PRO A 917 36.07 13.03 4.09
CA PRO A 917 34.68 12.60 3.97
C PRO A 917 33.74 13.17 5.04
N LEU A 918 34.23 13.33 6.27
CA LEU A 918 33.40 13.87 7.35
C LEU A 918 32.95 15.31 7.10
N LYS A 919 33.85 16.13 6.58
CA LYS A 919 33.54 17.54 6.30
C LYS A 919 32.66 17.70 5.06
N ASN A 920 32.73 16.71 4.16
CA ASN A 920 32.09 16.81 2.85
C ASN A 920 30.80 16.02 2.70
N ALA A 921 30.47 15.24 3.72
CA ALA A 921 29.24 14.45 3.72
C ALA A 921 28.01 15.33 3.75
N PRO A 922 26.88 14.85 3.20
CA PRO A 922 26.70 13.57 2.50
C PRO A 922 27.17 13.69 1.05
N HIS A 923 27.58 12.57 0.46
CA HIS A 923 28.06 12.57 -0.91
C HIS A 923 26.97 12.06 -1.87
N THR A 924 26.53 12.91 -2.78
CA THR A 924 25.53 12.49 -3.79
C THR A 924 26.20 11.72 -4.91
N ALA A 925 25.42 10.90 -5.62
CA ALA A 925 25.96 10.19 -6.78
C ALA A 925 26.56 11.16 -7.80
N GLN A 926 25.85 12.25 -8.08
CA GLN A 926 26.32 13.21 -9.09
C GLN A 926 27.67 13.84 -8.74
N SER A 927 27.85 14.17 -7.46
CA SER A 927 29.11 14.78 -7.01
C SER A 927 30.27 13.81 -7.19
N LEU A 928 29.98 12.52 -7.13
CA LEU A 928 31.04 11.52 -7.30
C LEU A 928 31.29 11.19 -8.78
N ILE A 929 30.28 11.43 -9.61
CA ILE A 929 30.35 10.98 -11.00
C ILE A 929 30.68 12.12 -11.94
N CYS A 930 30.19 13.32 -11.64
CA CYS A 930 30.33 14.47 -12.53
C CYS A 930 31.44 15.43 -12.12
N GLY A 931 32.11 16.01 -13.12
CA GLY A 931 33.07 17.06 -12.85
C GLY A 931 34.43 16.55 -12.39
N GLU A 932 35.30 17.47 -12.03
CA GLU A 932 36.63 17.10 -11.59
C GLU A 932 36.63 16.67 -10.14
N TRP A 933 37.41 15.64 -9.82
CA TRP A 933 37.50 15.16 -8.46
C TRP A 933 38.82 15.59 -7.80
N ASN A 934 38.74 16.63 -6.98
CA ASN A 934 39.90 17.09 -6.21
C ASN A 934 39.73 16.86 -4.73
N HIS A 935 39.74 15.61 -4.31
CA HIS A 935 39.71 15.28 -2.90
C HIS A 935 40.82 14.28 -2.63
N PRO A 936 41.44 14.36 -1.44
CA PRO A 936 42.54 13.47 -1.07
C PRO A 936 42.03 12.08 -0.69
N TYR A 937 40.74 11.85 -0.92
CA TYR A 937 40.14 10.53 -0.73
C TYR A 937 39.39 10.09 -2.00
N SER A 938 39.13 8.79 -2.11
CA SER A 938 38.54 8.24 -3.34
C SER A 938 37.02 8.32 -3.32
N GLN A 939 36.41 8.31 -4.51
CA GLN A 939 34.96 8.26 -4.60
C GLN A 939 34.42 7.01 -3.90
N GLU A 940 35.16 5.91 -3.96
CA GLU A 940 34.75 4.67 -3.29
C GLU A 940 34.72 4.81 -1.76
N GLU A 941 35.73 5.47 -1.21
CA GLU A 941 35.80 5.67 0.23
C GLU A 941 34.62 6.53 0.67
N ALA A 942 34.20 7.41 -0.22
CA ALA A 942 33.09 8.31 0.07
C ALA A 942 31.75 7.59 0.05
N ALA A 943 31.50 6.81 -1.00
CA ALA A 943 30.16 6.24 -1.22
C ALA A 943 29.98 4.87 -0.61
N TYR A 944 31.07 4.12 -0.51
CA TYR A 944 30.99 2.74 -0.05
C TYR A 944 31.94 2.49 1.11
N PRO A 945 31.70 3.17 2.24
CA PRO A 945 32.64 3.05 3.37
C PRO A 945 32.42 1.79 4.18
N ALA A 946 31.33 1.06 3.89
CA ALA A 946 31.05 -0.17 4.61
C ALA A 946 30.58 -1.22 3.63
N PRO A 947 30.84 -2.50 3.93
CA PRO A 947 30.50 -3.61 3.03
C PRO A 947 29.03 -3.64 2.63
N TRP A 948 28.14 -3.39 3.58
CA TRP A 948 26.71 -3.48 3.31
C TRP A 948 26.20 -2.47 2.27
N THR A 949 26.92 -1.35 2.11
CA THR A 949 26.52 -0.34 1.13
C THR A 949 26.74 -0.83 -0.30
N LYS A 950 27.54 -1.89 -0.44
CA LYS A 950 27.76 -2.48 -1.76
C LYS A 950 26.72 -3.56 -2.07
N GLN A 951 25.85 -3.83 -1.13
CA GLN A 951 24.73 -4.74 -1.38
C GLN A 951 23.48 -3.92 -1.59
N PHE A 952 23.37 -2.85 -0.80
CA PHE A 952 22.25 -1.93 -0.95
C PHE A 952 22.71 -0.52 -0.62
N LYS A 953 22.51 0.42 -1.54
CA LYS A 953 23.00 1.78 -1.35
C LYS A 953 21.85 2.79 -1.35
N PHE A 954 21.69 3.52 -0.25
CA PHE A 954 20.73 4.63 -0.21
C PHE A 954 21.45 5.91 -0.64
N TRP A 955 20.97 6.56 -1.68
CA TRP A 955 21.62 7.78 -2.17
C TRP A 955 21.08 9.07 -1.55
N PRO A 956 21.96 9.84 -0.88
CA PRO A 956 21.50 11.16 -0.41
C PRO A 956 21.11 12.02 -1.61
N ALA A 957 19.96 12.69 -1.57
CA ALA A 957 19.45 13.38 -2.75
C ALA A 957 20.17 14.69 -3.01
N VAL A 958 20.65 15.34 -1.94
CA VAL A 958 21.33 16.63 -2.06
C VAL A 958 22.57 16.65 -1.18
N GLY A 959 23.47 17.59 -1.45
CA GLY A 959 24.66 17.77 -0.63
C GLY A 959 24.31 18.48 0.66
N ARG A 960 25.30 18.73 1.50
CA ARG A 960 25.03 19.33 2.81
C ARG A 960 24.30 20.66 2.64
N ILE A 961 23.22 20.83 3.39
CA ILE A 961 22.42 22.04 3.27
C ILE A 961 22.95 23.17 4.15
N ASN A 962 22.95 24.39 3.62
CA ASN A 962 23.43 25.57 4.35
C ASN A 962 22.72 25.78 5.68
N ASN A 963 23.51 25.78 6.76
CA ASN A 963 23.04 26.11 8.11
C ASN A 963 21.90 25.24 8.63
N GLY A 966 24.35 24.98 15.43
CA GLY A 966 25.02 24.37 16.57
C GLY A 966 24.17 24.36 17.83
N ASP A 967 24.03 25.53 18.45
CA ASP A 967 23.16 25.65 19.63
C ASP A 967 21.70 25.35 19.29
N ARG A 968 21.05 24.65 20.22
CA ARG A 968 19.70 24.17 20.02
C ARG A 968 18.65 25.28 20.15
N HIS A 969 17.55 25.14 19.42
CA HIS A 969 16.38 25.99 19.60
C HIS A 969 15.92 25.87 21.06
N LEU A 970 15.42 26.96 21.62
CA LEU A 970 15.04 26.98 23.03
C LEU A 970 13.70 26.29 23.32
N VAL A 971 12.89 26.08 22.29
CA VAL A 971 11.61 25.39 22.47
C VAL A 971 11.69 23.99 21.87
N CYS A 972 12.01 23.94 20.58
CA CYS A 972 12.17 22.68 19.88
C CYS A 972 13.61 22.20 20.03
N SER A 973 13.91 21.68 21.22
CA SER A 973 15.26 21.45 21.71
C SER A 973 16.16 20.49 20.91
N CME A 974 15.56 19.64 20.08
CA CME A 974 16.35 18.66 19.36
CB CME A 974 15.54 17.43 19.17
SG CME A 974 15.13 16.53 20.61
SD CME A 974 14.15 14.84 20.15
CE CME A 974 12.43 15.20 19.86
CZ CME A 974 11.43 14.49 20.72
OH CME A 974 11.30 14.94 22.02
C CME A 974 16.80 19.18 18.04
O CME A 974 17.45 18.46 17.29
N GLU A 975 16.49 20.44 17.74
CA GLU A 975 16.88 21.03 16.47
C GLU A 975 17.72 22.29 16.65
N GLY A 976 18.38 22.71 15.57
CA GLY A 976 19.19 23.91 15.59
C GLY A 976 18.38 25.18 15.77
N MET A 977 18.99 26.17 16.41
CA MET A 977 18.36 27.47 16.62
C MET A 977 18.17 28.16 15.27
N GLU A 978 17.13 29.00 15.16
CA GLU A 978 16.79 29.65 13.90
C GLU A 978 17.34 31.08 13.80
N VAL B 18 -34.25 8.66 -14.44
CA VAL B 18 -34.28 9.32 -15.74
C VAL B 18 -34.11 10.83 -15.58
N ASP B 19 -35.01 11.45 -14.81
CA ASP B 19 -34.98 12.89 -14.61
C ASP B 19 -33.75 13.30 -13.80
N LEU B 20 -33.25 12.37 -12.99
CA LEU B 20 -32.02 12.58 -12.23
C LEU B 20 -30.82 12.60 -13.16
N THR B 21 -30.81 11.70 -14.14
CA THR B 21 -29.76 11.69 -15.14
C THR B 21 -29.70 13.04 -15.86
N LYS B 22 -30.84 13.54 -16.31
CA LYS B 22 -30.87 14.82 -17.03
C LYS B 22 -30.42 15.99 -16.15
N LEU B 23 -30.77 15.95 -14.86
CA LEU B 23 -30.34 16.97 -13.92
C LEU B 23 -28.83 16.87 -13.65
N GLU B 24 -28.34 15.63 -13.52
CA GLU B 24 -26.94 15.39 -13.17
C GLU B 24 -26.03 15.95 -14.25
N GLU B 25 -26.47 15.83 -15.50
CA GLU B 25 -25.69 16.30 -16.65
C GLU B 25 -25.51 17.83 -16.66
N LYS B 26 -26.36 18.54 -15.92
CA LYS B 26 -26.29 20.00 -15.83
C LYS B 26 -25.16 20.47 -14.89
N LEU B 27 -24.79 19.62 -13.94
CA LEU B 27 -23.88 19.98 -12.87
C LEU B 27 -22.45 20.14 -13.38
N ALA B 28 -21.65 20.94 -12.68
CA ALA B 28 -20.21 20.99 -12.93
C ALA B 28 -19.64 19.57 -13.05
N PRO B 29 -18.70 19.37 -13.99
CA PRO B 29 -18.14 18.04 -14.23
C PRO B 29 -17.51 17.44 -12.99
N ALA B 30 -17.69 16.13 -12.79
CA ALA B 30 -17.03 15.46 -11.69
C ALA B 30 -15.76 14.77 -12.20
N ASP B 31 -14.88 14.43 -11.27
CA ASP B 31 -13.67 13.65 -11.54
C ASP B 31 -14.06 12.46 -12.43
N SER B 32 -13.43 12.37 -13.60
CA SER B 32 -13.78 11.31 -14.56
C SER B 32 -12.68 10.29 -14.67
N PHE B 33 -13.01 9.01 -14.47
CA PHE B 33 -11.95 8.00 -14.51
C PHE B 33 -11.18 7.95 -15.82
N LEU B 34 -11.89 8.21 -16.92
CA LEU B 34 -11.26 8.23 -18.24
C LEU B 34 -10.09 9.21 -18.25
N ASP B 35 -10.24 10.37 -17.62
CA ASP B 35 -9.16 11.35 -17.54
C ASP B 35 -7.96 10.83 -16.75
N ARG B 36 -8.22 10.03 -15.72
CA ARG B 36 -7.14 9.48 -14.91
C ARG B 36 -6.43 8.35 -15.65
N HIS B 37 -7.21 7.60 -16.44
CA HIS B 37 -6.67 6.45 -17.19
C HIS B 37 -5.80 6.88 -18.38
N LEU B 38 -6.29 7.88 -19.11
CA LEU B 38 -5.59 8.38 -20.28
C LEU B 38 -4.40 9.24 -19.87
N GLY B 39 -3.24 8.97 -20.47
CA GLY B 39 -2.07 9.79 -20.22
C GLY B 39 -2.20 11.16 -20.87
N PRO B 40 -2.42 11.20 -22.20
CA PRO B 40 -2.61 12.49 -22.88
C PRO B 40 -3.96 13.10 -22.56
N GLY B 41 -3.98 14.33 -22.03
CA GLY B 41 -5.22 15.07 -21.87
C GLY B 41 -5.65 15.72 -23.17
N GLU B 42 -6.73 16.51 -23.14
CA GLU B 42 -7.22 17.11 -24.38
C GLU B 42 -6.15 17.99 -25.02
N THR B 43 -5.45 18.76 -24.20
CA THR B 43 -4.41 19.64 -24.69
C THR B 43 -3.28 18.84 -25.37
N GLU B 44 -2.78 17.80 -24.67
N GLU B 44 -2.80 17.80 -24.70
CA GLU B 44 -1.74 16.92 -25.22
CA GLU B 44 -1.74 16.98 -25.26
C GLU B 44 -2.21 16.23 -26.51
C GLU B 44 -2.21 16.25 -26.53
N GLN B 45 -3.45 15.76 -26.52
CA GLN B 45 -4.00 15.10 -27.72
C GLN B 45 -3.99 16.02 -28.94
N ARG B 46 -4.42 17.27 -28.74
CA ARG B 46 -4.42 18.20 -29.88
C ARG B 46 -3.01 18.53 -30.36
N GLN B 47 -2.06 18.57 -29.43
CA GLN B 47 -0.66 18.79 -29.80
C GLN B 47 -0.12 17.63 -30.63
N MET B 48 -0.47 16.40 -30.25
CA MET B 48 -0.02 15.21 -30.98
C MET B 48 -0.66 15.13 -32.36
N LEU B 49 -1.96 15.40 -32.42
CA LEU B 49 -2.69 15.42 -33.69
C LEU B 49 -2.09 16.46 -34.62
N GLN B 50 -1.70 17.60 -34.07
CA GLN B 50 -1.01 18.63 -34.86
C GLN B 50 0.29 18.12 -35.50
N THR B 51 1.11 17.40 -34.74
CA THR B 51 2.36 16.91 -35.32
C THR B 51 2.09 15.86 -36.38
N LEU B 52 0.98 15.13 -36.24
CA LEU B 52 0.61 14.08 -37.21
C LEU B 52 -0.03 14.62 -38.48
N GLY B 53 -0.63 15.80 -38.41
CA GLY B 53 -1.25 16.38 -39.60
C GLY B 53 -2.76 16.22 -39.64
N PHE B 54 -3.37 16.07 -38.46
CA PHE B 54 -4.81 15.85 -38.35
C PHE B 54 -5.45 16.86 -37.42
N ASP B 55 -6.63 17.35 -37.78
CA ASP B 55 -7.29 18.33 -36.93
C ASP B 55 -8.02 17.71 -35.75
N THR B 56 -8.60 16.53 -35.95
CA THR B 56 -9.33 15.85 -34.86
C THR B 56 -8.92 14.39 -34.75
N LEU B 57 -9.15 13.81 -33.57
CA LEU B 57 -8.87 12.38 -33.37
C LEU B 57 -9.70 11.51 -34.31
N GLY B 58 -10.96 11.90 -34.50
CA GLY B 58 -11.87 11.19 -35.40
C GLY B 58 -11.38 11.13 -36.83
N ASP B 59 -10.76 12.21 -37.31
CA ASP B 59 -10.19 12.20 -38.67
C ASP B 59 -9.05 11.18 -38.77
N LEU B 60 -8.26 11.06 -37.71
CA LEU B 60 -7.16 10.10 -37.71
C LEU B 60 -7.68 8.67 -37.72
N ILE B 61 -8.59 8.38 -36.79
CA ILE B 61 -9.18 7.05 -36.67
C ILE B 61 -9.89 6.62 -37.94
N ASP B 62 -10.61 7.54 -38.59
CA ASP B 62 -11.24 7.25 -39.88
C ASP B 62 -10.23 6.76 -40.94
N GLN B 63 -8.99 7.23 -40.86
CA GLN B 63 -7.97 6.81 -41.84
C GLN B 63 -7.19 5.60 -41.36
N ALA B 64 -7.19 5.37 -40.05
CA ALA B 64 -6.44 4.26 -39.46
C ALA B 64 -7.20 2.92 -39.55
N VAL B 65 -8.51 2.95 -39.33
CA VAL B 65 -9.32 1.73 -39.38
C VAL B 65 -10.04 1.62 -40.72
N PRO B 66 -9.89 0.47 -41.41
CA PRO B 66 -10.56 0.21 -42.71
C PRO B 66 -12.07 0.31 -42.59
N PRO B 67 -12.72 1.11 -43.44
CA PRO B 67 -14.16 1.36 -43.26
C PRO B 67 -15.05 0.11 -43.32
N ALA B 68 -14.59 -0.93 -43.98
CA ALA B 68 -15.38 -2.15 -44.12
C ALA B 68 -15.52 -2.92 -42.81
N ILE B 69 -14.61 -2.69 -41.88
CA ILE B 69 -14.64 -3.41 -40.61
C ILE B 69 -14.94 -2.48 -39.43
N ARG B 70 -15.13 -1.20 -39.71
CA ARG B 70 -15.40 -0.22 -38.65
C ARG B 70 -16.76 -0.48 -38.00
N PHE B 71 -16.76 -0.72 -36.69
CA PHE B 71 -18.00 -0.89 -35.92
C PHE B 71 -18.86 0.37 -36.02
N PRO B 72 -20.09 0.23 -36.55
CA PRO B 72 -20.86 1.42 -36.94
C PRO B 72 -21.71 2.06 -35.84
N ARG B 73 -21.58 1.62 -34.60
N ARG B 73 -21.60 1.60 -34.60
CA ARG B 73 -22.40 2.20 -33.52
CA ARG B 73 -22.43 2.14 -33.52
C ARG B 73 -21.66 2.22 -32.20
C ARG B 73 -21.66 2.20 -32.20
N SER B 74 -22.29 2.79 -31.18
CA SER B 74 -21.72 2.80 -29.83
C SER B 74 -21.85 1.41 -29.24
N LEU B 75 -20.88 0.99 -28.45
CA LEU B 75 -21.01 -0.24 -27.67
C LEU B 75 -22.21 -0.09 -26.74
N GLN B 76 -22.94 -1.19 -26.55
CA GLN B 76 -24.11 -1.19 -25.65
C GLN B 76 -23.65 -1.65 -24.29
N LEU B 77 -23.20 -0.71 -23.46
CA LEU B 77 -22.64 -1.03 -22.13
C LEU B 77 -23.12 0.07 -21.18
N PRO B 78 -23.17 -0.23 -19.86
CA PRO B 78 -23.65 0.79 -18.90
C PRO B 78 -22.82 2.06 -18.96
N ALA B 79 -23.48 3.22 -18.82
CA ALA B 79 -22.81 4.52 -18.79
C ALA B 79 -21.74 4.53 -17.70
N SER B 80 -20.63 5.20 -17.96
CA SER B 80 -19.51 5.19 -17.02
C SER B 80 -19.89 5.67 -15.63
N GLN B 81 -19.22 5.13 -14.61
CA GLN B 81 -19.40 5.58 -13.24
C GLN B 81 -18.10 6.17 -12.71
N SER B 82 -18.20 7.01 -11.68
CA SER B 82 -17.01 7.55 -11.04
C SER B 82 -16.27 6.40 -10.36
N GLU B 83 -15.02 6.62 -9.96
CA GLU B 83 -14.32 5.64 -9.15
C GLU B 83 -15.12 5.35 -7.87
N TYR B 84 -15.60 6.39 -7.22
CA TYR B 84 -16.30 6.27 -5.96
C TYR B 84 -17.60 5.47 -6.16
N GLY B 85 -18.33 5.78 -7.23
CA GLY B 85 -19.61 5.14 -7.50
C GLY B 85 -19.48 3.69 -7.95
N ALA B 86 -18.49 3.40 -8.76
CA ALA B 86 -18.23 2.02 -9.19
C ALA B 86 -17.83 1.12 -8.01
N ILE B 87 -16.95 1.61 -7.14
CA ILE B 87 -16.60 0.87 -5.92
C ILE B 87 -17.86 0.58 -5.09
N ALA B 88 -18.70 1.60 -4.91
CA ALA B 88 -19.93 1.41 -4.14
C ALA B 88 -20.85 0.37 -4.79
N GLN B 89 -20.97 0.39 -6.12
CA GLN B 89 -21.79 -0.60 -6.81
C GLN B 89 -21.22 -2.00 -6.62
N LEU B 90 -19.91 -2.18 -6.80
CA LEU B 90 -19.32 -3.51 -6.66
C LEU B 90 -19.40 -3.97 -5.21
N LYS B 91 -19.30 -3.04 -4.29
CA LYS B 91 -19.46 -3.39 -2.88
C LYS B 91 -20.84 -4.01 -2.58
N SER B 92 -21.90 -3.48 -3.19
CA SER B 92 -23.22 -4.05 -2.96
C SER B 92 -23.35 -5.42 -3.62
N ILE B 93 -22.67 -5.61 -4.73
CA ILE B 93 -22.61 -6.94 -5.34
C ILE B 93 -21.83 -7.92 -4.45
N ALA B 94 -20.66 -7.49 -3.99
CA ALA B 94 -19.81 -8.34 -3.14
C ALA B 94 -20.52 -8.75 -1.84
N SER B 95 -21.35 -7.86 -1.32
CA SER B 95 -22.04 -8.13 -0.05
C SER B 95 -23.04 -9.28 -0.17
N LYS B 96 -23.34 -9.68 -1.41
CA LYS B 96 -24.24 -10.81 -1.68
C LYS B 96 -23.53 -12.15 -1.52
N ASN B 97 -22.21 -12.15 -1.62
CA ASN B 97 -21.43 -13.34 -1.26
C ASN B 97 -21.45 -13.54 0.25
N GLN B 98 -21.30 -14.79 0.69
CA GLN B 98 -21.19 -15.10 2.13
C GLN B 98 -19.86 -15.75 2.40
N VAL B 99 -19.09 -15.21 3.35
CA VAL B 99 -17.80 -15.76 3.73
C VAL B 99 -18.02 -16.82 4.82
N PHE B 100 -18.05 -18.09 4.44
CA PHE B 100 -18.18 -19.17 5.41
C PHE B 100 -16.80 -19.65 5.87
N ARG B 101 -16.80 -20.48 6.92
CA ARG B 101 -15.64 -21.27 7.26
C ARG B 101 -15.74 -22.55 6.44
N SER B 102 -15.01 -22.58 5.32
CA SER B 102 -15.09 -23.73 4.41
C SER B 102 -14.00 -24.74 4.72
N TYR B 103 -14.43 -25.93 5.13
CA TYR B 103 -13.53 -27.05 5.37
C TYR B 103 -13.72 -28.07 4.26
N ILE B 104 -13.93 -27.57 3.05
CA ILE B 104 -14.26 -28.42 1.90
C ILE B 104 -13.03 -29.16 1.37
N GLY B 105 -11.89 -28.49 1.40
CA GLY B 105 -10.65 -29.11 0.93
C GLY B 105 -10.60 -29.11 -0.58
N MET B 106 -10.35 -30.27 -1.17
CA MET B 106 -10.33 -30.42 -2.62
C MET B 106 -9.30 -29.51 -3.29
N GLY B 107 -8.16 -29.30 -2.63
CA GLY B 107 -7.08 -28.54 -3.22
C GLY B 107 -7.08 -27.05 -2.91
N TYR B 108 -8.00 -26.61 -2.06
CA TYR B 108 -8.09 -25.20 -1.66
C TYR B 108 -8.36 -25.16 -0.16
N TYR B 109 -7.53 -24.43 0.58
CA TYR B 109 -7.59 -24.43 2.05
C TYR B 109 -7.36 -23.00 2.51
N ASP B 110 -8.23 -22.50 3.39
CA ASP B 110 -8.06 -21.12 3.87
C ASP B 110 -6.71 -21.00 4.56
N THR B 111 -6.11 -19.82 4.44
CA THR B 111 -4.77 -19.63 4.92
C THR B 111 -4.67 -18.19 5.41
N ILE B 112 -3.64 -17.91 6.21
CA ILE B 112 -3.45 -16.56 6.73
C ILE B 112 -2.36 -15.83 5.94
N THR B 113 -2.74 -14.83 5.17
CA THR B 113 -1.75 -14.01 4.47
C THR B 113 -1.17 -13.03 5.47
N PRO B 114 0.15 -13.12 5.74
CA PRO B 114 0.71 -12.17 6.72
C PRO B 114 0.48 -10.74 6.25
N PRO B 115 -0.08 -9.92 7.13
CA PRO B 115 -0.42 -8.54 6.74
C PRO B 115 0.74 -7.79 6.08
N VAL B 116 1.97 -8.00 6.56
CA VAL B 116 3.11 -7.29 5.95
C VAL B 116 3.27 -7.67 4.48
N ILE B 117 2.98 -8.93 4.15
CA ILE B 117 3.04 -9.39 2.76
C ILE B 117 1.85 -8.85 1.97
N GLN B 118 0.67 -8.86 2.59
CA GLN B 118 -0.49 -8.33 1.87
C GLN B 118 -0.28 -6.87 1.47
N ARG B 119 0.13 -6.04 2.42
CA ARG B 119 0.26 -4.62 2.14
C ARG B 119 1.43 -4.31 1.21
N ASN B 120 2.56 -4.97 1.42
CA ASN B 120 3.77 -4.55 0.73
C ASN B 120 4.14 -5.34 -0.52
N ILE B 121 3.37 -6.38 -0.80
CA ILE B 121 3.51 -7.09 -2.06
C ILE B 121 2.21 -7.02 -2.85
N LEU B 122 1.16 -7.66 -2.33
CA LEU B 122 -0.08 -7.81 -3.08
C LEU B 122 -0.78 -6.47 -3.36
N GLU B 123 -0.64 -5.52 -2.44
CA GLU B 123 -1.25 -4.20 -2.61
C GLU B 123 -0.20 -3.14 -2.90
N ASN B 124 0.88 -3.55 -3.56
CA ASN B 124 2.00 -2.67 -3.92
C ASN B 124 2.28 -2.68 -5.42
N PRO B 125 2.00 -1.56 -6.12
CA PRO B 125 2.19 -1.53 -7.58
C PRO B 125 3.65 -1.74 -7.99
N GLY B 126 4.58 -1.51 -7.06
CA GLY B 126 5.98 -1.79 -7.32
C GLY B 126 6.21 -3.27 -7.59
N TRP B 127 5.33 -4.11 -7.06
CA TRP B 127 5.44 -5.56 -7.26
C TRP B 127 4.54 -6.10 -8.36
N TYR B 128 3.37 -5.50 -8.58
CA TYR B 128 2.45 -6.12 -9.54
C TYR B 128 2.36 -5.51 -10.93
N THR B 129 3.10 -4.44 -11.20
CA THR B 129 2.92 -3.75 -12.49
C THR B 129 3.91 -4.12 -13.60
N ALA B 130 5.10 -4.63 -13.28
CA ALA B 130 6.04 -5.04 -14.34
C ALA B 130 5.54 -6.30 -15.04
N TYR B 131 6.20 -6.69 -16.13
CA TYR B 131 5.83 -7.93 -16.80
C TYR B 131 6.99 -8.93 -16.70
N THR B 132 7.05 -9.87 -17.63
CA THR B 132 8.07 -10.93 -17.60
C THR B 132 9.46 -10.31 -17.51
N PRO B 133 10.38 -10.95 -16.77
CA PRO B 133 11.72 -10.34 -16.70
C PRO B 133 12.55 -10.52 -17.99
N TYR B 134 12.06 -9.98 -19.11
CA TYR B 134 12.81 -10.00 -20.37
C TYR B 134 14.17 -9.33 -20.18
N GLN B 135 14.15 -8.20 -19.47
CA GLN B 135 15.36 -7.40 -19.27
C GLN B 135 15.86 -7.63 -17.85
N ALA B 136 16.69 -8.67 -17.70
CA ALA B 136 16.98 -9.21 -16.38
C ALA B 136 17.74 -8.25 -15.48
N GLU B 137 18.57 -7.40 -16.08
CA GLU B 137 19.40 -6.46 -15.31
C GLU B 137 18.55 -5.54 -14.45
N ILE B 138 17.30 -5.30 -14.88
CA ILE B 138 16.38 -4.45 -14.13
C ILE B 138 15.21 -5.24 -13.52
N ALA B 139 15.42 -6.52 -13.28
CA ALA B 139 14.39 -7.37 -12.66
C ALA B 139 15.00 -8.31 -11.64
N GLN B 140 16.18 -7.95 -11.11
CA GLN B 140 16.90 -8.84 -10.19
C GLN B 140 16.10 -9.11 -8.91
N GLY B 141 15.21 -8.19 -8.57
CA GLY B 141 14.41 -8.32 -7.34
C GLY B 141 13.44 -9.47 -7.40
N ARG B 142 12.52 -9.42 -8.36
CA ARG B 142 11.56 -10.50 -8.48
C ARG B 142 12.21 -11.80 -8.93
N LEU B 143 13.32 -11.72 -9.68
CA LEU B 143 14.09 -12.94 -9.99
C LEU B 143 14.60 -13.63 -8.74
N GLU B 144 15.07 -12.86 -7.76
CA GLU B 144 15.55 -13.47 -6.52
C GLU B 144 14.41 -14.09 -5.72
N ALA B 145 13.27 -13.43 -5.68
CA ALA B 145 12.10 -13.99 -5.01
C ALA B 145 11.69 -15.29 -5.69
N LEU B 146 11.77 -15.32 -7.02
CA LEU B 146 11.46 -16.52 -7.79
C LEU B 146 12.48 -17.64 -7.53
N LEU B 147 13.76 -17.28 -7.45
CA LEU B 147 14.79 -18.25 -7.08
C LEU B 147 14.46 -18.83 -5.72
N ASN B 148 14.03 -17.98 -4.78
CA ASN B 148 13.58 -18.46 -3.46
C ASN B 148 12.42 -19.46 -3.54
N PHE B 149 11.44 -19.16 -4.39
CA PHE B 149 10.35 -20.09 -4.63
C PHE B 149 10.85 -21.45 -5.08
N GLN B 150 11.76 -21.47 -6.07
CA GLN B 150 12.32 -22.70 -6.58
C GLN B 150 13.07 -23.49 -5.51
N THR B 151 13.85 -22.78 -4.69
CA THR B 151 14.60 -23.43 -3.62
C THR B 151 13.63 -24.06 -2.61
N MET B 152 12.58 -23.32 -2.28
CA MET B 152 11.57 -23.80 -1.36
C MET B 152 10.92 -25.08 -1.88
N VAL B 153 10.53 -25.08 -3.15
CA VAL B 153 9.91 -26.25 -3.76
C VAL B 153 10.88 -27.42 -3.81
N MET B 154 12.13 -27.15 -4.17
N MET B 154 12.12 -27.13 -4.16
CA MET B 154 13.15 -28.20 -4.21
CA MET B 154 13.19 -28.13 -4.20
C MET B 154 13.34 -28.85 -2.83
C MET B 154 13.37 -28.82 -2.85
N ASP B 155 13.45 -28.02 -1.80
CA ASP B 155 13.67 -28.54 -0.45
C ASP B 155 12.47 -29.37 0.01
N LEU B 156 11.27 -28.83 -0.20
CA LEU B 156 10.06 -29.53 0.26
C LEU B 156 9.79 -30.83 -0.49
N THR B 157 9.97 -30.83 -1.81
CA THR B 157 9.63 -32.01 -2.61
C THR B 157 10.73 -33.05 -2.62
N GLY B 158 11.94 -32.65 -2.26
CA GLY B 158 13.09 -33.53 -2.35
C GLY B 158 13.50 -33.83 -3.78
N LEU B 159 13.04 -33.02 -4.73
CA LEU B 159 13.44 -33.18 -6.12
C LEU B 159 14.32 -32.00 -6.52
N GLU B 160 15.25 -32.21 -7.45
CA GLU B 160 16.34 -31.26 -7.67
C GLU B 160 16.00 -30.03 -8.53
N ILE B 161 15.14 -30.19 -9.53
CA ILE B 161 14.87 -29.11 -10.46
C ILE B 161 13.43 -28.62 -10.31
N ALA B 162 13.25 -27.34 -9.97
CA ALA B 162 11.90 -26.75 -9.85
C ALA B 162 11.78 -25.50 -10.72
N ASN B 163 10.65 -25.34 -11.39
CA ASN B 163 10.47 -24.14 -12.19
C ASN B 163 9.91 -22.98 -11.39
N ALA B 164 9.65 -21.87 -12.07
CA ALA B 164 9.30 -20.64 -11.39
C ALA B 164 7.80 -20.58 -11.09
N SER B 165 7.09 -21.67 -11.41
CA SER B 165 5.67 -21.96 -11.09
C SER B 165 4.83 -22.11 -12.36
N LEU B 166 3.70 -22.81 -12.20
CA LEU B 166 2.76 -23.03 -13.29
C LEU B 166 1.38 -22.52 -12.86
N LEU B 167 0.38 -22.70 -13.72
CA LEU B 167 -0.90 -21.98 -13.58
C LEU B 167 -1.76 -22.41 -12.40
N ASP B 168 -1.97 -23.71 -12.26
CA ASP B 168 -2.75 -24.30 -11.15
C ASP B 168 -2.40 -25.78 -11.02
N GLU B 169 -2.92 -26.45 -9.99
CA GLU B 169 -2.52 -27.82 -9.75
C GLU B 169 -2.87 -28.78 -10.90
N GLY B 170 -4.08 -28.65 -11.44
CA GLY B 170 -4.56 -29.53 -12.49
C GLY B 170 -3.73 -29.43 -13.76
N THR B 171 -3.49 -28.19 -14.21
CA THR B 171 -2.68 -28.02 -15.42
C THR B 171 -1.22 -28.43 -15.19
N ALA B 172 -0.69 -28.19 -13.98
CA ALA B 172 0.66 -28.68 -13.69
C ALA B 172 0.70 -30.21 -13.78
N ALA B 173 -0.35 -30.88 -13.31
CA ALA B 173 -0.39 -32.34 -13.42
C ALA B 173 -0.50 -32.77 -14.89
N ALA B 174 -1.21 -31.98 -15.68
CA ALA B 174 -1.32 -32.25 -17.12
C ALA B 174 0.03 -32.02 -17.82
N GLU B 175 0.77 -31.01 -17.36
CA GLU B 175 2.14 -30.81 -17.85
C GLU B 175 3.04 -31.98 -17.47
N ALA B 176 2.81 -32.57 -16.29
CA ALA B 176 3.58 -33.74 -15.87
C ALA B 176 3.26 -34.92 -16.76
N MET B 177 1.99 -35.05 -17.12
CA MET B 177 1.59 -36.12 -18.02
C MET B 177 2.30 -35.98 -19.35
N ALA B 178 2.36 -34.74 -19.84
CA ALA B 178 2.97 -34.47 -21.14
C ALA B 178 4.48 -34.70 -21.08
N LEU B 179 5.12 -34.28 -20.00
CA LEU B 179 6.54 -34.57 -19.79
C LEU B 179 6.78 -36.09 -19.81
N SER B 180 5.98 -36.81 -19.03
CA SER B 180 6.09 -38.28 -18.95
C SER B 180 5.94 -38.91 -20.32
N TYR B 181 5.00 -38.40 -21.12
CA TYR B 181 4.76 -38.95 -22.45
C TYR B 181 5.99 -38.73 -23.33
N GLY B 182 6.64 -37.58 -23.17
CA GLY B 182 7.80 -37.24 -23.98
C GLY B 182 9.09 -37.97 -23.63
N VAL B 183 9.26 -38.39 -22.38
CA VAL B 183 10.52 -39.01 -21.97
C VAL B 183 10.46 -40.48 -21.55
N SER B 184 9.26 -40.98 -21.25
CA SER B 184 9.15 -42.40 -20.88
C SER B 184 9.57 -43.28 -22.04
N LYS B 185 10.34 -44.32 -21.73
CA LYS B 185 10.81 -45.28 -22.71
C LYS B 185 9.75 -46.33 -22.98
N SER B 186 8.66 -46.27 -22.22
CA SER B 186 7.55 -47.18 -22.45
C SER B 186 7.00 -46.96 -23.85
N LYS B 187 6.51 -48.02 -24.47
CA LYS B 187 5.82 -47.87 -25.74
C LYS B 187 4.31 -47.78 -25.53
N ALA B 188 3.92 -47.69 -24.26
CA ALA B 188 2.50 -47.60 -23.90
C ALA B 188 1.93 -46.22 -24.25
N ASN B 189 0.62 -46.17 -24.42
CA ASN B 189 -0.07 -44.92 -24.76
C ASN B 189 -1.08 -44.59 -23.67
N ALA B 190 -0.99 -45.29 -22.55
CA ALA B 190 -1.95 -45.12 -21.46
C ALA B 190 -1.31 -44.43 -20.25
N PHE B 191 -2.06 -43.52 -19.63
CA PHE B 191 -1.62 -42.79 -18.44
C PHE B 191 -2.56 -43.11 -17.27
N PHE B 192 -2.01 -43.63 -16.17
CA PHE B 192 -2.86 -43.98 -15.01
C PHE B 192 -3.09 -42.76 -14.10
N VAL B 193 -4.34 -42.51 -13.76
CA VAL B 193 -4.69 -41.45 -12.81
C VAL B 193 -5.46 -42.09 -11.65
N ALA B 194 -4.96 -41.90 -10.43
CA ALA B 194 -5.63 -42.45 -9.25
C ALA B 194 -7.03 -41.87 -9.13
N GLN B 195 -8.01 -42.69 -8.76
CA GLN B 195 -9.38 -42.21 -8.67
C GLN B 195 -9.56 -41.28 -7.46
N ASP B 196 -8.57 -41.27 -6.57
CA ASP B 196 -8.64 -40.38 -5.42
C ASP B 196 -7.76 -39.14 -5.56
N CYS B 197 -7.42 -38.78 -6.80
CA CYS B 197 -6.91 -37.44 -7.08
C CYS B 197 -8.11 -36.50 -6.97
N HIS B 198 -7.85 -35.20 -6.84
CA HIS B 198 -8.95 -34.23 -6.82
C HIS B 198 -9.75 -34.35 -8.12
N PRO B 199 -11.09 -34.24 -8.03
CA PRO B 199 -11.93 -34.49 -9.21
C PRO B 199 -11.61 -33.54 -10.35
N GLN B 200 -11.34 -32.28 -10.04
CA GLN B 200 -11.05 -31.30 -11.09
C GLN B 200 -9.69 -31.58 -11.76
N THR B 201 -8.77 -32.18 -11.03
CA THR B 201 -7.49 -32.57 -11.61
C THR B 201 -7.70 -33.63 -12.69
N ILE B 202 -8.50 -34.65 -12.36
CA ILE B 202 -8.86 -35.70 -13.31
C ILE B 202 -9.50 -35.10 -14.58
N GLU B 203 -10.38 -34.12 -14.40
CA GLU B 203 -11.04 -33.51 -15.55
C GLU B 203 -10.05 -32.77 -16.47
N VAL B 204 -9.13 -32.02 -15.87
CA VAL B 204 -8.14 -31.28 -16.65
C VAL B 204 -7.23 -32.25 -17.41
N ILE B 205 -6.86 -33.36 -16.76
CA ILE B 205 -6.00 -34.36 -17.38
C ILE B 205 -6.71 -34.97 -18.60
N LYS B 206 -7.98 -35.33 -18.44
CA LYS B 206 -8.72 -35.93 -19.55
C LYS B 206 -8.84 -34.97 -20.73
N THR B 207 -9.09 -33.70 -20.42
CA THR B 207 -9.22 -32.68 -21.44
C THR B 207 -7.90 -32.52 -22.21
N ARG B 208 -6.78 -32.57 -21.50
CA ARG B 208 -5.47 -32.47 -22.18
C ARG B 208 -5.10 -33.74 -22.93
N ALA B 209 -5.53 -34.88 -22.42
CA ALA B 209 -5.21 -36.17 -23.04
C ALA B 209 -5.99 -36.43 -24.33
N ASN B 210 -7.22 -35.92 -24.42
CA ASN B 210 -8.06 -36.23 -25.57
C ASN B 210 -7.44 -35.94 -26.95
N PRO B 211 -6.99 -34.70 -27.19
CA PRO B 211 -6.51 -34.39 -28.55
C PRO B 211 -5.19 -35.11 -28.88
N LEU B 212 -4.51 -35.62 -27.85
CA LEU B 212 -3.23 -36.30 -28.00
C LEU B 212 -3.40 -37.80 -28.22
N GLY B 213 -4.64 -38.28 -28.16
CA GLY B 213 -4.91 -39.70 -28.30
C GLY B 213 -4.40 -40.53 -27.14
N ILE B 214 -4.06 -39.89 -26.02
CA ILE B 214 -3.62 -40.61 -24.83
C ILE B 214 -4.81 -41.27 -24.11
N GLU B 215 -4.69 -42.56 -23.81
CA GLU B 215 -5.72 -43.23 -23.01
C GLU B 215 -5.50 -42.94 -21.52
N VAL B 216 -6.51 -42.37 -20.87
CA VAL B 216 -6.45 -42.12 -19.44
C VAL B 216 -7.19 -43.22 -18.69
N ILE B 217 -6.49 -43.89 -17.78
CA ILE B 217 -7.09 -44.93 -16.94
C ILE B 217 -7.25 -44.40 -15.51
N VAL B 218 -8.50 -44.19 -15.09
CA VAL B 218 -8.78 -43.75 -13.73
C VAL B 218 -9.11 -44.99 -12.91
N GLY B 219 -8.31 -45.26 -11.88
CA GLY B 219 -8.51 -46.47 -11.10
C GLY B 219 -8.01 -46.43 -9.68
N ASP B 220 -8.07 -47.57 -9.02
CA ASP B 220 -7.57 -47.73 -7.66
C ASP B 220 -6.10 -48.11 -7.73
N HIS B 221 -5.23 -47.30 -7.12
CA HIS B 221 -3.81 -47.63 -7.08
C HIS B 221 -3.51 -48.85 -6.21
N HIS B 222 -4.46 -49.20 -5.33
CA HIS B 222 -4.31 -50.37 -4.46
C HIS B 222 -4.31 -51.65 -5.27
N THR B 223 -5.16 -51.68 -6.30
CA THR B 223 -5.42 -52.92 -7.03
C THR B 223 -4.98 -52.89 -8.49
N PHE B 224 -4.48 -51.75 -8.96
CA PHE B 224 -3.98 -51.64 -10.34
C PHE B 224 -2.90 -52.68 -10.59
N SER B 225 -3.08 -53.47 -11.64
CA SER B 225 -2.26 -54.68 -11.81
C SER B 225 -0.96 -54.49 -12.58
N PHE B 226 -0.85 -53.39 -13.32
CA PHE B 226 0.31 -53.11 -14.17
C PHE B 226 0.44 -54.07 -15.36
N SER B 227 -0.50 -55.00 -15.50
CA SER B 227 -0.57 -55.84 -16.68
C SER B 227 -1.01 -54.97 -17.85
N THR B 228 -1.69 -53.88 -17.52
CA THR B 228 -2.00 -52.85 -18.50
C THR B 228 -0.82 -51.87 -18.53
N SER B 229 -0.17 -51.77 -19.68
CA SER B 229 1.04 -50.96 -19.81
C SER B 229 0.71 -49.47 -19.77
N ILE B 230 1.48 -48.73 -18.96
CA ILE B 230 1.33 -47.29 -18.86
C ILE B 230 2.69 -46.60 -19.06
N PHE B 231 2.68 -45.34 -19.46
CA PHE B 231 3.93 -44.59 -19.58
C PHE B 231 4.10 -43.65 -18.40
N GLY B 232 3.03 -43.49 -17.62
CA GLY B 232 3.06 -42.58 -16.49
C GLY B 232 1.90 -42.88 -15.54
N ALA B 233 2.05 -42.43 -14.29
CA ALA B 233 0.96 -42.52 -13.34
C ALA B 233 0.93 -41.27 -12.48
N LEU B 234 -0.27 -40.86 -12.08
CA LEU B 234 -0.46 -39.69 -11.22
C LEU B 234 -1.14 -40.13 -9.91
N LEU B 235 -0.51 -39.81 -8.79
CA LEU B 235 -1.04 -40.16 -7.47
C LEU B 235 -1.18 -38.89 -6.62
N GLN B 236 -2.15 -38.89 -5.70
CA GLN B 236 -2.43 -37.70 -4.87
C GLN B 236 -1.92 -37.93 -3.44
N TYR B 237 -1.19 -36.95 -2.88
CA TYR B 237 -0.52 -37.17 -1.59
C TYR B 237 -0.63 -35.93 -0.68
N PRO B 238 -1.48 -36.00 0.37
CA PRO B 238 -2.42 -37.08 0.73
C PRO B 238 -3.57 -37.13 -0.28
N ALA B 239 -4.37 -38.20 -0.27
CA ALA B 239 -5.46 -38.37 -1.24
C ALA B 239 -6.56 -37.34 -1.06
N THR B 240 -7.45 -37.22 -2.05
CA THR B 240 -8.49 -36.20 -2.03
C THR B 240 -9.43 -36.35 -0.82
N ASP B 241 -9.59 -37.57 -0.32
CA ASP B 241 -10.44 -37.80 0.84
C ASP B 241 -9.62 -37.81 2.11
N GLY B 242 -8.34 -37.45 1.96
CA GLY B 242 -7.46 -37.26 3.09
C GLY B 242 -6.58 -38.44 3.45
N ALA B 243 -6.83 -39.60 2.85
CA ALA B 243 -6.05 -40.78 3.19
C ALA B 243 -4.57 -40.63 2.81
N VAL B 244 -3.68 -40.94 3.75
CA VAL B 244 -2.24 -40.94 3.47
C VAL B 244 -1.76 -42.38 3.19
N TYR B 245 -1.16 -42.61 2.03
CA TYR B 245 -0.71 -43.93 1.63
C TYR B 245 0.81 -43.96 1.43
N ASP B 246 1.39 -45.16 1.54
CA ASP B 246 2.80 -45.36 1.23
C ASP B 246 2.84 -45.82 -0.22
N TYR B 247 3.30 -44.95 -1.11
CA TYR B 247 3.26 -45.24 -2.55
C TYR B 247 4.54 -45.91 -3.07
N ARG B 248 5.46 -46.26 -2.17
CA ARG B 248 6.77 -46.75 -2.59
C ARG B 248 6.69 -47.97 -3.49
N SER B 249 5.92 -48.95 -3.04
CA SER B 249 5.74 -50.19 -3.75
C SER B 249 5.09 -49.97 -5.13
N PHE B 250 4.15 -49.03 -5.19
CA PHE B 250 3.53 -48.70 -6.47
C PHE B 250 4.56 -48.09 -7.41
N ILE B 251 5.32 -47.14 -6.88
CA ILE B 251 6.34 -46.44 -7.66
C ILE B 251 7.37 -47.42 -8.23
N ASP B 252 7.81 -48.37 -7.42
CA ASP B 252 8.76 -49.39 -7.87
C ASP B 252 8.23 -50.21 -9.05
N LYS B 253 6.96 -50.61 -9.00
CA LYS B 253 6.35 -51.37 -10.08
C LYS B 253 6.24 -50.53 -11.33
N ALA B 254 5.88 -49.26 -11.17
CA ALA B 254 5.80 -48.36 -12.30
C ALA B 254 7.17 -48.27 -13.00
N HIS B 255 8.22 -48.16 -12.22
CA HIS B 255 9.57 -48.11 -12.77
C HIS B 255 9.96 -49.39 -13.49
N GLN B 256 9.52 -50.54 -12.96
CA GLN B 256 9.70 -51.82 -13.64
C GLN B 256 9.11 -51.79 -15.04
N HIS B 257 8.08 -50.97 -15.23
CA HIS B 257 7.41 -50.85 -16.53
C HIS B 257 7.83 -49.59 -17.26
N GLN B 258 8.94 -49.00 -16.79
CA GLN B 258 9.49 -47.77 -17.37
C GLN B 258 8.50 -46.59 -17.38
N ALA B 259 7.57 -46.60 -16.44
CA ALA B 259 6.62 -45.48 -16.31
C ALA B 259 7.15 -44.45 -15.31
N LEU B 260 6.90 -43.17 -15.58
CA LEU B 260 7.24 -42.12 -14.63
C LEU B 260 6.08 -41.91 -13.67
N VAL B 261 6.37 -41.71 -12.38
CA VAL B 261 5.32 -41.40 -11.43
C VAL B 261 5.35 -39.95 -10.98
N THR B 262 4.20 -39.30 -11.05
CA THR B 262 4.01 -37.95 -10.54
C THR B 262 3.19 -38.02 -9.26
N LEU B 263 3.65 -37.34 -8.21
CA LEU B 263 2.81 -37.14 -7.03
C LEU B 263 2.30 -35.71 -7.02
N ALA B 264 0.99 -35.57 -6.91
CA ALA B 264 0.41 -34.26 -6.61
C ALA B 264 0.43 -34.16 -5.10
N ALA B 265 1.35 -33.36 -4.57
CA ALA B 265 1.62 -33.38 -3.13
C ALA B 265 1.39 -32.03 -2.48
N ASP B 266 0.62 -32.03 -1.40
CA ASP B 266 0.36 -30.80 -0.64
C ASP B 266 1.66 -30.35 0.01
N PRO B 267 2.16 -29.16 -0.36
CA PRO B 267 3.49 -28.76 0.09
C PRO B 267 3.57 -28.50 1.60
N LEU B 268 2.47 -28.09 2.20
CA LEU B 268 2.40 -27.96 3.67
C LEU B 268 2.53 -29.32 4.36
N SER B 269 1.88 -30.33 3.80
CA SER B 269 1.96 -31.68 4.37
C SER B 269 3.39 -32.21 4.31
N LEU B 270 4.16 -31.71 3.33
CA LEU B 270 5.54 -32.18 3.15
C LEU B 270 6.48 -31.68 4.25
N THR B 271 6.02 -30.76 5.09
CA THR B 271 6.80 -30.41 6.28
C THR B 271 6.81 -31.56 7.28
N LEU B 272 5.83 -32.46 7.17
CA LEU B 272 5.70 -33.58 8.11
C LEU B 272 5.88 -34.95 7.46
N LEU B 273 5.44 -35.06 6.21
CA LEU B 273 5.43 -36.35 5.50
C LEU B 273 6.67 -36.53 4.62
N THR B 274 7.18 -37.75 4.57
CA THR B 274 8.25 -38.10 3.63
C THR B 274 7.88 -37.62 2.23
N PRO B 275 8.76 -36.83 1.59
CA PRO B 275 8.46 -36.15 0.32
C PRO B 275 8.66 -37.04 -0.91
N PRO B 276 8.02 -36.65 -2.03
CA PRO B 276 8.09 -37.39 -3.30
C PRO B 276 9.51 -37.81 -3.69
N GLY B 277 10.49 -36.91 -3.57
CA GLY B 277 11.85 -37.24 -3.93
C GLY B 277 12.38 -38.44 -3.16
N GLU B 278 11.97 -38.56 -1.90
CA GLU B 278 12.45 -39.64 -1.05
C GLU B 278 11.64 -40.92 -1.21
N LEU B 279 10.46 -40.79 -1.82
CA LEU B 279 9.61 -41.95 -2.09
C LEU B 279 9.94 -42.62 -3.42
N GLY B 280 10.75 -41.95 -4.25
CA GLY B 280 11.11 -42.51 -5.55
C GLY B 280 10.35 -41.88 -6.71
N ALA B 281 9.55 -40.85 -6.42
CA ALA B 281 8.74 -40.23 -7.47
C ALA B 281 9.60 -39.46 -8.48
N ASP B 282 9.14 -39.35 -9.72
CA ASP B 282 9.91 -38.69 -10.77
C ASP B 282 9.58 -37.20 -10.93
N ILE B 283 8.33 -36.85 -10.61
CA ILE B 283 7.84 -35.48 -10.75
C ILE B 283 6.95 -35.22 -9.56
N ALA B 284 6.98 -34.00 -9.02
CA ALA B 284 5.99 -33.58 -8.04
C ALA B 284 5.32 -32.30 -8.52
N VAL B 285 4.01 -32.21 -8.36
CA VAL B 285 3.28 -30.99 -8.67
C VAL B 285 2.34 -30.69 -7.51
N GLY B 286 1.79 -29.48 -7.48
CA GLY B 286 0.82 -29.17 -6.45
C GLY B 286 0.55 -27.68 -6.46
N SER B 287 -0.33 -27.24 -5.56
CA SER B 287 -0.60 -25.81 -5.46
C SER B 287 0.16 -25.26 -4.27
N THR B 288 0.63 -24.01 -4.36
CA THR B 288 1.23 -23.35 -3.19
C THR B 288 0.25 -22.35 -2.60
N GLN B 289 -1.03 -22.52 -2.95
CA GLN B 289 -2.08 -21.64 -2.43
C GLN B 289 -2.08 -21.54 -0.89
N ARG B 290 -1.84 -22.66 -0.22
CA ARG B 290 -1.79 -22.71 1.25
C ARG B 290 -0.68 -21.88 1.86
N PHE B 291 0.27 -21.45 1.05
CA PHE B 291 1.37 -20.65 1.56
C PHE B 291 0.97 -19.18 1.54
N GLY B 292 -0.13 -18.89 2.22
CA GLY B 292 -0.57 -17.53 2.45
C GLY B 292 -1.22 -16.83 1.28
N ILE B 293 -1.78 -17.60 0.32
CA ILE B 293 -2.43 -16.98 -0.84
C ILE B 293 -3.94 -17.08 -0.69
N PRO B 294 -4.66 -15.96 -0.93
CA PRO B 294 -6.13 -16.00 -0.79
C PRO B 294 -6.79 -17.10 -1.62
N LEU B 295 -7.83 -17.73 -1.07
CA LEU B 295 -8.64 -18.70 -1.81
C LEU B 295 -9.03 -18.17 -3.20
N GLY B 296 -9.47 -16.92 -3.25
CA GLY B 296 -9.67 -16.22 -4.52
C GLY B 296 -10.79 -16.79 -5.38
N TYR B 297 -11.66 -17.59 -4.77
CA TYR B 297 -12.71 -18.31 -5.49
C TYR B 297 -12.12 -19.06 -6.70
N GLY B 298 -10.89 -19.52 -6.53
CA GLY B 298 -10.25 -20.36 -7.53
C GLY B 298 -8.85 -19.94 -7.87
N GLY B 299 -8.54 -18.67 -7.67
CA GLY B 299 -7.21 -18.18 -8.00
C GLY B 299 -7.12 -16.67 -8.02
N PRO B 300 -5.95 -16.14 -8.38
CA PRO B 300 -4.78 -16.88 -8.84
C PRO B 300 -3.90 -17.46 -7.74
N HIS B 301 -3.32 -18.63 -8.02
CA HIS B 301 -2.34 -19.26 -7.13
C HIS B 301 -1.21 -19.84 -7.99
N ALA B 302 0.00 -19.88 -7.44
CA ALA B 302 1.12 -20.48 -8.15
C ALA B 302 1.19 -21.97 -7.88
N ALA B 303 1.17 -22.76 -8.96
CA ALA B 303 1.38 -24.20 -8.84
C ALA B 303 2.89 -24.48 -8.93
N TYR B 304 3.35 -25.51 -8.23
CA TYR B 304 4.77 -25.86 -8.36
C TYR B 304 4.96 -27.09 -9.27
N PHE B 305 6.15 -27.22 -9.83
CA PHE B 305 6.49 -28.36 -10.67
C PHE B 305 7.97 -28.66 -10.44
N ALA B 306 8.26 -29.87 -9.94
CA ALA B 306 9.63 -30.25 -9.63
C ALA B 306 9.93 -31.62 -10.23
N THR B 307 11.18 -31.81 -10.65
CA THR B 307 11.53 -33.07 -11.25
C THR B 307 13.05 -33.29 -11.18
N LYS B 308 13.51 -34.35 -11.82
CA LYS B 308 14.92 -34.73 -11.74
C LYS B 308 15.74 -34.16 -12.90
N ALA B 309 17.05 -34.02 -12.68
CA ALA B 309 17.95 -33.50 -13.70
C ALA B 309 17.90 -34.36 -14.96
N GLU B 310 17.73 -35.67 -14.77
CA GLU B 310 17.61 -36.60 -15.89
C GLU B 310 16.38 -36.34 -16.77
N TYR B 311 15.44 -35.54 -16.28
CA TYR B 311 14.24 -35.19 -17.06
C TYR B 311 14.23 -33.71 -17.41
N GLN B 312 15.25 -32.98 -16.98
CA GLN B 312 15.24 -31.52 -17.00
C GLN B 312 14.94 -30.87 -18.34
N ARG B 313 15.47 -31.44 -19.41
CA ARG B 313 15.43 -30.77 -20.71
C ARG B 313 14.04 -30.56 -21.32
N LYS B 314 13.07 -31.39 -20.91
CA LYS B 314 11.72 -31.24 -21.44
C LYS B 314 10.75 -30.63 -20.43
N MET B 315 11.26 -30.08 -19.34
CA MET B 315 10.37 -29.51 -18.35
C MET B 315 9.77 -28.16 -18.79
N PRO B 316 8.49 -27.97 -18.49
CA PRO B 316 7.74 -26.83 -19.03
C PRO B 316 8.01 -25.54 -18.26
N GLY B 317 7.66 -24.41 -18.87
CA GLY B 317 7.68 -23.15 -18.16
C GLY B 317 9.06 -22.57 -18.00
N ARG B 318 9.18 -21.66 -17.04
CA ARG B 318 10.39 -20.86 -16.87
C ARG B 318 11.12 -21.25 -15.61
N ILE B 319 12.43 -21.08 -15.62
CA ILE B 319 13.24 -21.42 -14.46
C ILE B 319 14.30 -20.34 -14.28
N VAL B 320 14.43 -19.84 -13.06
CA VAL B 320 15.45 -18.84 -12.78
C VAL B 320 16.80 -19.53 -12.63
N GLY B 321 17.81 -19.01 -13.31
CA GLY B 321 19.16 -19.55 -13.20
C GLY B 321 20.13 -18.52 -12.66
N VAL B 322 21.21 -19.01 -12.09
CA VAL B 322 22.26 -18.14 -11.57
C VAL B 322 23.31 -17.95 -12.67
N SER B 323 23.60 -16.70 -13.02
CA SER B 323 24.63 -16.42 -14.01
C SER B 323 25.63 -15.39 -13.48
N LYS B 324 26.34 -14.73 -14.38
CA LYS B 324 27.28 -13.68 -13.98
C LYS B 324 27.13 -12.47 -14.88
N ASP B 325 27.44 -11.29 -14.35
CA ASP B 325 27.34 -10.08 -15.15
C ASP B 325 28.68 -9.69 -15.73
N ALA B 326 28.76 -8.52 -16.37
CA ALA B 326 29.98 -8.11 -17.05
C ALA B 326 31.16 -7.92 -16.07
N HIS B 327 30.86 -7.78 -14.79
CA HIS B 327 31.91 -7.56 -13.80
C HIS B 327 32.29 -8.84 -13.05
N GLY B 328 31.70 -9.96 -13.47
CA GLY B 328 32.00 -11.24 -12.83
C GLY B 328 31.18 -11.44 -11.57
N ASN B 329 30.19 -10.57 -11.35
CA ASN B 329 29.35 -10.64 -10.17
C ASN B 329 28.10 -11.50 -10.40
N PRO B 330 27.56 -12.10 -9.31
CA PRO B 330 26.39 -12.97 -9.46
C PRO B 330 25.19 -12.19 -9.99
N ALA B 331 24.46 -12.80 -10.92
CA ALA B 331 23.24 -12.20 -11.47
C ALA B 331 22.26 -13.27 -11.89
N LEU B 332 20.99 -12.98 -11.73
CA LEU B 332 19.95 -13.93 -12.07
C LEU B 332 19.37 -13.65 -13.45
N ARG B 333 18.93 -14.71 -14.13
CA ARG B 333 18.19 -14.55 -15.37
C ARG B 333 17.20 -15.69 -15.50
N LEU B 334 16.17 -15.47 -16.31
CA LEU B 334 15.04 -16.38 -16.40
C LEU B 334 15.17 -17.28 -17.63
N ALA B 335 15.86 -18.41 -17.48
CA ALA B 335 16.11 -19.36 -18.58
C ALA B 335 14.84 -19.94 -19.23
N ALA B 348 4.30 -33.72 -27.45
CA ALA B 348 4.26 -33.40 -26.02
C ALA B 348 4.81 -32.00 -25.74
N THR B 349 4.64 -31.11 -26.71
CA THR B 349 5.08 -29.72 -26.56
C THR B 349 4.27 -29.01 -25.47
N SER B 350 4.74 -27.84 -25.04
CA SER B 350 4.00 -27.04 -24.08
C SER B 350 3.94 -25.60 -24.56
N ASN B 351 2.81 -24.94 -24.33
CA ASN B 351 2.63 -23.58 -24.84
C ASN B 351 2.80 -22.53 -23.75
N ILE B 352 3.36 -22.92 -22.61
CA ILE B 352 3.42 -22.00 -21.48
C ILE B 352 4.73 -21.20 -21.43
N CYS B 353 4.62 -19.87 -21.44
CA CYS B 353 5.80 -18.99 -21.46
C CYS B 353 5.92 -18.14 -20.20
N THR B 354 4.87 -18.18 -19.36
CA THR B 354 4.81 -17.36 -18.17
C THR B 354 4.93 -18.21 -16.91
N ALA B 355 5.01 -17.53 -15.77
CA ALA B 355 4.93 -18.17 -14.46
C ALA B 355 3.96 -17.32 -13.66
N GLN B 356 3.31 -17.88 -12.64
CA GLN B 356 2.42 -17.09 -11.79
C GLN B 356 3.27 -16.21 -10.87
N VAL B 357 4.01 -15.26 -11.44
CA VAL B 357 5.10 -14.59 -10.70
C VAL B 357 4.68 -13.96 -9.38
N LEU B 358 3.67 -13.09 -9.42
CA LEU B 358 3.27 -12.39 -8.21
C LEU B 358 2.95 -13.36 -7.08
N LEU B 359 2.27 -14.46 -7.40
CA LEU B 359 1.81 -15.39 -6.38
C LEU B 359 2.94 -16.30 -5.93
N ALA B 360 3.91 -16.53 -6.82
CA ALA B 360 5.09 -17.31 -6.46
C ALA B 360 5.93 -16.48 -5.51
N VAL B 361 6.01 -15.18 -5.77
CA VAL B 361 6.69 -14.25 -4.87
C VAL B 361 6.02 -14.30 -3.49
N MET B 362 4.70 -14.22 -3.47
CA MET B 362 3.99 -14.27 -2.20
C MET B 362 4.22 -15.58 -1.47
N ALA B 363 4.19 -16.70 -2.19
CA ALA B 363 4.37 -18.01 -1.56
C ALA B 363 5.77 -18.17 -1.00
N SER B 364 6.78 -17.68 -1.72
CA SER B 364 8.15 -17.79 -1.23
C SER B 364 8.38 -16.87 -0.01
N MET B 365 7.74 -15.70 0.01
CA MET B 365 7.92 -14.80 1.15
C MET B 365 7.26 -15.34 2.41
N TYR B 366 6.18 -16.10 2.24
CA TYR B 366 5.56 -16.85 3.33
C TYR B 366 6.58 -17.81 3.92
N GLY B 367 7.30 -18.50 3.05
CA GLY B 367 8.34 -19.42 3.49
C GLY B 367 9.46 -18.67 4.19
N VAL B 368 9.86 -17.55 3.61
CA VAL B 368 10.91 -16.72 4.19
C VAL B 368 10.50 -16.16 5.56
N TYR B 369 9.24 -15.76 5.67
CA TYR B 369 8.74 -15.17 6.92
C TYR B 369 8.60 -16.20 8.03
N HIS B 370 8.08 -17.38 7.68
CA HIS B 370 7.82 -18.41 8.68
C HIS B 370 9.03 -19.30 8.99
N GLY B 371 9.85 -19.56 7.98
CA GLY B 371 11.00 -20.43 8.16
C GLY B 371 10.55 -21.87 8.28
N SER B 372 11.52 -22.80 8.31
CA SER B 372 11.21 -24.23 8.42
C SER B 372 10.40 -24.53 9.68
N THR B 373 10.81 -23.94 10.80
CA THR B 373 10.12 -24.18 12.07
C THR B 373 8.69 -23.63 12.08
N GLY B 374 8.52 -22.41 11.58
CA GLY B 374 7.21 -21.80 11.50
C GLY B 374 6.24 -22.58 10.63
N LEU B 375 6.72 -23.03 9.46
CA LEU B 375 5.90 -23.83 8.57
C LEU B 375 5.50 -25.14 9.21
N LYS B 376 6.49 -25.83 9.79
CA LYS B 376 6.23 -27.12 10.42
C LYS B 376 5.20 -26.96 11.56
N ASN B 377 5.35 -25.88 12.33
CA ASN B 377 4.39 -25.61 13.41
C ASN B 377 2.98 -25.34 12.91
N ILE B 378 2.88 -24.65 11.77
CA ILE B 378 1.56 -24.45 11.15
C ILE B 378 0.96 -25.81 10.78
N ALA B 379 1.76 -26.67 10.14
CA ALA B 379 1.28 -27.98 9.73
C ALA B 379 0.95 -28.84 10.95
N LEU B 380 1.85 -28.83 11.92
CA LEU B 380 1.69 -29.64 13.13
C LEU B 380 0.41 -29.29 13.90
N ARG B 381 0.12 -28.01 14.01
CA ARG B 381 -1.11 -27.57 14.69
C ARG B 381 -2.35 -28.07 13.94
N ILE B 382 -2.33 -27.92 12.62
CA ILE B 382 -3.42 -28.44 11.79
C ILE B 382 -3.63 -29.94 12.01
N HIS B 383 -2.54 -30.70 12.03
CA HIS B 383 -2.64 -32.14 12.26
C HIS B 383 -3.19 -32.44 13.66
N GLN B 384 -2.65 -31.78 14.68
CA GLN B 384 -3.11 -31.99 16.05
C GLN B 384 -4.60 -31.70 16.20
N LEU B 385 -5.05 -30.62 15.59
CA LEU B 385 -6.46 -30.25 15.59
C LEU B 385 -7.32 -31.31 14.89
N THR B 386 -6.78 -31.87 13.81
CA THR B 386 -7.47 -32.91 13.04
C THR B 386 -7.54 -34.23 13.81
N VAL B 387 -6.47 -34.58 14.51
CA VAL B 387 -6.50 -35.77 15.37
C VAL B 387 -7.51 -35.55 16.49
N LEU B 388 -7.50 -34.35 17.08
CA LEU B 388 -8.44 -34.02 18.14
C LEU B 388 -9.89 -34.14 17.66
N LEU B 389 -10.14 -33.58 16.49
CA LEU B 389 -11.46 -33.68 15.85
C LEU B 389 -11.86 -35.15 15.70
N ALA B 390 -10.92 -35.94 15.21
CA ALA B 390 -11.14 -37.37 15.00
C ALA B 390 -11.50 -38.10 16.29
N ILE B 391 -10.77 -37.83 17.35
CA ILE B 391 -11.03 -38.49 18.64
C ILE B 391 -12.44 -38.14 19.14
N GLY B 392 -12.81 -36.87 18.98
CA GLY B 392 -14.10 -36.38 19.43
C GLY B 392 -15.26 -36.98 18.64
N LEU B 393 -15.10 -37.06 17.32
CA LEU B 393 -16.12 -37.65 16.47
C LEU B 393 -16.32 -39.12 16.82
N LYS B 394 -15.24 -39.80 17.16
CA LYS B 394 -15.30 -41.21 17.57
C LYS B 394 -16.12 -41.39 18.85
N ARG B 395 -15.93 -40.47 19.80
CA ARG B 395 -16.67 -40.50 21.06
C ARG B 395 -18.16 -40.32 20.79
N LEU B 396 -18.46 -39.71 19.65
CA LEU B 396 -19.84 -39.43 19.26
C LEU B 396 -20.41 -40.51 18.33
N ASN B 397 -19.71 -41.65 18.27
CA ASN B 397 -20.16 -42.83 17.54
C ASN B 397 -20.15 -42.73 16.00
N TYR B 398 -19.32 -41.83 15.45
CA TYR B 398 -19.14 -41.76 14.00
C TYR B 398 -17.98 -42.65 13.56
N SER B 399 -18.03 -43.12 12.31
CA SER B 399 -16.95 -43.95 11.77
C SER B 399 -15.91 -43.11 11.01
N LEU B 400 -14.64 -43.36 11.29
CA LEU B 400 -13.56 -42.65 10.63
C LEU B 400 -12.83 -43.61 9.70
N ASN B 401 -12.71 -43.23 8.44
CA ASN B 401 -12.37 -44.18 7.39
C ASN B 401 -10.92 -44.13 6.90
N ASN B 402 -10.21 -43.04 7.18
CA ASN B 402 -8.79 -42.96 6.86
C ASN B 402 -7.95 -43.59 7.97
N ASP B 403 -7.17 -44.61 7.62
CA ASP B 403 -6.24 -45.20 8.57
C ASP B 403 -5.21 -44.14 8.97
N TYR B 404 -4.75 -43.38 7.99
CA TYR B 404 -3.81 -42.30 8.23
C TYR B 404 -4.25 -41.04 7.50
N PHE B 405 -3.89 -39.88 8.05
CA PHE B 405 -4.31 -38.62 7.48
C PHE B 405 -3.41 -37.50 7.97
N PHE B 406 -3.53 -36.34 7.32
CA PHE B 406 -2.81 -35.14 7.73
C PHE B 406 -3.83 -34.15 8.28
N ASP B 407 -4.60 -33.54 7.38
CA ASP B 407 -5.54 -32.48 7.72
C ASP B 407 -6.99 -32.81 7.35
N THR B 408 -7.22 -33.99 6.79
CA THR B 408 -8.53 -34.30 6.22
C THR B 408 -9.12 -35.62 6.70
N LEU B 409 -10.36 -35.57 7.16
CA LEU B 409 -11.07 -36.74 7.65
C LEU B 409 -12.16 -37.17 6.66
N ARG B 410 -12.33 -38.49 6.53
CA ARG B 410 -13.46 -39.07 5.81
C ARG B 410 -14.40 -39.64 6.87
N VAL B 411 -15.57 -39.04 7.02
CA VAL B 411 -16.46 -39.41 8.12
C VAL B 411 -17.74 -40.10 7.65
N GLY B 412 -18.00 -41.29 8.17
CA GLY B 412 -19.23 -41.99 7.86
C GLY B 412 -20.32 -41.70 8.89
N VAL B 413 -21.56 -41.56 8.43
CA VAL B 413 -22.71 -41.39 9.32
C VAL B 413 -23.09 -42.72 10.00
N SER B 417 -27.88 -39.18 8.47
CA SER B 417 -28.20 -38.26 7.37
C SER B 417 -27.10 -37.24 7.08
N ALA B 418 -26.26 -37.52 6.10
CA ALA B 418 -25.27 -36.56 5.63
C ALA B 418 -25.87 -35.21 5.21
N PRO B 419 -27.00 -35.22 4.45
CA PRO B 419 -27.64 -33.94 4.14
C PRO B 419 -27.96 -33.10 5.39
N ALA B 420 -28.40 -33.74 6.47
CA ALA B 420 -28.71 -33.03 7.71
C ALA B 420 -27.46 -32.57 8.45
N ILE B 421 -26.39 -33.35 8.36
CA ILE B 421 -25.09 -32.93 8.90
C ILE B 421 -24.63 -31.66 8.19
N LEU B 422 -24.59 -31.73 6.86
CA LEU B 422 -24.15 -30.60 6.03
C LEU B 422 -25.00 -29.35 6.27
N LYS B 423 -26.31 -29.53 6.37
CA LYS B 423 -27.23 -28.43 6.61
C LYS B 423 -27.02 -27.83 8.00
N ALA B 424 -26.81 -28.68 8.99
CA ALA B 424 -26.50 -28.24 10.34
C ALA B 424 -25.23 -27.41 10.36
N ALA B 425 -24.23 -27.86 9.61
CA ALA B 425 -22.97 -27.12 9.49
C ALA B 425 -23.21 -25.75 8.87
N GLU B 426 -24.05 -25.70 7.84
CA GLU B 426 -24.34 -24.44 7.15
C GLU B 426 -24.98 -23.44 8.11
N GLY B 427 -25.76 -23.97 9.05
CA GLY B 427 -26.40 -23.15 10.07
C GLY B 427 -25.41 -22.38 10.93
N ARG B 428 -24.17 -22.86 11.01
CA ARG B 428 -23.14 -22.19 11.78
C ARG B 428 -22.12 -21.49 10.88
N GLY B 429 -22.48 -21.32 9.60
CA GLY B 429 -21.59 -20.68 8.67
C GLY B 429 -20.40 -21.58 8.34
N ILE B 430 -20.66 -22.87 8.25
CA ILE B 430 -19.61 -23.83 7.93
C ILE B 430 -19.98 -24.73 6.74
N ASN B 431 -19.04 -24.91 5.81
CA ASN B 431 -19.21 -25.87 4.73
C ASN B 431 -18.33 -27.10 4.95
N LEU B 432 -18.93 -28.28 4.92
CA LEU B 432 -18.16 -29.53 4.89
C LEU B 432 -18.23 -30.07 3.48
N ARG B 433 -17.46 -31.12 3.20
CA ARG B 433 -17.48 -31.70 1.85
C ARG B 433 -18.42 -32.90 1.76
N PRO B 434 -19.42 -32.81 0.88
CA PRO B 434 -20.28 -33.97 0.61
C PRO B 434 -19.53 -34.98 -0.25
N LEU B 435 -19.30 -36.17 0.28
CA LEU B 435 -18.61 -37.19 -0.49
C LEU B 435 -19.61 -38.08 -1.24
N VAL B 436 -19.78 -39.29 -0.73
CA VAL B 436 -20.77 -40.20 -1.25
C VAL B 436 -21.86 -40.26 -0.18
N PRO B 437 -23.02 -40.88 -0.48
CA PRO B 437 -24.08 -40.98 0.55
C PRO B 437 -23.57 -41.58 1.87
N GLY B 438 -23.91 -40.93 2.97
CA GLY B 438 -23.52 -41.42 4.28
C GLY B 438 -22.11 -41.06 4.69
N GLU B 439 -21.43 -40.24 3.87
CA GLU B 439 -20.07 -39.84 4.17
C GLU B 439 -19.80 -38.36 3.90
N VAL B 440 -19.10 -37.71 4.82
CA VAL B 440 -18.69 -36.32 4.64
C VAL B 440 -17.19 -36.16 4.86
N GLY B 441 -16.60 -35.17 4.21
CA GLY B 441 -15.19 -34.89 4.38
C GLY B 441 -14.99 -33.60 5.13
N ILE B 442 -13.95 -33.55 5.96
CA ILE B 442 -13.59 -32.33 6.67
C ILE B 442 -12.10 -32.05 6.53
N SER B 443 -11.76 -30.91 5.93
CA SER B 443 -10.36 -30.52 5.79
C SER B 443 -10.05 -29.30 6.66
N LEU B 444 -9.16 -29.46 7.63
CA LEU B 444 -8.79 -28.35 8.50
C LEU B 444 -7.64 -27.53 7.89
N ASP B 445 -7.41 -26.34 8.45
CA ASP B 445 -6.44 -25.43 7.86
C ASP B 445 -5.84 -24.47 8.88
N GLU B 446 -5.00 -23.55 8.41
CA GLU B 446 -4.28 -22.61 9.28
C GLU B 446 -5.19 -21.68 10.11
N THR B 447 -6.39 -21.42 9.61
CA THR B 447 -7.30 -20.51 10.32
C THR B 447 -8.04 -21.18 11.47
N VAL B 448 -8.02 -22.52 11.50
CA VAL B 448 -8.82 -23.27 12.46
C VAL B 448 -8.35 -23.11 13.92
N THR B 449 -9.30 -22.80 14.80
CA THR B 449 -9.02 -22.64 16.22
C THR B 449 -9.75 -23.74 16.99
N VAL B 450 -9.49 -23.84 18.29
CA VAL B 450 -10.20 -24.83 19.10
C VAL B 450 -11.70 -24.50 19.21
N GLN B 451 -12.04 -23.23 19.09
CA GLN B 451 -13.45 -22.81 19.06
C GLN B 451 -14.13 -23.35 17.80
N ASP B 452 -13.42 -23.32 16.67
CA ASP B 452 -13.93 -23.91 15.43
C ASP B 452 -14.12 -25.41 15.64
N LEU B 453 -13.15 -26.02 16.33
CA LEU B 453 -13.20 -27.45 16.65
C LEU B 453 -14.44 -27.77 17.49
N LEU B 454 -14.69 -26.92 18.48
CA LEU B 454 -15.86 -27.07 19.35
C LEU B 454 -17.14 -27.03 18.53
N ASP B 455 -17.20 -26.09 17.58
CA ASP B 455 -18.34 -25.95 16.67
C ASP B 455 -18.59 -27.23 15.89
N LEU B 456 -17.54 -27.81 15.30
CA LEU B 456 -17.69 -29.03 14.52
C LEU B 456 -18.24 -30.17 15.38
N TRP B 457 -17.72 -30.31 16.60
CA TRP B 457 -18.22 -31.34 17.51
C TRP B 457 -19.70 -31.19 17.81
N GLN B 458 -20.11 -29.96 18.11
CA GLN B 458 -21.50 -29.70 18.47
C GLN B 458 -22.46 -29.97 17.31
N VAL B 459 -22.01 -29.65 16.10
CA VAL B 459 -22.76 -30.00 14.90
C VAL B 459 -23.00 -31.51 14.84
N PHE B 460 -21.91 -32.28 14.85
CA PHE B 460 -22.02 -33.73 14.79
C PHE B 460 -22.74 -34.34 15.99
N ALA B 461 -22.56 -33.74 17.16
CA ALA B 461 -23.23 -34.26 18.36
C ALA B 461 -24.74 -34.05 18.25
N GLY B 462 -25.13 -32.81 17.98
CA GLY B 462 -26.55 -32.48 17.89
C GLY B 462 -26.97 -31.60 19.06
N LYS B 463 -26.00 -31.20 19.85
CA LYS B 463 -26.23 -30.37 21.03
C LYS B 463 -24.92 -29.76 21.50
N ASP B 464 -25.00 -28.78 22.39
CA ASP B 464 -23.81 -28.05 22.82
C ASP B 464 -23.10 -28.69 24.02
N ASN B 465 -23.81 -29.58 24.71
CA ASN B 465 -23.19 -30.36 25.78
C ASN B 465 -22.59 -31.67 25.25
N LEU B 466 -21.26 -31.77 25.29
CA LEU B 466 -20.56 -32.94 24.79
C LEU B 466 -20.23 -33.89 25.93
N PRO B 467 -20.13 -35.20 25.64
CA PRO B 467 -19.83 -36.21 26.66
C PRO B 467 -18.33 -36.29 26.97
N PHE B 468 -17.61 -35.23 26.65
CA PHE B 468 -16.18 -35.13 26.94
C PHE B 468 -15.78 -33.67 27.08
N THR B 469 -14.64 -33.40 27.71
CA THR B 469 -14.08 -32.05 27.74
C THR B 469 -12.87 -31.95 26.84
N PRO B 470 -12.83 -30.93 25.97
CA PRO B 470 -11.77 -30.69 24.99
C PRO B 470 -10.37 -31.04 25.52
N GLU B 471 -10.01 -30.53 26.69
CA GLU B 471 -8.70 -30.78 27.28
C GLU B 471 -8.47 -32.26 27.60
N GLU B 472 -9.56 -32.98 27.90
CA GLU B 472 -9.51 -34.41 28.27
C GLU B 472 -9.04 -35.31 27.12
N LEU B 473 -9.19 -34.82 25.88
CA LEU B 473 -8.84 -35.62 24.71
C LEU B 473 -7.36 -35.58 24.36
N TRP B 474 -6.63 -34.60 24.90
CA TRP B 474 -5.24 -34.38 24.53
C TRP B 474 -4.37 -35.62 24.73
N SER B 475 -4.70 -36.40 25.75
CA SER B 475 -3.94 -37.59 26.12
C SER B 475 -3.92 -38.65 25.02
N GLU B 476 -5.00 -38.75 24.26
CA GLU B 476 -5.10 -39.74 23.18
C GLU B 476 -4.43 -39.25 21.89
N VAL B 477 -4.05 -37.97 21.87
CA VAL B 477 -3.49 -37.38 20.67
C VAL B 477 -2.10 -37.93 20.35
N LYS B 478 -1.99 -38.57 19.19
CA LYS B 478 -0.69 -38.99 18.68
C LYS B 478 -0.63 -38.72 17.18
N THR B 479 0.60 -38.61 16.66
CA THR B 479 0.83 -38.48 15.23
C THR B 479 0.08 -39.58 14.49
N SER B 480 -0.81 -39.19 13.58
CA SER B 480 -1.68 -40.15 12.90
C SER B 480 -1.30 -40.40 11.45
N PHE B 481 0.01 -40.40 11.20
CA PHE B 481 0.58 -40.98 9.99
C PHE B 481 1.76 -41.84 10.43
N PRO B 482 2.12 -42.87 9.65
CA PRO B 482 3.11 -43.86 10.13
C PRO B 482 4.53 -43.36 10.18
N ALA B 483 5.38 -44.07 10.92
CA ALA B 483 6.79 -43.73 11.05
C ALA B 483 7.50 -43.84 9.70
N ASP B 484 7.01 -44.75 8.87
CA ASP B 484 7.59 -45.01 7.56
C ASP B 484 7.40 -43.83 6.63
N LEU B 485 6.49 -42.93 7.01
CA LEU B 485 6.21 -41.74 6.21
C LEU B 485 6.43 -40.48 7.03
N THR B 486 7.06 -40.63 8.20
CA THR B 486 7.39 -39.48 9.04
C THR B 486 8.72 -38.86 8.62
N ARG B 487 8.66 -37.67 8.03
CA ARG B 487 9.84 -37.01 7.48
C ARG B 487 10.94 -36.73 8.51
N GLN B 488 12.19 -37.04 8.13
CA GLN B 488 13.32 -36.72 9.00
C GLN B 488 14.23 -35.66 8.35
N SER B 489 14.21 -35.59 7.02
CA SER B 489 15.06 -34.63 6.31
C SER B 489 14.67 -33.17 6.56
N LEU B 490 15.67 -32.29 6.51
CA LEU B 490 15.46 -30.86 6.76
C LEU B 490 15.13 -30.09 5.48
N TYR B 491 14.65 -28.86 5.64
CA TYR B 491 14.30 -28.01 4.51
C TYR B 491 14.44 -26.55 4.92
N LEU B 492 14.55 -25.68 3.93
CA LEU B 492 14.67 -24.23 4.15
C LEU B 492 15.79 -23.89 5.11
N GLN B 493 16.93 -24.53 4.91
CA GLN B 493 18.09 -24.32 5.78
C GLN B 493 18.98 -23.18 5.28
N ASP B 494 18.73 -22.70 4.06
CA ASP B 494 19.49 -21.56 3.56
C ASP B 494 19.21 -20.31 4.39
N ALA B 495 20.19 -19.41 4.45
CA ALA B 495 20.11 -18.21 5.28
C ALA B 495 18.88 -17.35 4.98
N VAL B 496 18.49 -17.27 3.72
CA VAL B 496 17.33 -16.45 3.36
C VAL B 496 16.06 -16.86 4.11
N PHE B 497 15.96 -18.14 4.47
CA PHE B 497 14.76 -18.60 5.17
C PHE B 497 14.87 -18.47 6.68
N ASN B 498 15.97 -17.90 7.13
CA ASN B 498 16.22 -17.82 8.57
C ASN B 498 16.48 -16.40 9.11
N GLN B 499 16.64 -15.42 8.23
CA GLN B 499 17.07 -14.09 8.70
C GLN B 499 16.05 -12.96 8.67
N TYR B 500 14.89 -13.20 8.07
CA TYR B 500 13.89 -12.14 7.95
C TYR B 500 12.57 -12.47 8.67
N HIS B 501 12.67 -12.80 9.95
CA HIS B 501 11.48 -13.20 10.72
C HIS B 501 10.79 -12.08 11.50
N SER B 502 11.48 -10.97 11.77
CA SER B 502 10.79 -9.83 12.37
C SER B 502 10.07 -9.08 11.25
N GLU B 503 9.04 -8.33 11.59
CA GLU B 503 8.33 -7.61 10.53
C GLU B 503 9.23 -6.56 9.91
N THR B 504 10.04 -5.90 10.73
CA THR B 504 10.95 -4.88 10.20
C THR B 504 11.97 -5.46 9.21
N GLU B 505 12.52 -6.62 9.52
CA GLU B 505 13.49 -7.23 8.62
C GLU B 505 12.85 -7.61 7.29
N LEU B 506 11.64 -8.16 7.33
CA LEU B 506 10.96 -8.56 6.09
C LEU B 506 10.59 -7.34 5.24
N LEU B 507 10.10 -6.29 5.91
CA LEU B 507 9.74 -5.05 5.22
C LEU B 507 10.95 -4.52 4.43
N ARG B 508 12.11 -4.52 5.09
CA ARG B 508 13.34 -4.05 4.45
C ARG B 508 13.84 -4.96 3.32
N TYR B 509 13.75 -6.26 3.52
CA TYR B 509 14.16 -7.21 2.48
C TYR B 509 13.28 -7.00 1.25
N LEU B 510 11.97 -6.92 1.47
CA LEU B 510 11.03 -6.65 0.39
C LEU B 510 11.33 -5.33 -0.31
N HIS B 511 11.61 -4.29 0.47
CA HIS B 511 11.95 -2.99 -0.10
C HIS B 511 13.21 -3.04 -0.96
N GLN B 512 14.21 -3.79 -0.51
CA GLN B 512 15.45 -3.88 -1.27
C GLN B 512 15.28 -4.61 -2.60
N LEU B 513 14.53 -5.70 -2.60
CA LEU B 513 14.25 -6.41 -3.85
C LEU B 513 13.44 -5.53 -4.79
N GLU B 514 12.38 -4.94 -4.25
CA GLU B 514 11.51 -4.08 -5.03
C GLU B 514 12.30 -2.95 -5.68
N SER B 515 13.23 -2.40 -4.92
N SER B 515 13.24 -2.38 -4.93
CA SER B 515 14.00 -1.25 -5.39
CA SER B 515 13.98 -1.22 -5.43
C SER B 515 14.89 -1.56 -6.59
C SER B 515 14.91 -1.55 -6.60
N LYS B 516 15.22 -2.83 -6.79
CA LYS B 516 16.08 -3.25 -7.91
C LYS B 516 15.33 -3.29 -9.24
N ASP B 517 14.01 -3.32 -9.16
CA ASP B 517 13.18 -3.63 -10.33
C ASP B 517 12.54 -2.38 -10.94
N LEU B 518 12.54 -2.31 -12.27
CA LEU B 518 11.86 -1.22 -12.93
C LEU B 518 10.42 -1.65 -13.22
N ALA B 519 9.46 -0.97 -12.60
CA ALA B 519 8.05 -1.25 -12.81
C ALA B 519 7.31 0.01 -13.28
N LEU B 520 5.99 -0.05 -13.44
CA LEU B 520 5.27 1.08 -14.03
C LEU B 520 5.23 2.30 -13.12
N ASN B 521 5.64 2.15 -11.85
CA ASN B 521 5.74 3.31 -10.96
C ASN B 521 7.06 4.07 -11.16
N THR B 522 7.87 3.60 -12.11
CA THR B 522 9.11 4.31 -12.47
C THR B 522 9.01 4.99 -13.83
N SER B 523 8.66 4.22 -14.86
CA SER B 523 8.60 4.80 -16.20
C SER B 523 7.81 3.89 -17.12
N MET B 524 7.49 4.40 -18.31
N MET B 524 7.49 4.40 -18.31
CA MET B 524 6.76 3.63 -19.32
CA MET B 524 6.74 3.62 -19.29
C MET B 524 7.51 2.36 -19.71
C MET B 524 7.51 2.36 -19.69
N ILE B 525 6.79 1.26 -19.89
CA ILE B 525 7.39 0.02 -20.35
C ILE B 525 6.66 -0.32 -21.65
N PRO B 526 7.16 0.20 -22.79
CA PRO B 526 6.32 0.18 -23.99
C PRO B 526 6.47 -1.12 -24.79
N LEU B 527 6.22 -2.24 -24.12
CA LEU B 527 6.38 -3.57 -24.74
C LEU B 527 5.31 -3.83 -25.79
N GLY B 528 5.70 -3.85 -27.07
CA GLY B 528 4.78 -4.23 -28.12
C GLY B 528 4.13 -5.58 -27.85
N SER B 529 2.83 -5.67 -28.13
CA SER B 529 2.04 -6.88 -27.94
C SER B 529 1.71 -7.22 -26.47
N CYS B 530 2.09 -6.35 -25.53
CA CYS B 530 1.83 -6.63 -24.11
C CYS B 530 0.87 -5.64 -23.44
N THR B 531 0.68 -4.48 -24.06
CA THR B 531 -0.27 -3.46 -23.56
C THR B 531 -0.06 -3.11 -22.07
N MET B 532 1.05 -2.45 -21.79
CA MET B 532 1.40 -2.09 -20.42
C MET B 532 0.67 -0.81 -19.99
N LYS B 533 -0.66 -0.90 -19.87
CA LYS B 533 -1.47 0.28 -19.55
C LYS B 533 -1.68 0.40 -18.04
N LEU B 534 -2.47 1.39 -17.62
CA LEU B 534 -2.68 1.65 -16.19
C LEU B 534 -3.45 0.54 -15.51
N ASN B 535 -2.90 0.07 -14.39
CA ASN B 535 -3.61 -0.82 -13.50
C ASN B 535 -4.08 0.02 -12.33
N ALA B 536 -5.30 0.54 -12.45
CA ALA B 536 -5.76 1.59 -11.55
C ALA B 536 -6.03 1.06 -10.17
N THR B 537 -5.75 1.90 -9.15
CA THR B 537 -5.97 1.53 -7.76
C THR B 537 -7.39 1.07 -7.49
N ALA B 538 -8.37 1.77 -8.06
CA ALA B 538 -9.76 1.45 -7.81
C ALA B 538 -10.13 0.07 -8.38
N GLU B 539 -9.48 -0.31 -9.49
CA GLU B 539 -9.66 -1.64 -10.07
C GLU B 539 -9.05 -2.73 -9.19
N MET B 540 -7.90 -2.43 -8.59
CA MET B 540 -7.18 -3.41 -7.78
C MET B 540 -7.79 -3.61 -6.40
N MET B 541 -8.35 -2.54 -5.84
CA MET B 541 -8.88 -2.58 -4.47
C MET B 541 -9.79 -3.77 -4.12
N PRO B 542 -10.82 -4.04 -4.94
CA PRO B 542 -11.73 -5.14 -4.56
C PRO B 542 -11.10 -6.54 -4.54
N VAL B 543 -9.97 -6.74 -5.22
CA VAL B 543 -9.31 -8.06 -5.21
C VAL B 543 -9.12 -8.59 -3.79
N THR B 544 -8.79 -7.69 -2.87
CA THR B 544 -8.52 -8.12 -1.49
C THR B 544 -9.68 -7.92 -0.52
N TRP B 545 -10.88 -7.66 -1.03
CA TRP B 545 -12.06 -7.71 -0.15
C TRP B 545 -12.30 -9.18 0.17
N PRO B 546 -12.58 -9.48 1.44
CA PRO B 546 -12.86 -10.86 1.85
C PRO B 546 -13.99 -11.48 1.04
N GLU B 547 -15.00 -10.70 0.67
CA GLU B 547 -16.11 -11.25 -0.09
C GLU B 547 -15.74 -11.74 -1.49
N PHE B 548 -14.56 -11.38 -1.98
CA PHE B 548 -14.05 -11.96 -3.22
C PHE B 548 -12.87 -12.87 -2.94
N GLY B 549 -11.95 -12.43 -2.09
CA GLY B 549 -10.71 -13.16 -1.85
C GLY B 549 -10.79 -14.36 -0.94
N LYS B 550 -11.83 -14.42 -0.10
CA LYS B 550 -11.87 -15.44 0.95
C LYS B 550 -12.99 -16.49 0.72
N ILE B 551 -13.39 -16.68 -0.54
CA ILE B 551 -14.42 -17.67 -0.88
C ILE B 551 -13.80 -18.90 -1.54
N HIS B 552 -14.19 -20.09 -1.06
CA HIS B 552 -13.69 -21.35 -1.60
C HIS B 552 -14.37 -21.61 -2.95
N PRO B 553 -13.60 -22.02 -3.98
CA PRO B 553 -14.17 -22.20 -5.33
C PRO B 553 -15.30 -23.20 -5.40
N PHE B 554 -15.37 -24.13 -4.45
CA PHE B 554 -16.45 -25.10 -4.45
C PHE B 554 -17.51 -24.86 -3.36
N ALA B 555 -17.57 -23.63 -2.85
CA ALA B 555 -18.66 -23.27 -1.92
C ALA B 555 -20.02 -23.37 -2.62
N PRO B 556 -21.08 -23.72 -1.85
CA PRO B 556 -22.44 -23.82 -2.40
C PRO B 556 -22.88 -22.55 -3.13
N ALA B 557 -23.65 -22.71 -4.20
CA ALA B 557 -24.11 -21.59 -5.03
C ALA B 557 -24.82 -20.50 -4.23
N GLY B 558 -25.55 -20.90 -3.20
CA GLY B 558 -26.26 -19.95 -2.35
C GLY B 558 -25.36 -18.95 -1.64
N GLN B 559 -24.06 -19.21 -1.63
CA GLN B 559 -23.10 -18.35 -0.93
C GLN B 559 -22.32 -17.45 -1.87
N THR B 560 -22.55 -17.61 -3.17
CA THR B 560 -21.69 -16.99 -4.18
C THR B 560 -22.49 -16.15 -5.17
N GLU B 561 -23.63 -15.61 -4.71
CA GLU B 561 -24.50 -14.83 -5.57
C GLU B 561 -23.82 -13.59 -6.14
N GLY B 562 -22.91 -12.99 -5.37
CA GLY B 562 -22.18 -11.83 -5.85
C GLY B 562 -21.28 -12.18 -7.04
N TYR B 563 -20.56 -13.29 -6.93
CA TYR B 563 -19.76 -13.76 -8.05
C TYR B 563 -20.64 -14.08 -9.27
N GLN B 564 -21.80 -14.69 -9.03
CA GLN B 564 -22.71 -15.02 -10.14
C GLN B 564 -23.10 -13.78 -10.93
N ILE B 565 -23.38 -12.70 -10.20
CA ILE B 565 -23.68 -11.42 -10.84
C ILE B 565 -22.47 -10.88 -11.60
N LEU B 566 -21.30 -10.91 -10.96
CA LEU B 566 -20.06 -10.48 -11.58
C LEU B 566 -19.84 -11.20 -12.91
N PHE B 567 -19.94 -12.52 -12.87
CA PHE B 567 -19.73 -13.34 -14.07
C PHE B 567 -20.73 -13.02 -15.15
N ALA B 568 -22.01 -12.92 -14.78
CA ALA B 568 -23.05 -12.64 -15.75
C ALA B 568 -22.79 -11.29 -16.43
N GLN B 569 -22.42 -10.29 -15.64
CA GLN B 569 -22.21 -8.96 -16.20
C GLN B 569 -20.98 -8.95 -17.10
N LEU B 570 -19.88 -9.53 -16.62
CA LEU B 570 -18.65 -9.57 -17.39
C LEU B 570 -18.84 -10.32 -18.70
N GLU B 571 -19.56 -11.44 -18.66
CA GLU B 571 -19.84 -12.19 -19.88
C GLU B 571 -20.66 -11.38 -20.89
N ALA B 572 -21.67 -10.66 -20.41
CA ALA B 572 -22.46 -9.82 -21.30
C ALA B 572 -21.61 -8.71 -21.92
N TRP B 573 -20.78 -8.06 -21.10
CA TRP B 573 -19.98 -6.94 -21.58
C TRP B 573 -18.86 -7.35 -22.57
N LEU B 574 -18.16 -8.43 -22.26
CA LEU B 574 -17.10 -8.93 -23.15
C LEU B 574 -17.71 -9.47 -24.44
N GLY B 575 -18.92 -9.99 -24.33
CA GLY B 575 -19.65 -10.45 -25.51
C GLY B 575 -20.04 -9.29 -26.41
N GLU B 576 -20.42 -8.17 -25.80
CA GLU B 576 -20.77 -6.99 -26.59
C GLU B 576 -19.52 -6.39 -27.25
N ILE B 577 -18.43 -6.35 -26.50
CA ILE B 577 -17.17 -5.82 -27.01
C ILE B 577 -16.67 -6.66 -28.22
N THR B 578 -16.80 -7.98 -28.12
CA THR B 578 -16.25 -8.88 -29.15
C THR B 578 -17.27 -9.20 -30.23
N GLY B 579 -18.55 -9.06 -29.89
CA GLY B 579 -19.60 -9.43 -30.81
C GLY B 579 -19.97 -10.91 -30.71
N PHE B 580 -19.32 -11.64 -29.81
CA PHE B 580 -19.65 -13.07 -29.67
C PHE B 580 -20.91 -13.33 -28.84
N ASP B 581 -21.47 -14.52 -29.03
CA ASP B 581 -22.74 -14.90 -28.43
C ASP B 581 -22.58 -15.48 -27.03
N ALA B 582 -21.38 -15.96 -26.72
CA ALA B 582 -21.12 -16.59 -25.43
C ALA B 582 -19.67 -16.45 -25.03
N ILE B 583 -19.45 -16.31 -23.72
CA ILE B 583 -18.11 -16.12 -23.17
C ILE B 583 -17.84 -17.18 -22.12
N SER B 584 -16.65 -17.79 -22.15
CA SER B 584 -16.20 -18.62 -21.04
C SER B 584 -15.10 -17.87 -20.30
N LEU B 585 -15.31 -17.64 -19.00
CA LEU B 585 -14.31 -16.94 -18.20
C LEU B 585 -13.26 -17.89 -17.60
N GLN B 586 -13.32 -19.16 -17.96
CA GLN B 586 -12.46 -20.16 -17.31
C GLN B 586 -10.94 -20.11 -17.62
N PRO B 587 -10.54 -19.99 -18.91
CA PRO B 587 -9.11 -20.16 -19.18
C PRO B 587 -8.25 -19.13 -18.45
N ASN B 588 -7.20 -19.59 -17.79
CA ASN B 588 -6.51 -18.74 -16.81
C ASN B 588 -5.13 -18.28 -17.25
N ALA B 589 -4.96 -18.09 -18.55
CA ALA B 589 -3.73 -17.56 -19.14
C ALA B 589 -4.08 -17.22 -20.57
N GLY B 590 -3.30 -16.34 -21.20
CA GLY B 590 -3.48 -16.10 -22.62
C GLY B 590 -3.32 -17.41 -23.39
N SER B 591 -2.29 -18.18 -23.04
CA SER B 591 -2.04 -19.44 -23.76
C SER B 591 -3.18 -20.44 -23.54
N GLN B 592 -3.80 -20.39 -22.35
CA GLN B 592 -4.96 -21.23 -22.08
C GLN B 592 -6.15 -20.82 -22.93
N GLY B 593 -6.26 -19.52 -23.21
CA GLY B 593 -7.29 -19.06 -24.12
C GLY B 593 -7.13 -19.61 -25.53
N GLU B 594 -5.91 -19.57 -26.08
CA GLU B 594 -5.69 -20.13 -27.42
C GLU B 594 -6.02 -21.62 -27.44
N TYR B 595 -5.51 -22.32 -26.42
CA TYR B 595 -5.69 -23.76 -26.32
C TYR B 595 -7.19 -24.09 -26.24
N ALA B 596 -7.91 -23.37 -25.39
CA ALA B 596 -9.34 -23.58 -25.25
C ALA B 596 -10.10 -23.33 -26.56
N GLY B 597 -9.76 -22.23 -27.23
CA GLY B 597 -10.40 -21.89 -28.48
C GLY B 597 -10.19 -22.96 -29.54
N LEU B 598 -8.97 -23.49 -29.62
CA LEU B 598 -8.71 -24.54 -30.60
C LEU B 598 -9.37 -25.86 -30.22
N GLN B 599 -9.48 -26.13 -28.92
CA GLN B 599 -10.19 -27.32 -28.44
C GLN B 599 -11.66 -27.26 -28.83
N VAL B 600 -12.25 -26.07 -28.73
CA VAL B 600 -13.64 -25.87 -29.11
C VAL B 600 -13.83 -26.08 -30.62
N ILE B 601 -12.88 -25.60 -31.41
CA ILE B 601 -12.95 -25.82 -32.85
C ILE B 601 -12.81 -27.32 -33.17
N ARG B 602 -11.85 -27.97 -32.51
CA ARG B 602 -11.66 -29.42 -32.67
C ARG B 602 -12.94 -30.19 -32.35
N GLN B 603 -13.59 -29.80 -31.26
CA GLN B 603 -14.81 -30.45 -30.78
C GLN B 603 -15.96 -30.25 -31.77
N TYR B 604 -16.01 -29.07 -32.36
CA TYR B 604 -17.00 -28.78 -33.40
C TYR B 604 -16.90 -29.75 -34.57
N HIS B 605 -15.68 -29.97 -35.05
CA HIS B 605 -15.51 -30.85 -36.21
C HIS B 605 -15.82 -32.30 -35.83
N LEU B 606 -15.50 -32.67 -34.59
CA LEU B 606 -15.80 -34.01 -34.09
C LEU B 606 -17.31 -34.21 -34.06
N SER B 607 -18.02 -33.16 -33.65
CA SER B 607 -19.48 -33.18 -33.56
C SER B 607 -20.15 -33.35 -34.92
N ARG B 608 -19.40 -33.08 -35.99
CA ARG B 608 -19.92 -33.20 -37.34
C ARG B 608 -19.39 -34.47 -38.01
N GLY B 609 -18.73 -35.31 -37.21
CA GLY B 609 -18.17 -36.55 -37.70
C GLY B 609 -17.02 -36.34 -38.67
N GLU B 610 -16.24 -35.29 -38.43
CA GLU B 610 -15.15 -34.92 -39.33
C GLU B 610 -13.80 -34.82 -38.63
N GLU B 611 -13.39 -35.90 -37.97
CA GLU B 611 -12.13 -35.91 -37.23
C GLU B 611 -10.90 -35.75 -38.12
N GLN B 612 -11.07 -35.95 -39.42
CA GLN B 612 -9.97 -35.77 -40.36
C GLN B 612 -9.58 -34.29 -40.54
N ARG B 613 -10.40 -33.38 -40.01
CA ARG B 613 -10.07 -31.95 -40.07
C ARG B 613 -9.15 -31.55 -38.92
N ASN B 614 -7.85 -31.57 -39.18
CA ASN B 614 -6.88 -31.21 -38.15
C ASN B 614 -5.77 -30.28 -38.66
N ILE B 615 -5.93 -29.74 -39.86
CA ILE B 615 -4.98 -28.78 -40.39
C ILE B 615 -5.20 -27.40 -39.78
N CYS B 616 -4.17 -26.83 -39.18
CA CYS B 616 -4.26 -25.48 -38.65
C CYS B 616 -3.36 -24.53 -39.45
N LEU B 617 -3.98 -23.63 -40.21
CA LEU B 617 -3.26 -22.60 -40.95
C LEU B 617 -2.81 -21.50 -40.00
N ILE B 618 -1.52 -21.17 -40.03
CA ILE B 618 -0.98 -20.12 -39.16
C ILE B 618 0.03 -19.26 -39.92
N PRO B 619 -0.19 -17.94 -39.95
CA PRO B 619 0.77 -17.03 -40.60
C PRO B 619 2.17 -17.21 -40.01
N GLU B 620 3.20 -17.13 -40.85
CA GLU B 620 4.57 -17.40 -40.43
C GLU B 620 5.11 -16.38 -39.40
N SER B 621 4.42 -15.25 -39.25
CA SER B 621 4.83 -14.23 -38.30
C SER B 621 4.17 -14.37 -36.93
N ALA B 622 3.42 -15.45 -36.72
CA ALA B 622 2.67 -15.62 -35.47
C ALA B 622 3.58 -15.87 -34.28
N HIS B 623 3.08 -15.51 -33.11
CA HIS B 623 3.79 -15.83 -31.87
C HIS B 623 3.88 -17.34 -31.70
N GLY B 624 4.99 -17.81 -31.13
CA GLY B 624 5.27 -19.24 -31.02
C GLY B 624 4.26 -20.03 -30.19
N THR B 625 3.53 -19.35 -29.32
CA THR B 625 2.51 -20.03 -28.52
C THR B 625 1.37 -20.54 -29.40
N ASN B 626 1.08 -19.83 -30.49
CA ASN B 626 0.02 -20.25 -31.41
C ASN B 626 0.22 -21.68 -31.96
N PRO B 627 1.33 -21.94 -32.69
CA PRO B 627 1.57 -23.32 -33.15
C PRO B 627 1.68 -24.33 -32.01
N ALA B 628 2.23 -23.92 -30.88
CA ALA B 628 2.35 -24.85 -29.74
C ALA B 628 0.96 -25.25 -29.22
N SER B 629 0.07 -24.27 -29.10
CA SER B 629 -1.33 -24.56 -28.74
C SER B 629 -2.00 -25.48 -29.75
N ALA B 630 -1.80 -25.22 -31.04
CA ALA B 630 -2.37 -26.08 -32.08
C ALA B 630 -1.88 -27.52 -31.99
N VAL B 631 -0.58 -27.68 -31.77
CA VAL B 631 -0.01 -29.03 -31.62
C VAL B 631 -0.58 -29.74 -30.39
N MET B 632 -0.74 -29.01 -29.28
CA MET B 632 -1.35 -29.58 -28.07
C MET B 632 -2.77 -30.04 -28.35
N CYS B 633 -3.39 -29.43 -29.36
N CYS B 633 -3.38 -29.44 -29.36
CA CYS B 633 -4.75 -29.78 -29.76
CA CYS B 633 -4.75 -29.77 -29.73
C CYS B 633 -4.81 -30.85 -30.82
C CYS B 633 -4.79 -30.82 -30.84
N GLY B 634 -3.67 -31.51 -31.05
CA GLY B 634 -3.62 -32.58 -32.06
C GLY B 634 -3.68 -32.08 -33.50
N MET B 635 -3.43 -30.80 -33.71
CA MET B 635 -3.50 -30.24 -35.06
C MET B 635 -2.14 -30.25 -35.76
N GLN B 636 -2.17 -30.37 -37.09
CA GLN B 636 -0.95 -30.24 -37.89
C GLN B 636 -0.87 -28.81 -38.42
N VAL B 637 0.24 -28.13 -38.12
CA VAL B 637 0.42 -26.73 -38.49
C VAL B 637 0.91 -26.57 -39.93
N VAL B 638 0.26 -25.68 -40.69
CA VAL B 638 0.68 -25.33 -42.04
C VAL B 638 0.88 -23.81 -42.08
N PRO B 639 2.13 -23.38 -42.33
CA PRO B 639 2.41 -21.93 -42.28
C PRO B 639 1.81 -21.22 -43.48
N VAL B 640 1.43 -19.95 -43.32
CA VAL B 640 0.97 -19.13 -44.45
C VAL B 640 1.89 -17.93 -44.62
N LYS B 641 2.32 -17.65 -45.85
CA LYS B 641 3.29 -16.59 -46.13
C LYS B 641 2.76 -15.17 -45.87
N CME B 642 3.63 -14.28 -45.39
CA CME B 642 3.35 -12.86 -45.43
CB CME B 642 4.19 -12.12 -44.45
SG CME B 642 4.07 -12.66 -42.77
SD CME B 642 2.14 -13.09 -42.42
CE CME B 642 1.22 -11.59 -42.29
CZ CME B 642 1.50 -10.67 -41.16
OH CME B 642 1.48 -11.20 -39.87
C CME B 642 3.76 -12.39 -46.79
O CME B 642 4.69 -12.95 -47.37
N ASP B 643 3.10 -11.36 -47.31
CA ASP B 643 3.48 -10.83 -48.62
C ASP B 643 4.68 -9.89 -48.55
N GLY B 644 5.09 -9.38 -49.71
CA GLY B 644 6.23 -8.47 -49.80
C GLY B 644 6.05 -7.19 -49.01
N GLU B 645 4.81 -6.86 -48.68
CA GLU B 645 4.53 -5.69 -47.85
C GLU B 645 4.20 -6.08 -46.40
N GLY B 646 4.39 -7.35 -46.07
CA GLY B 646 4.21 -7.80 -44.70
C GLY B 646 2.76 -8.02 -44.26
N ASN B 647 1.87 -8.17 -45.23
CA ASN B 647 0.49 -8.59 -44.94
C ASN B 647 0.37 -10.07 -45.25
N ILE B 648 -0.66 -10.73 -44.71
CA ILE B 648 -0.96 -12.10 -45.09
C ILE B 648 -1.05 -12.22 -46.60
N ASP B 649 -0.33 -13.19 -47.16
CA ASP B 649 -0.40 -13.46 -48.60
C ASP B 649 -1.73 -14.17 -48.89
N VAL B 650 -2.69 -13.42 -49.44
CA VAL B 650 -4.03 -13.95 -49.71
C VAL B 650 -3.98 -15.08 -50.75
N GLU B 651 -3.14 -14.93 -51.75
CA GLU B 651 -3.00 -16.00 -52.75
C GLU B 651 -2.48 -17.29 -52.12
N ASP B 652 -1.46 -17.17 -51.27
CA ASP B 652 -0.88 -18.33 -50.60
C ASP B 652 -1.91 -18.99 -49.70
N LEU B 653 -2.63 -18.17 -48.93
CA LEU B 653 -3.69 -18.66 -48.05
C LEU B 653 -4.74 -19.43 -48.84
N THR B 654 -5.19 -18.83 -49.94
CA THR B 654 -6.19 -19.44 -50.79
C THR B 654 -5.70 -20.78 -51.34
N SER B 655 -4.44 -20.81 -51.78
CA SER B 655 -3.87 -22.03 -52.33
C SER B 655 -3.81 -23.12 -51.26
N LYS B 656 -3.37 -22.77 -50.07
CA LYS B 656 -3.23 -23.77 -49.01
C LYS B 656 -4.57 -24.24 -48.45
N ALA B 657 -5.51 -23.30 -48.31
CA ALA B 657 -6.87 -23.65 -47.90
C ALA B 657 -7.52 -24.64 -48.87
N GLU B 658 -7.33 -24.40 -50.15
CA GLU B 658 -7.84 -25.29 -51.19
C GLU B 658 -7.15 -26.67 -51.16
N LYS B 659 -5.83 -26.65 -50.97
CA LYS B 659 -5.03 -27.87 -50.95
C LYS B 659 -5.43 -28.80 -49.79
N TYR B 660 -5.63 -28.20 -48.63
CA TYR B 660 -5.98 -28.94 -47.43
C TYR B 660 -7.48 -28.82 -47.10
N GLY B 661 -8.27 -28.51 -48.11
CA GLY B 661 -9.70 -28.28 -47.93
C GLY B 661 -10.41 -29.39 -47.20
N ASP B 662 -10.15 -30.62 -47.63
CA ASP B 662 -10.72 -31.80 -47.02
C ASP B 662 -10.30 -31.99 -45.56
N ARG B 663 -9.20 -31.38 -45.16
CA ARG B 663 -8.65 -31.59 -43.82
C ARG B 663 -8.52 -30.31 -42.99
N LEU B 664 -9.12 -29.22 -43.46
CA LEU B 664 -8.88 -27.92 -42.85
C LEU B 664 -9.71 -27.71 -41.58
N ALA B 665 -9.02 -27.55 -40.45
CA ALA B 665 -9.68 -27.35 -39.17
C ALA B 665 -9.87 -25.86 -38.87
N ALA B 666 -8.79 -25.09 -39.04
CA ALA B 666 -8.78 -23.73 -38.52
C ALA B 666 -7.75 -22.84 -39.18
N LEU B 667 -7.97 -21.53 -39.05
CA LEU B 667 -6.95 -20.53 -39.32
C LEU B 667 -6.78 -19.75 -38.03
N MET B 668 -5.54 -19.54 -37.59
CA MET B 668 -5.32 -18.69 -36.41
C MET B 668 -4.82 -17.34 -36.90
N VAL B 669 -5.53 -16.27 -36.54
CA VAL B 669 -5.10 -14.91 -36.89
C VAL B 669 -5.05 -13.98 -35.70
N THR B 670 -4.15 -13.00 -35.76
CA THR B 670 -4.17 -11.88 -34.83
C THR B 670 -4.66 -10.68 -35.63
N TYR B 671 -5.49 -9.85 -35.01
CA TYR B 671 -5.97 -8.65 -35.68
C TYR B 671 -6.02 -7.46 -34.71
N PRO B 672 -5.41 -6.32 -35.08
CA PRO B 672 -4.56 -6.17 -36.29
C PRO B 672 -3.35 -7.13 -36.25
N SER B 673 -2.68 -7.31 -37.39
CA SER B 673 -1.68 -8.38 -37.54
C SER B 673 -0.56 -8.28 -36.51
N THR B 674 0.27 -9.33 -36.42
CA THR B 674 1.40 -9.30 -35.51
C THR B 674 2.39 -8.20 -35.92
N HIS B 675 2.31 -7.78 -37.17
CA HIS B 675 3.12 -6.68 -37.66
C HIS B 675 2.50 -5.32 -37.34
N GLY B 676 1.37 -5.33 -36.62
CA GLY B 676 0.75 -4.09 -36.17
C GLY B 676 -0.12 -3.42 -37.22
N VAL B 677 -0.60 -4.21 -38.18
CA VAL B 677 -1.31 -3.65 -39.33
C VAL B 677 -2.80 -3.98 -39.34
N PHE B 678 -3.63 -2.96 -39.50
CA PHE B 678 -5.05 -3.15 -39.81
C PHE B 678 -5.21 -3.58 -41.25
N GLU B 679 -5.14 -4.88 -41.52
CA GLU B 679 -5.30 -5.39 -42.89
C GLU B 679 -6.74 -5.23 -43.38
N ALA B 680 -6.91 -4.69 -44.58
CA ALA B 680 -8.26 -4.49 -45.11
C ALA B 680 -8.85 -5.80 -45.66
N THR B 681 -8.03 -6.84 -45.69
CA THR B 681 -8.40 -8.13 -46.27
C THR B 681 -8.94 -9.14 -45.26
N ILE B 682 -9.02 -8.75 -43.99
CA ILE B 682 -9.36 -9.70 -42.92
C ILE B 682 -10.69 -10.44 -43.15
N GLY B 683 -11.72 -9.73 -43.61
CA GLY B 683 -13.00 -10.34 -43.90
C GLY B 683 -12.91 -11.32 -45.05
N THR B 684 -12.16 -10.95 -46.08
CA THR B 684 -11.95 -11.84 -47.23
C THR B 684 -11.22 -13.11 -46.81
N ILE B 685 -10.23 -12.94 -45.95
CA ILE B 685 -9.47 -14.05 -45.40
C ILE B 685 -10.37 -15.03 -44.64
N CYS B 686 -11.22 -14.51 -43.76
CA CYS B 686 -12.18 -15.35 -43.05
C CYS B 686 -13.14 -16.07 -44.01
N ASP B 687 -13.58 -15.38 -45.06
CA ASP B 687 -14.48 -16.01 -46.03
C ASP B 687 -13.84 -17.22 -46.70
N ILE B 688 -12.58 -17.07 -47.10
CA ILE B 688 -11.85 -18.15 -47.76
C ILE B 688 -11.77 -19.39 -46.88
N VAL B 689 -11.40 -19.19 -45.61
CA VAL B 689 -11.33 -20.31 -44.66
C VAL B 689 -12.67 -21.02 -44.52
N HIS B 690 -13.74 -20.27 -44.31
CA HIS B 690 -15.08 -20.85 -44.21
C HIS B 690 -15.49 -21.61 -45.47
N ARG B 691 -15.18 -21.04 -46.63
CA ARG B 691 -15.49 -21.69 -47.90
C ARG B 691 -14.91 -23.10 -47.99
N PHE B 692 -13.79 -23.31 -47.31
CA PHE B 692 -13.12 -24.60 -47.35
C PHE B 692 -13.34 -25.42 -46.07
N GLY B 693 -14.27 -24.96 -45.23
CA GLY B 693 -14.74 -25.73 -44.09
C GLY B 693 -13.99 -25.55 -42.79
N GLY B 694 -13.09 -24.55 -42.76
CA GLY B 694 -12.33 -24.31 -41.54
C GLY B 694 -13.06 -23.33 -40.65
N GLU B 695 -12.62 -23.25 -39.39
CA GLU B 695 -13.11 -22.22 -38.47
C GLU B 695 -12.02 -21.18 -38.29
N VAL B 696 -12.40 -19.97 -37.93
CA VAL B 696 -11.40 -18.93 -37.70
C VAL B 696 -11.24 -18.58 -36.22
N TYR B 697 -10.02 -18.72 -35.71
CA TYR B 697 -9.71 -18.33 -34.35
C TYR B 697 -8.88 -17.04 -34.39
N MET B 698 -9.25 -16.07 -33.56
CA MET B 698 -8.46 -14.84 -33.45
C MET B 698 -7.74 -14.72 -32.11
N ASP B 699 -6.42 -14.57 -32.16
CA ASP B 699 -5.60 -14.34 -30.97
C ASP B 699 -5.87 -12.90 -30.56
N GLY B 700 -6.18 -12.66 -29.28
CA GLY B 700 -6.53 -11.32 -28.81
C GLY B 700 -5.36 -10.43 -28.40
N ALA B 701 -4.14 -10.77 -28.82
CA ALA B 701 -2.94 -9.98 -28.48
C ALA B 701 -3.09 -8.47 -28.74
N ASN B 702 -3.75 -8.13 -29.84
CA ASN B 702 -3.84 -6.75 -30.29
C ASN B 702 -5.20 -6.11 -30.13
N MET B 703 -6.00 -6.66 -29.21
CA MET B 703 -7.35 -6.16 -29.01
C MET B 703 -7.38 -4.70 -28.52
N ASN B 704 -6.26 -4.19 -28.02
CA ASN B 704 -6.25 -2.80 -27.55
C ASN B 704 -6.37 -1.82 -28.71
N ALA B 705 -6.20 -2.30 -29.94
CA ALA B 705 -6.45 -1.49 -31.14
C ALA B 705 -7.91 -1.59 -31.62
N GLN B 706 -8.71 -2.46 -30.99
CA GLN B 706 -10.04 -2.77 -31.54
C GLN B 706 -11.23 -2.24 -30.74
N VAL B 707 -11.10 -2.16 -29.43
CA VAL B 707 -12.28 -1.99 -28.58
C VAL B 707 -13.10 -0.77 -28.98
N GLY B 708 -14.32 -1.00 -29.43
CA GLY B 708 -15.20 0.08 -29.82
C GLY B 708 -15.06 0.46 -31.29
N LEU B 709 -14.00 -0.01 -31.93
CA LEU B 709 -13.71 0.37 -33.31
C LEU B 709 -14.00 -0.77 -34.29
N CYS B 710 -13.87 -2.01 -33.81
CA CYS B 710 -14.03 -3.20 -34.64
CA CYS B 710 -14.21 -3.17 -34.63
C CYS B 710 -14.39 -4.38 -33.74
N ARG B 711 -15.12 -5.36 -34.26
CA ARG B 711 -15.45 -6.54 -33.47
C ARG B 711 -15.09 -7.82 -34.20
N PRO B 712 -14.30 -8.70 -33.55
CA PRO B 712 -13.84 -9.94 -34.19
C PRO B 712 -14.97 -10.76 -34.82
N ALA B 713 -16.07 -10.93 -34.10
CA ALA B 713 -17.21 -11.70 -34.60
C ALA B 713 -17.76 -11.06 -35.87
N ASP B 714 -17.74 -9.73 -35.91
CA ASP B 714 -18.32 -9.02 -37.04
C ASP B 714 -17.54 -9.22 -38.33
N PHE B 715 -16.22 -9.38 -38.26
CA PHE B 715 -15.45 -9.56 -39.49
C PHE B 715 -15.25 -11.02 -39.91
N GLY B 716 -15.70 -11.96 -39.10
CA GLY B 716 -15.67 -13.36 -39.49
C GLY B 716 -14.98 -14.35 -38.56
N ALA B 717 -14.45 -13.90 -37.43
CA ALA B 717 -13.88 -14.86 -36.48
C ALA B 717 -14.99 -15.68 -35.81
N ASP B 718 -14.75 -16.98 -35.60
CA ASP B 718 -15.73 -17.83 -34.94
C ASP B 718 -15.50 -17.90 -33.43
N VAL B 719 -14.26 -17.64 -33.04
CA VAL B 719 -13.87 -17.69 -31.63
C VAL B 719 -12.66 -16.79 -31.45
N CYS B 720 -12.51 -16.21 -30.26
CA CYS B 720 -11.29 -15.48 -29.93
C CYS B 720 -10.99 -15.66 -28.45
N HIS B 721 -9.78 -15.34 -28.03
CA HIS B 721 -9.55 -15.10 -26.61
C HIS B 721 -9.18 -13.65 -26.40
N LEU B 722 -9.44 -13.16 -25.19
CA LEU B 722 -8.98 -11.84 -24.79
C LEU B 722 -7.96 -12.02 -23.70
N ASN B 723 -6.96 -11.14 -23.68
CA ASN B 723 -6.04 -11.11 -22.55
C ASN B 723 -6.50 -10.02 -21.61
N LEU B 724 -7.13 -10.40 -20.50
CA LEU B 724 -7.64 -9.40 -19.56
C LEU B 724 -6.50 -8.63 -18.90
N HIS B 725 -5.32 -9.26 -18.84
CA HIS B 725 -4.12 -8.63 -18.25
C HIS B 725 -3.38 -7.74 -19.25
N LYS B 726 -3.91 -7.61 -20.46
CA LYS B 726 -3.35 -6.66 -21.41
C LYS B 726 -4.38 -5.56 -21.67
N THR B 727 -5.40 -5.91 -22.44
CA THR B 727 -6.41 -4.94 -22.84
C THR B 727 -7.29 -4.44 -21.70
N PHE B 728 -7.48 -5.26 -20.67
CA PHE B 728 -8.47 -4.93 -19.65
C PHE B 728 -7.94 -4.77 -18.21
N CYS B 729 -6.66 -4.41 -18.09
CA CYS B 729 -6.09 -3.81 -16.87
C CYS B 729 -5.67 -4.74 -15.74
N ILE B 730 -5.91 -6.04 -15.88
CA ILE B 730 -5.34 -6.94 -14.88
C ILE B 730 -3.82 -6.72 -14.95
N PRO B 731 -3.17 -6.55 -13.80
CA PRO B 731 -1.74 -6.23 -13.76
C PRO B 731 -0.88 -7.35 -14.33
N HIS B 732 0.30 -6.99 -14.82
CA HIS B 732 1.15 -7.99 -15.47
C HIS B 732 1.88 -8.85 -14.44
N GLY B 733 1.89 -8.39 -13.19
CA GLY B 733 2.23 -9.23 -12.05
C GLY B 733 3.71 -9.59 -11.96
N GLY B 734 4.53 -8.90 -12.73
CA GLY B 734 5.93 -9.27 -12.81
C GLY B 734 6.15 -10.47 -13.72
N GLY B 735 5.13 -10.89 -14.47
N GLY B 735 5.11 -10.88 -14.45
CA GLY B 735 5.30 -11.99 -15.42
CA GLY B 735 5.21 -12.04 -15.32
C GLY B 735 4.15 -12.98 -15.53
C GLY B 735 3.98 -12.95 -15.26
N GLY B 736 2.99 -12.62 -15.00
N GLY B 736 3.06 -12.64 -14.35
CA GLY B 736 1.88 -13.55 -14.84
CA GLY B 736 1.85 -13.40 -14.15
C GLY B 736 1.06 -13.89 -16.07
C GLY B 736 1.20 -13.02 -12.83
N PRO B 737 0.23 -14.96 -15.95
N PRO B 737 -0.12 -13.21 -12.70
CA PRO B 737 -0.61 -15.42 -17.06
CA PRO B 737 -1.05 -13.94 -13.56
C PRO B 737 -1.86 -14.56 -17.24
C PRO B 737 -1.69 -13.10 -14.64
N GLY B 738 -2.27 -13.87 -16.18
N GLY B 738 -2.49 -13.78 -15.46
CA GLY B 738 -3.51 -13.10 -16.19
CA GLY B 738 -3.42 -13.16 -16.37
C GLY B 738 -4.71 -14.01 -16.36
C GLY B 738 -4.66 -14.03 -16.43
N MET B 739 -5.60 -13.64 -17.27
CA MET B 739 -6.79 -14.44 -17.56
C MET B 739 -7.05 -14.37 -19.06
N GLY B 740 -7.49 -15.48 -19.65
CA GLY B 740 -7.66 -15.55 -21.09
C GLY B 740 -9.03 -16.07 -21.51
N PRO B 741 -10.09 -15.31 -21.19
CA PRO B 741 -11.44 -15.80 -21.53
C PRO B 741 -11.62 -15.91 -23.04
N ILE B 742 -12.49 -16.82 -23.47
CA ILE B 742 -12.76 -16.96 -24.90
C ILE B 742 -14.20 -16.55 -25.20
N GLY B 743 -14.41 -16.03 -26.39
CA GLY B 743 -15.75 -15.71 -26.87
C GLY B 743 -16.00 -16.58 -28.08
N VAL B 744 -17.22 -17.09 -28.23
CA VAL B 744 -17.55 -17.94 -29.37
C VAL B 744 -18.90 -17.59 -29.97
N LYS B 745 -19.08 -17.95 -31.24
CA LYS B 745 -20.41 -17.81 -31.86
C LYS B 745 -21.28 -18.95 -31.37
N SER B 746 -22.60 -18.86 -31.59
N SER B 746 -22.59 -18.83 -31.60
CA SER B 746 -23.54 -19.81 -31.01
CA SER B 746 -23.57 -19.77 -31.06
C SER B 746 -23.32 -21.27 -31.44
C SER B 746 -23.29 -21.24 -31.43
N HIS B 747 -22.85 -21.48 -32.66
CA HIS B 747 -22.55 -22.84 -33.12
C HIS B 747 -21.38 -23.54 -32.39
N LEU B 748 -20.62 -22.79 -31.61
CA LEU B 748 -19.53 -23.37 -30.83
C LEU B 748 -19.84 -23.41 -29.33
N GLN B 749 -20.98 -22.86 -28.95
CA GLN B 749 -21.29 -22.63 -27.53
C GLN B 749 -21.41 -23.93 -26.73
N ALA B 750 -21.97 -24.97 -27.36
CA ALA B 750 -22.12 -26.27 -26.72
C ALA B 750 -20.80 -26.88 -26.20
N PHE B 751 -19.69 -26.43 -26.76
CA PHE B 751 -18.41 -27.06 -26.48
C PHE B 751 -17.59 -26.38 -25.39
N LEU B 752 -18.10 -25.27 -24.86
CA LEU B 752 -17.38 -24.51 -23.82
C LEU B 752 -17.06 -25.35 -22.58
N PRO B 753 -15.94 -25.03 -21.90
CA PRO B 753 -15.59 -25.77 -20.67
C PRO B 753 -16.68 -25.63 -19.60
N ARG B 754 -16.80 -26.66 -18.76
CA ARG B 754 -17.88 -26.72 -17.77
C ARG B 754 -17.70 -25.70 -16.66
N THR B 755 -18.80 -25.21 -16.12
CA THR B 755 -18.77 -24.17 -15.07
C THR B 755 -19.08 -24.73 -13.70
N SER B 756 -19.12 -26.06 -13.59
CA SER B 756 -19.33 -26.73 -12.31
C SER B 756 -18.83 -28.17 -12.37
N LEU B 757 -18.54 -28.73 -11.21
CA LEU B 757 -18.19 -30.15 -11.11
C LEU B 757 -19.45 -31.00 -11.02
N GLU B 766 -24.12 -36.62 -20.08
CA GLU B 766 -23.88 -36.25 -21.47
C GLU B 766 -23.99 -34.74 -21.73
N ASP B 767 -22.95 -34.20 -22.33
CA ASP B 767 -22.97 -32.88 -22.94
C ASP B 767 -21.74 -32.84 -23.84
N GLN B 768 -21.58 -31.80 -24.63
CA GLN B 768 -20.52 -31.80 -25.62
C GLN B 768 -19.33 -30.95 -25.19
N SER B 769 -19.26 -30.62 -23.89
CA SER B 769 -18.17 -29.80 -23.38
C SER B 769 -16.82 -30.46 -23.60
N ILE B 770 -15.80 -29.64 -23.85
CA ILE B 770 -14.45 -30.16 -23.96
C ILE B 770 -13.93 -30.61 -22.60
N GLY B 771 -14.63 -30.22 -21.53
CA GLY B 771 -14.28 -30.64 -20.18
C GLY B 771 -13.85 -29.45 -19.33
N MET B 772 -12.61 -29.50 -18.85
N MET B 772 -12.63 -29.51 -18.81
CA MET B 772 -12.08 -28.45 -18.01
CA MET B 772 -12.11 -28.40 -18.02
C MET B 772 -10.70 -28.00 -18.51
C MET B 772 -10.72 -27.98 -18.50
N ILE B 773 -10.57 -26.69 -18.75
CA ILE B 773 -9.31 -26.11 -19.19
C ILE B 773 -8.46 -25.68 -17.98
N SER B 774 -9.13 -25.12 -16.97
CA SER B 774 -8.49 -24.71 -15.73
C SER B 774 -9.01 -25.58 -14.60
N ALA B 775 -8.27 -25.65 -13.49
CA ALA B 775 -8.69 -26.44 -12.34
C ALA B 775 -9.98 -25.91 -11.72
N ALA B 776 -10.15 -24.59 -11.69
CA ALA B 776 -11.34 -23.96 -11.10
C ALA B 776 -12.32 -23.54 -12.19
N PRO B 777 -13.64 -23.70 -11.95
CA PRO B 777 -14.68 -23.41 -12.94
C PRO B 777 -14.53 -22.03 -13.58
N TYR B 778 -14.12 -21.05 -12.78
CA TYR B 778 -13.96 -19.69 -13.28
C TYR B 778 -12.50 -19.22 -13.17
N GLY B 779 -11.59 -20.18 -13.24
CA GLY B 779 -10.16 -19.88 -13.25
C GLY B 779 -9.79 -19.00 -12.07
N SER B 780 -8.99 -17.97 -12.33
CA SER B 780 -8.59 -17.07 -11.24
C SER B 780 -9.66 -16.02 -10.98
N ALA B 781 -10.77 -16.44 -10.38
CA ALA B 781 -11.98 -15.62 -10.35
C ALA B 781 -11.80 -14.28 -9.66
N SER B 782 -11.00 -14.24 -8.59
CA SER B 782 -10.89 -13.00 -7.79
C SER B 782 -10.32 -11.83 -8.57
N ILE B 783 -9.51 -12.10 -9.58
CA ILE B 783 -8.94 -10.99 -10.36
C ILE B 783 -9.85 -10.51 -11.50
N LEU B 784 -10.94 -11.22 -11.74
CA LEU B 784 -11.92 -10.76 -12.72
C LEU B 784 -12.59 -9.44 -12.32
N VAL B 785 -12.58 -9.11 -11.02
CA VAL B 785 -13.16 -7.84 -10.57
C VAL B 785 -12.42 -6.64 -11.16
N ILE B 786 -11.14 -6.82 -11.48
CA ILE B 786 -10.34 -5.73 -12.03
C ILE B 786 -10.90 -5.27 -13.38
N SER B 787 -11.22 -6.22 -14.25
CA SER B 787 -11.75 -5.88 -15.57
C SER B 787 -13.20 -5.38 -15.47
N TRP B 788 -13.93 -5.88 -14.49
CA TRP B 788 -15.30 -5.39 -14.26
C TRP B 788 -15.22 -3.92 -13.88
N MET B 789 -14.30 -3.58 -12.98
CA MET B 789 -14.16 -2.19 -12.55
C MET B 789 -13.77 -1.27 -13.71
N TYR B 790 -12.83 -1.72 -14.54
CA TYR B 790 -12.37 -0.93 -15.69
C TYR B 790 -13.52 -0.63 -16.63
N ILE B 791 -14.30 -1.64 -16.95
CA ILE B 791 -15.44 -1.43 -17.84
C ILE B 791 -16.52 -0.57 -17.19
N ALA B 792 -16.78 -0.78 -15.91
CA ALA B 792 -17.78 0.04 -15.22
C ALA B 792 -17.38 1.53 -15.14
N MET B 793 -16.09 1.79 -14.95
CA MET B 793 -15.63 3.19 -14.82
C MET B 793 -15.42 3.89 -16.17
N MET B 794 -15.13 3.11 -17.20
CA MET B 794 -14.87 3.69 -18.52
C MET B 794 -16.15 3.95 -19.32
N GLY B 795 -17.09 3.00 -19.25
CA GLY B 795 -18.29 3.09 -20.06
C GLY B 795 -17.95 2.83 -21.52
N PRO B 796 -18.98 2.83 -22.39
CA PRO B 796 -18.73 2.61 -23.81
C PRO B 796 -17.92 3.75 -24.44
N GLN B 797 -18.22 4.99 -24.06
CA GLN B 797 -17.48 6.14 -24.57
C GLN B 797 -16.01 6.10 -24.18
N GLY B 798 -15.73 5.80 -22.91
CA GLY B 798 -14.36 5.75 -22.42
C GLY B 798 -13.55 4.61 -23.02
N LEU B 799 -14.15 3.43 -23.10
CA LEU B 799 -13.42 2.27 -23.64
C LEU B 799 -12.96 2.57 -25.06
N THR B 800 -13.84 3.19 -25.83
CA THR B 800 -13.55 3.49 -27.24
C THR B 800 -12.48 4.57 -27.37
N LYS B 801 -12.60 5.62 -26.56
CA LYS B 801 -11.60 6.69 -26.54
C LYS B 801 -10.23 6.13 -26.17
N ALA B 802 -10.18 5.18 -25.24
CA ALA B 802 -8.91 4.58 -24.85
C ALA B 802 -8.23 3.98 -26.07
N THR B 803 -9.01 3.23 -26.85
CA THR B 803 -8.48 2.60 -28.06
C THR B 803 -7.96 3.66 -29.02
N GLU B 804 -8.74 4.71 -29.22
CA GLU B 804 -8.36 5.78 -30.14
C GLU B 804 -7.08 6.49 -29.73
N VAL B 805 -6.94 6.75 -28.44
CA VAL B 805 -5.73 7.40 -27.95
C VAL B 805 -4.51 6.46 -28.02
N ALA B 806 -4.72 5.17 -27.85
CA ALA B 806 -3.62 4.22 -27.99
C ALA B 806 -3.05 4.28 -29.40
N ILE B 807 -3.94 4.41 -30.36
CA ILE B 807 -3.56 4.49 -31.77
C ILE B 807 -2.89 5.84 -32.07
N LEU B 808 -3.44 6.91 -31.49
CA LEU B 808 -2.83 8.24 -31.59
C LEU B 808 -1.39 8.23 -31.08
N SER B 809 -1.17 7.66 -29.89
CA SER B 809 0.17 7.67 -29.29
C SER B 809 1.19 6.84 -30.06
N ALA B 810 0.78 5.68 -30.57
CA ALA B 810 1.68 4.91 -31.43
C ALA B 810 2.04 5.68 -32.69
N ASN B 811 1.05 6.28 -33.32
CA ASN B 811 1.34 7.07 -34.53
C ASN B 811 2.23 8.27 -34.23
N TYR B 812 1.98 8.93 -33.11
CA TYR B 812 2.85 10.02 -32.67
C TYR B 812 4.32 9.58 -32.52
N MET B 813 4.54 8.45 -31.87
CA MET B 813 5.90 7.93 -31.70
C MET B 813 6.54 7.58 -33.04
N ALA B 814 5.76 7.00 -33.95
CA ALA B 814 6.34 6.63 -35.24
C ALA B 814 6.77 7.89 -36.01
N LYS B 815 5.93 8.92 -35.97
CA LYS B 815 6.24 10.17 -36.66
C LYS B 815 7.49 10.83 -36.05
N ARG B 816 7.63 10.76 -34.74
CA ARG B 816 8.80 11.33 -34.08
C ARG B 816 10.09 10.59 -34.42
N LEU B 817 10.00 9.28 -34.58
CA LEU B 817 11.20 8.45 -34.73
C LEU B 817 11.55 8.07 -36.17
N GLU B 818 10.65 8.33 -37.11
CA GLU B 818 10.79 7.82 -38.48
C GLU B 818 12.03 8.32 -39.20
N ASN B 819 12.54 9.49 -38.85
CA ASN B 819 13.74 9.98 -39.51
C ASN B 819 15.01 9.30 -38.99
N TYR B 820 14.88 8.60 -37.87
CA TYR B 820 16.02 7.97 -37.21
C TYR B 820 15.99 6.46 -37.35
N TYR B 821 14.80 5.90 -37.24
CA TYR B 821 14.61 4.47 -37.41
C TYR B 821 13.49 4.27 -38.42
N PRO B 822 13.77 3.52 -39.51
CA PRO B 822 12.70 3.22 -40.45
C PRO B 822 11.53 2.55 -39.74
N ILE B 823 10.32 3.04 -39.98
CA ILE B 823 9.10 2.46 -39.43
C ILE B 823 8.64 1.36 -40.37
N LEU B 824 8.51 0.14 -39.88
CA LEU B 824 8.10 -0.95 -40.75
C LEU B 824 6.58 -1.11 -40.73
N PHE B 825 6.01 -1.58 -41.84
CA PHE B 825 4.62 -2.00 -41.86
C PHE B 825 3.60 -0.91 -41.47
N ARG B 826 3.57 0.17 -42.24
CA ARG B 826 2.51 1.15 -42.09
C ARG B 826 1.29 0.62 -42.85
N GLY B 827 0.10 0.89 -42.33
CA GLY B 827 -1.12 0.43 -42.96
C GLY B 827 -1.58 1.38 -44.04
N ASN B 828 -2.86 1.29 -44.41
CA ASN B 828 -3.41 2.25 -45.36
C ASN B 828 -3.28 3.66 -44.81
N ASN B 829 -3.09 4.62 -45.72
CA ASN B 829 -2.91 6.02 -45.36
C ASN B 829 -1.64 6.26 -44.54
N GLU B 830 -0.72 5.29 -44.60
CA GLU B 830 0.57 5.38 -43.91
C GLU B 830 0.45 5.59 -42.41
N LEU B 831 -0.61 5.05 -41.83
CA LEU B 831 -0.76 5.09 -40.38
C LEU B 831 -0.48 3.71 -39.81
N VAL B 832 -0.02 3.68 -38.57
CA VAL B 832 0.10 2.41 -37.86
C VAL B 832 -1.16 2.24 -37.00
N ALA B 833 -1.24 1.13 -36.28
CA ALA B 833 -2.34 0.93 -35.34
C ALA B 833 -1.89 1.34 -33.95
N HIS B 834 -1.78 0.39 -33.02
CA HIS B 834 -1.45 0.70 -31.62
C HIS B 834 0.01 0.45 -31.30
N GLU B 835 0.78 0.06 -32.30
CA GLU B 835 2.20 -0.16 -32.02
C GLU B 835 3.01 0.19 -33.24
N CYS B 836 4.30 0.46 -33.07
CA CYS B 836 5.12 0.68 -34.24
C CYS B 836 6.43 -0.08 -34.11
N ILE B 837 6.86 -0.62 -35.25
CA ILE B 837 8.06 -1.41 -35.31
C ILE B 837 9.20 -0.57 -35.86
N LEU B 838 10.22 -0.37 -35.03
CA LEU B 838 11.40 0.41 -35.39
C LEU B 838 12.48 -0.52 -35.93
N ASP B 839 12.99 -0.24 -37.12
CA ASP B 839 14.02 -1.06 -37.72
C ASP B 839 15.40 -0.65 -37.18
N LEU B 840 16.02 -1.53 -36.37
CA LEU B 840 17.34 -1.25 -35.81
C LEU B 840 18.47 -1.88 -36.62
N ARG B 841 18.12 -2.62 -37.66
CA ARG B 841 19.13 -3.29 -38.48
C ARG B 841 20.14 -2.36 -39.18
N PRO B 842 19.72 -1.15 -39.62
CA PRO B 842 20.77 -0.26 -40.14
C PRO B 842 21.89 0.04 -39.13
N LEU B 843 21.59 0.09 -37.83
CA LEU B 843 22.61 0.32 -36.81
C LEU B 843 23.65 -0.81 -36.78
N LYS B 844 23.19 -2.02 -37.06
CA LYS B 844 24.09 -3.17 -37.16
C LYS B 844 25.01 -3.02 -38.37
N LYS B 845 24.45 -2.58 -39.49
CA LYS B 845 25.25 -2.44 -40.70
C LYS B 845 26.28 -1.32 -40.57
N GLN B 846 25.85 -0.22 -39.96
CA GLN B 846 26.65 0.99 -39.92
C GLN B 846 27.65 1.05 -38.75
N ALA B 847 27.24 0.48 -37.61
CA ALA B 847 27.99 0.65 -36.35
C ALA B 847 28.26 -0.66 -35.61
N ALA B 848 27.83 -1.78 -36.20
CA ALA B 848 27.93 -3.12 -35.58
C ALA B 848 27.24 -3.14 -34.21
N ILE B 849 26.23 -2.29 -34.08
CA ILE B 849 25.40 -2.23 -32.88
C ILE B 849 24.22 -3.20 -33.02
N GLU B 850 23.97 -3.99 -31.96
CA GLU B 850 22.89 -4.97 -31.96
C GLU B 850 21.71 -4.42 -31.19
N VAL B 851 20.52 -4.98 -31.45
CA VAL B 851 19.32 -4.53 -30.76
C VAL B 851 19.48 -4.65 -29.24
N GLU B 852 20.25 -5.64 -28.79
CA GLU B 852 20.46 -5.81 -27.35
C GLU B 852 21.29 -4.66 -26.78
N ASP B 853 22.22 -4.13 -27.56
CA ASP B 853 22.98 -2.94 -27.16
C ASP B 853 22.03 -1.79 -26.84
N VAL B 854 21.10 -1.52 -27.76
CA VAL B 854 20.14 -0.44 -27.55
C VAL B 854 19.25 -0.72 -26.34
N ALA B 855 18.80 -1.96 -26.19
CA ALA B 855 17.94 -2.33 -25.07
C ALA B 855 18.60 -2.07 -23.71
N LYS B 856 19.89 -2.39 -23.59
CA LYS B 856 20.59 -2.16 -22.32
C LYS B 856 20.90 -0.69 -22.14
N ARG B 857 21.23 0.01 -23.21
CA ARG B 857 21.54 1.45 -23.11
C ARG B 857 20.33 2.25 -22.64
N LEU B 858 19.13 1.84 -23.06
CA LEU B 858 17.90 2.44 -22.57
C LEU B 858 17.80 2.44 -21.04
N MET B 859 18.40 1.44 -20.40
CA MET B 859 18.41 1.36 -18.93
C MET B 859 19.13 2.55 -18.31
N ASP B 860 20.22 2.97 -18.95
CA ASP B 860 20.97 4.13 -18.46
C ASP B 860 20.16 5.42 -18.60
N PHE B 861 19.15 5.41 -19.46
CA PHE B 861 18.23 6.53 -19.62
C PHE B 861 17.03 6.39 -18.71
N GLY B 862 16.96 5.28 -17.98
CA GLY B 862 15.85 5.07 -17.07
C GLY B 862 14.64 4.37 -17.66
N PHE B 863 14.84 3.67 -18.79
CA PHE B 863 13.73 2.99 -19.46
C PHE B 863 13.93 1.48 -19.58
N HIS B 864 12.81 0.76 -19.46
CA HIS B 864 12.72 -0.65 -19.85
C HIS B 864 12.55 -0.68 -21.36
N ALA B 865 13.27 -1.58 -22.03
CA ALA B 865 13.20 -1.68 -23.50
C ALA B 865 11.81 -2.09 -23.97
N PRO B 866 11.48 -1.76 -25.23
CA PRO B 866 10.25 -2.31 -25.81
C PRO B 866 10.47 -3.77 -26.19
N THR B 867 9.55 -4.34 -26.96
CA THR B 867 9.69 -5.73 -27.35
C THR B 867 10.85 -5.87 -28.35
N VAL B 868 11.75 -6.80 -28.08
CA VAL B 868 12.99 -6.92 -28.86
C VAL B 868 12.95 -8.11 -29.83
N SER B 869 13.24 -7.85 -31.10
CA SER B 869 13.42 -8.89 -32.11
C SER B 869 12.23 -9.80 -32.41
N TRP B 870 11.04 -9.38 -32.00
CA TRP B 870 9.83 -10.07 -32.44
C TRP B 870 8.76 -9.03 -32.77
N PRO B 871 7.99 -9.25 -33.85
CA PRO B 871 8.03 -10.36 -34.80
C PRO B 871 9.17 -10.29 -35.81
N VAL B 872 9.94 -9.21 -35.85
CA VAL B 872 11.01 -9.10 -36.82
C VAL B 872 12.35 -9.03 -36.12
N LEU B 873 13.20 -10.01 -36.43
CA LEU B 873 14.52 -10.11 -35.83
C LEU B 873 15.30 -8.82 -36.11
N GLY B 874 15.96 -8.30 -35.08
CA GLY B 874 16.79 -7.11 -35.22
C GLY B 874 16.03 -5.80 -35.15
N THR B 875 14.79 -5.85 -34.67
CA THR B 875 13.96 -4.65 -34.59
C THR B 875 13.39 -4.54 -33.19
N MET B 876 12.69 -3.44 -32.92
CA MET B 876 12.01 -3.25 -31.65
C MET B 876 10.56 -2.88 -31.94
N MET B 877 9.64 -3.45 -31.17
CA MET B 877 8.23 -3.12 -31.36
C MET B 877 7.69 -2.40 -30.13
N VAL B 878 7.24 -1.17 -30.35
CA VAL B 878 6.92 -0.24 -29.27
C VAL B 878 5.42 -0.05 -29.19
N GLU B 879 4.84 -0.28 -28.01
CA GLU B 879 3.43 -0.05 -27.78
C GLU B 879 3.29 0.83 -26.55
N PRO B 880 3.03 2.14 -26.76
CA PRO B 880 2.94 3.06 -25.60
C PRO B 880 1.67 2.87 -24.76
N THR B 881 0.57 2.42 -25.38
CA THR B 881 -0.78 2.44 -24.78
C THR B 881 -1.30 3.86 -24.57
N GLU B 882 -2.58 3.95 -24.24
CA GLU B 882 -3.23 5.24 -24.03
C GLU B 882 -2.91 5.85 -22.68
N SER B 883 -2.22 5.10 -21.82
CA SER B 883 -2.07 5.51 -20.42
C SER B 883 -0.84 6.39 -20.11
N GLU B 884 0.05 6.52 -21.07
CA GLU B 884 1.30 7.24 -20.88
C GLU B 884 1.20 8.67 -21.42
N SER B 885 1.76 9.62 -20.67
CA SER B 885 1.58 11.04 -20.96
C SER B 885 2.46 11.44 -22.13
N LEU B 886 2.13 12.58 -22.75
CA LEU B 886 2.95 13.13 -23.83
C LEU B 886 4.39 13.35 -23.36
N GLY B 887 4.56 13.81 -22.12
CA GLY B 887 5.88 14.04 -21.58
C GLY B 887 6.73 12.77 -21.55
N GLU B 888 6.12 11.68 -21.09
CA GLU B 888 6.80 10.39 -21.06
C GLU B 888 7.11 9.86 -22.46
N LEU B 889 6.18 10.02 -23.39
CA LEU B 889 6.40 9.59 -24.78
C LEU B 889 7.57 10.33 -25.40
N ASP B 890 7.65 11.64 -25.13
CA ASP B 890 8.71 12.47 -25.70
C ASP B 890 10.07 12.11 -25.13
N ARG B 891 10.10 11.80 -23.84
N ARG B 891 10.10 11.78 -23.84
CA ARG B 891 11.34 11.36 -23.20
CA ARG B 891 11.35 11.37 -23.21
C ARG B 891 11.85 10.07 -23.81
C ARG B 891 11.86 10.07 -23.83
N PHE B 892 10.95 9.12 -24.06
CA PHE B 892 11.34 7.85 -24.67
C PHE B 892 11.86 8.09 -26.08
N CYS B 893 11.16 8.90 -26.86
CA CYS B 893 11.62 9.26 -28.19
C CYS B 893 12.98 9.96 -28.12
N ASP B 894 13.13 10.90 -27.19
CA ASP B 894 14.42 11.59 -27.04
C ASP B 894 15.57 10.63 -26.71
N ALA B 895 15.29 9.66 -25.84
CA ALA B 895 16.28 8.63 -25.52
C ALA B 895 16.67 7.84 -26.77
N MET B 896 15.68 7.39 -27.55
CA MET B 896 15.97 6.65 -28.79
C MET B 896 16.81 7.50 -29.76
N ILE B 897 16.50 8.79 -29.83
CA ILE B 897 17.23 9.73 -30.67
C ILE B 897 18.68 9.94 -30.17
N ALA B 898 18.84 10.08 -28.86
CA ALA B 898 20.17 10.21 -28.30
C ALA B 898 20.98 8.96 -28.60
N ILE B 899 20.35 7.79 -28.49
CA ILE B 899 21.02 6.53 -28.77
C ILE B 899 21.41 6.46 -30.25
N TYR B 900 20.53 6.95 -31.13
CA TYR B 900 20.86 7.05 -32.56
C TYR B 900 22.15 7.85 -32.75
N GLN B 901 22.33 8.90 -31.97
CA GLN B 901 23.51 9.74 -32.11
C GLN B 901 24.78 9.04 -31.60
N GLU B 902 24.63 8.25 -30.55
CA GLU B 902 25.75 7.45 -30.05
C GLU B 902 26.19 6.44 -31.10
N ALA B 903 25.23 5.85 -31.80
CA ALA B 903 25.57 4.93 -32.88
C ALA B 903 26.30 5.65 -34.02
N GLN B 904 25.84 6.87 -34.32
CA GLN B 904 26.47 7.68 -35.36
C GLN B 904 27.93 7.96 -35.05
N ALA B 905 28.22 8.23 -33.78
CA ALA B 905 29.58 8.50 -33.34
C ALA B 905 30.46 7.29 -33.62
N ILE B 906 29.90 6.11 -33.46
CA ILE B 906 30.63 4.88 -33.75
C ILE B 906 30.84 4.78 -35.26
N THR B 907 29.74 4.96 -36.00
CA THR B 907 29.77 4.92 -37.46
C THR B 907 30.81 5.86 -38.07
N HIS B 908 30.98 7.02 -37.44
CA HIS B 908 31.87 8.03 -37.99
C HIS B 908 33.26 8.02 -37.37
N GLY B 909 33.54 7.02 -36.52
CA GLY B 909 34.88 6.85 -35.98
C GLY B 909 35.25 7.86 -34.92
N GLU B 910 34.24 8.43 -34.26
CA GLU B 910 34.44 9.42 -33.21
C GLU B 910 34.61 8.77 -31.84
N ILE B 911 34.34 7.47 -31.74
CA ILE B 911 34.53 6.74 -30.50
C ILE B 911 34.83 5.27 -30.81
N ASP B 912 35.66 4.63 -29.98
CA ASP B 912 35.99 3.21 -30.12
C ASP B 912 34.72 2.38 -30.35
N PRO B 913 34.72 1.52 -31.39
CA PRO B 913 33.52 0.77 -31.76
C PRO B 913 33.18 -0.31 -30.75
N ALA B 914 34.15 -0.72 -29.94
CA ALA B 914 33.95 -1.76 -28.92
C ALA B 914 33.78 -1.21 -27.49
N ASP B 915 34.47 -0.10 -27.21
CA ASP B 915 34.47 0.48 -25.87
C ASP B 915 33.69 1.80 -25.90
N ASN B 916 32.37 1.69 -25.74
CA ASN B 916 31.48 2.85 -25.81
C ASN B 916 30.24 2.58 -24.95
N PRO B 917 29.41 3.61 -24.70
CA PRO B 917 28.32 3.36 -23.75
C PRO B 917 27.33 2.29 -24.22
N LEU B 918 27.07 2.22 -25.52
CA LEU B 918 26.17 1.21 -26.07
C LEU B 918 26.65 -0.21 -25.78
N LYS B 919 27.94 -0.47 -25.97
CA LYS B 919 28.47 -1.80 -25.75
C LYS B 919 28.62 -2.13 -24.25
N ASN B 920 28.77 -1.11 -23.42
CA ASN B 920 29.05 -1.31 -21.99
C ASN B 920 27.83 -1.16 -21.05
N ALA B 921 26.72 -0.73 -21.62
CA ALA B 921 25.45 -0.61 -20.87
C ALA B 921 24.97 -1.99 -20.39
N PRO B 922 24.22 -2.03 -19.27
CA PRO B 922 23.89 -0.88 -18.41
C PRO B 922 25.05 -0.56 -17.46
N HIS B 923 25.16 0.70 -17.05
CA HIS B 923 26.23 1.11 -16.13
C HIS B 923 25.77 1.19 -14.67
N THR B 924 26.35 0.34 -13.82
CA THR B 924 26.05 0.37 -12.39
C THR B 924 26.79 1.51 -11.71
N ALA B 925 26.25 2.02 -10.60
CA ALA B 925 26.94 3.04 -9.82
C ALA B 925 28.33 2.58 -9.42
N GLN B 926 28.43 1.34 -8.95
CA GLN B 926 29.73 0.85 -8.48
C GLN B 926 30.76 0.84 -9.59
N SER B 927 30.35 0.50 -10.82
CA SER B 927 31.29 0.46 -11.94
C SER B 927 31.80 1.87 -12.26
N LEU B 928 30.98 2.88 -11.97
CA LEU B 928 31.32 4.27 -12.28
C LEU B 928 32.13 4.91 -11.17
N ILE B 929 32.07 4.30 -9.99
CA ILE B 929 32.70 4.86 -8.81
C ILE B 929 33.95 4.10 -8.36
N CYS B 930 33.94 2.77 -8.49
CA CYS B 930 35.03 1.94 -7.97
C CYS B 930 36.02 1.51 -9.07
N GLY B 931 37.29 1.40 -8.68
CA GLY B 931 38.31 0.93 -9.60
C GLY B 931 38.76 1.97 -10.60
N GLU B 932 39.63 1.57 -11.51
CA GLU B 932 40.16 2.49 -12.50
C GLU B 932 39.18 2.69 -13.65
N TRP B 933 39.12 3.89 -14.18
CA TRP B 933 38.24 4.21 -15.32
C TRP B 933 39.05 4.39 -16.60
N ASN B 934 38.97 3.42 -17.50
CA ASN B 934 39.78 3.44 -18.71
C ASN B 934 39.00 3.57 -20.03
N HIS B 935 37.71 3.88 -19.92
CA HIS B 935 36.87 4.09 -21.09
C HIS B 935 37.13 5.45 -21.73
N PRO B 936 36.87 5.58 -23.04
CA PRO B 936 37.10 6.85 -23.75
C PRO B 936 35.95 7.82 -23.58
N TYR B 937 34.93 7.41 -22.84
CA TYR B 937 33.83 8.31 -22.51
C TYR B 937 33.82 8.56 -21.01
N SER B 938 33.12 9.60 -20.56
CA SER B 938 33.12 9.95 -19.14
C SER B 938 32.05 9.20 -18.38
N GLN B 939 32.24 9.09 -17.07
CA GLN B 939 31.23 8.50 -16.19
C GLN B 939 29.91 9.27 -16.28
N GLU B 940 30.00 10.59 -16.47
CA GLU B 940 28.79 11.41 -16.59
C GLU B 940 27.99 11.05 -17.85
N GLU B 941 28.70 10.86 -18.97
CA GLU B 941 28.07 10.45 -20.22
C GLU B 941 27.39 9.08 -20.08
N ALA B 942 27.98 8.22 -19.23
CA ALA B 942 27.42 6.90 -18.99
C ALA B 942 26.13 6.98 -18.15
N ALA B 943 26.20 7.66 -17.01
CA ALA B 943 25.11 7.62 -16.02
C ALA B 943 24.04 8.66 -16.28
N TYR B 944 24.44 9.80 -16.83
CA TYR B 944 23.49 10.90 -17.00
C TYR B 944 23.37 11.41 -18.43
N PRO B 945 22.94 10.53 -19.36
CA PRO B 945 22.93 10.92 -20.79
C PRO B 945 21.74 11.80 -21.16
N ALA B 946 20.80 12.00 -20.25
CA ALA B 946 19.65 12.85 -20.49
C ALA B 946 19.37 13.71 -19.25
N PRO B 947 18.81 14.92 -19.45
CA PRO B 947 18.63 15.85 -18.33
C PRO B 947 17.72 15.30 -17.23
N TRP B 948 16.68 14.55 -17.60
CA TRP B 948 15.79 14.00 -16.58
C TRP B 948 16.49 13.04 -15.61
N THR B 949 17.55 12.39 -16.06
CA THR B 949 18.27 11.45 -15.20
C THR B 949 18.99 12.21 -14.07
N LYS B 950 19.17 13.50 -14.25
CA LYS B 950 19.74 14.31 -13.16
C LYS B 950 18.70 14.80 -12.15
N GLN B 951 17.42 14.60 -12.45
CA GLN B 951 16.34 14.92 -11.51
C GLN B 951 15.93 13.67 -10.74
N PHE B 952 15.93 12.54 -11.45
CA PHE B 952 15.63 11.24 -10.85
C PHE B 952 16.42 10.14 -11.57
N LYS B 953 17.23 9.39 -10.83
CA LYS B 953 18.08 8.37 -11.46
C LYS B 953 17.69 6.97 -10.98
N PHE B 954 17.34 6.11 -11.92
CA PHE B 954 17.12 4.70 -11.62
C PHE B 954 18.44 3.96 -11.84
N TRP B 955 18.94 3.25 -10.83
CA TRP B 955 20.22 2.55 -10.98
C TRP B 955 20.05 1.09 -11.34
N PRO B 956 20.64 0.68 -12.48
CA PRO B 956 20.67 -0.75 -12.79
C PRO B 956 21.47 -1.50 -11.71
N ALA B 957 20.91 -2.58 -11.19
CA ALA B 957 21.51 -3.32 -10.08
C ALA B 957 22.75 -4.13 -10.45
N VAL B 958 22.79 -4.61 -11.69
CA VAL B 958 23.92 -5.40 -12.17
C VAL B 958 24.32 -4.90 -13.56
N GLY B 959 25.53 -5.26 -13.99
CA GLY B 959 26.00 -4.97 -15.34
C GLY B 959 25.38 -5.95 -16.32
N ARG B 960 25.79 -5.91 -17.58
CA ARG B 960 25.17 -6.76 -18.58
C ARG B 960 25.38 -8.24 -18.28
N ILE B 961 24.31 -9.02 -18.39
CA ILE B 961 24.36 -10.43 -18.03
C ILE B 961 24.80 -11.27 -19.24
N ASN B 962 25.65 -12.27 -18.99
CA ASN B 962 26.21 -13.11 -20.05
C ASN B 962 25.16 -13.94 -20.80
N ARG B 968 16.47 -16.37 -30.74
CA ARG B 968 15.02 -16.24 -30.59
C ARG B 968 14.36 -17.60 -30.34
N HIS B 969 13.63 -17.72 -29.22
CA HIS B 969 12.99 -18.98 -28.84
C HIS B 969 11.81 -19.29 -29.75
N LEU B 970 11.62 -20.58 -30.05
CA LEU B 970 10.58 -21.00 -31.01
C LEU B 970 9.15 -21.02 -30.44
N VAL B 971 9.01 -21.02 -29.12
CA VAL B 971 7.69 -20.93 -28.50
C VAL B 971 7.53 -19.54 -27.91
N CYS B 972 8.43 -19.19 -26.98
CA CYS B 972 8.38 -17.88 -26.35
C CYS B 972 9.15 -16.88 -27.21
N SER B 973 8.49 -16.44 -28.29
CA SER B 973 9.13 -15.72 -29.39
C SER B 973 9.75 -14.36 -29.01
N CME B 974 9.25 -13.73 -27.95
CA CME B 974 9.76 -12.44 -27.55
CB CME B 974 8.71 -11.70 -26.81
SG CME B 974 7.29 -11.21 -27.75
SD CME B 974 6.14 -9.98 -26.63
CE CME B 974 4.89 -10.92 -25.82
CZ CME B 974 3.98 -11.68 -26.73
OH CME B 974 2.74 -12.04 -26.23
C CME B 974 11.03 -12.55 -26.75
O CME B 974 11.54 -11.54 -26.25
N GLU B 975 11.58 -13.76 -26.63
CA GLU B 975 12.85 -13.97 -25.92
C GLU B 975 13.70 -15.07 -26.55
C TRS C . 7.84 -17.36 14.28
C1 TRS C . 6.83 -16.26 14.56
C2 TRS C . 8.99 -17.25 15.28
C3 TRS C . 8.38 -17.30 12.85
N TRS C . 7.17 -18.66 14.44
O1 TRS C . 6.26 -16.46 15.85
O2 TRS C . 9.64 -16.01 15.09
O3 TRS C . 8.92 -18.56 12.50
CL CL D . 0.19 -12.21 27.16
C TRS E . -9.83 16.14 -13.94
C1 TRS E . -10.22 14.66 -13.81
C2 TRS E . -9.59 16.52 -15.40
C3 TRS E . -8.59 16.46 -13.08
N TRS E . -10.97 16.93 -13.45
O1 TRS E . -11.40 14.39 -14.56
O2 TRS E . -8.26 16.28 -15.80
O3 TRS E . -8.41 17.85 -12.94
CL CL F . -19.94 6.18 -21.17
#